data_5HOC
# 
_entry.id   5HOC 
# 
_audit_conform.dict_name       mmcif_pdbx.dic 
_audit_conform.dict_version    5.383 
_audit_conform.dict_location   http://mmcif.pdb.org/dictionaries/ascii/mmcif_pdbx.dic 
# 
loop_
_database_2.database_id 
_database_2.database_code 
_database_2.pdbx_database_accession 
_database_2.pdbx_DOI 
PDB   5HOC         pdb_00005hoc 10.2210/pdb5hoc/pdb 
WWPDB D_1000217342 ?            ?                   
# 
loop_
_pdbx_audit_revision_history.ordinal 
_pdbx_audit_revision_history.data_content_type 
_pdbx_audit_revision_history.major_revision 
_pdbx_audit_revision_history.minor_revision 
_pdbx_audit_revision_history.revision_date 
1 'Structure model' 1 0 2016-10-19 
2 'Structure model' 1 1 2016-11-30 
3 'Structure model' 1 2 2024-01-10 
# 
_pdbx_audit_revision_details.ordinal             1 
_pdbx_audit_revision_details.revision_ordinal    1 
_pdbx_audit_revision_details.data_content_type   'Structure model' 
_pdbx_audit_revision_details.provider            repository 
_pdbx_audit_revision_details.type                'Initial release' 
_pdbx_audit_revision_details.description         ? 
_pdbx_audit_revision_details.details             ? 
# 
loop_
_pdbx_audit_revision_group.ordinal 
_pdbx_audit_revision_group.revision_ordinal 
_pdbx_audit_revision_group.data_content_type 
_pdbx_audit_revision_group.group 
1 2 'Structure model' 'Database references'    
2 3 'Structure model' 'Data collection'        
3 3 'Structure model' 'Database references'    
4 3 'Structure model' 'Refinement description' 
# 
loop_
_pdbx_audit_revision_category.ordinal 
_pdbx_audit_revision_category.revision_ordinal 
_pdbx_audit_revision_category.data_content_type 
_pdbx_audit_revision_category.category 
1 3 'Structure model' chem_comp_atom                
2 3 'Structure model' chem_comp_bond                
3 3 'Structure model' database_2                    
4 3 'Structure model' pdbx_initial_refinement_model 
# 
loop_
_pdbx_audit_revision_item.ordinal 
_pdbx_audit_revision_item.revision_ordinal 
_pdbx_audit_revision_item.data_content_type 
_pdbx_audit_revision_item.item 
1 3 'Structure model' '_database_2.pdbx_DOI'                
2 3 'Structure model' '_database_2.pdbx_database_accession' 
# 
_pdbx_database_status.status_code                     REL 
_pdbx_database_status.status_code_sf                  REL 
_pdbx_database_status.status_code_mr                  ? 
_pdbx_database_status.entry_id                        5HOC 
_pdbx_database_status.recvd_initial_deposition_date   2016-01-19 
_pdbx_database_status.SG_entry                        N 
_pdbx_database_status.deposit_site                    RCSB 
_pdbx_database_status.process_site                    PDBE 
_pdbx_database_status.status_code_cs                  ? 
_pdbx_database_status.methods_development_category    ? 
_pdbx_database_status.pdb_format_compatible           Y 
_pdbx_database_status.status_code_nmr_data            ? 
# 
loop_
_pdbx_database_related.db_name 
_pdbx_database_related.details 
_pdbx_database_related.db_id 
_pdbx_database_related.content_type 
PDB '2KBY contains the native p73 tetramerization domain' 2KBY unspecified 
PDB '4A9Z contains the native p63 tetramerization domain (TD), which cannot form hetero-tetramers with this mutated p73 TD' 4A9Z 
unspecified 
PDB '2NB1 contains the p63/p73 hetero-tetramer wich cannot be formed by this mutated p73 TD' 2NB1 unspecified 
PDB 
'5HOB contains an earlier version of this mutated p73 TD, that had to be optimized to allow tetramerization at low concentrations' 
5HOB unspecified 
# 
loop_
_audit_author.name 
_audit_author.pdbx_ordinal 
'Coutandin, D.' 1 
'Krojer, T.'    2 
'Salah, E.'     3 
'Mathea, S.'    4 
'Sumyk, M.'     5 
'Knapp, S.'     6 
'Dotsch, V.'    7 
# 
_citation.abstract                  ? 
_citation.abstract_id_CAS           ? 
_citation.book_id_ISBN              ? 
_citation.book_publisher            ? 
_citation.book_publisher_city       ? 
_citation.book_title                ? 
_citation.coordinate_linkage        ? 
_citation.country                   UK 
_citation.database_id_Medline       ? 
_citation.details                   ? 
_citation.id                        primary 
_citation.journal_abbrev            'Cell Death Differ.' 
_citation.journal_id_ASTM           ? 
_citation.journal_id_CSD            ? 
_citation.journal_id_ISSN           1350-9047 
_citation.journal_full              ? 
_citation.journal_issue             ? 
_citation.journal_volume            23 
_citation.language                  ? 
_citation.page_first                1930 
_citation.page_last                 1940 
_citation.title                     
'Mechanism of TAp73 inhibition by Delta Np63 and structural basis of p63/p73 hetero-tetramerization.' 
_citation.year                      2016 
_citation.database_id_CSD           ? 
_citation.pdbx_database_id_DOI      10.1038/cdd.2016.83 
_citation.pdbx_database_id_PubMed   27716744 
_citation.unpublished_flag          ? 
# 
loop_
_citation_author.citation_id 
_citation_author.name 
_citation_author.ordinal 
_citation_author.identifier_ORCID 
primary 'Gebel, J.'      1  ? 
primary 'Luh, L.M.'      2  ? 
primary 'Coutandin, D.'  3  ? 
primary 'Osterburg, C.'  4  ? 
primary 'Lohr, F.'       5  ? 
primary 'Schafer, B.'    6  ? 
primary 'Frombach, A.S.' 7  ? 
primary 'Sumyk, M.'      8  ? 
primary 'Buchner, L.'    9  ? 
primary 'Krojer, T.'     10 ? 
primary 'Salah, E.'      11 ? 
primary 'Mathea, S.'     12 ? 
primary 'Guntert, P.'    13 ? 
primary 'Knapp, S.'      14 ? 
primary 'Dotsch, V.'     15 ? 
# 
loop_
_entity.id 
_entity.type 
_entity.src_method 
_entity.pdbx_description 
_entity.formula_weight 
_entity.pdbx_number_of_molecules 
_entity.pdbx_ec 
_entity.pdbx_mutation 
_entity.pdbx_fragment 
_entity.details 
1 polymer man 'Tumor protein p73' 6048.816 2  ? 'E363R, K370E, E373R, R390D' 'UNP residues 351-398' ? 
2 water   nat water               18.015   35 ? ?                            ?                      ? 
# 
_entity_name_com.entity_id   1 
_entity_name_com.name        'p53-like transcription factor,p53-related protein' 
# 
_entity_poly.entity_id                      1 
_entity_poly.type                           'polypeptide(L)' 
_entity_poly.nstd_linkage                   no 
_entity_poly.nstd_monomer                   no 
_entity_poly.pdbx_seq_one_letter_code       GSDEDTYYLQVRGRRNFEILMELKRSLELMELVPQPLVDSYDQQQQLLQR 
_entity_poly.pdbx_seq_one_letter_code_can   GSDEDTYYLQVRGRRNFEILMELKRSLELMELVPQPLVDSYDQQQQLLQR 
_entity_poly.pdbx_strand_id                 A,B 
_entity_poly.pdbx_target_identifier         ? 
# 
_pdbx_entity_nonpoly.entity_id   2 
_pdbx_entity_nonpoly.name        water 
_pdbx_entity_nonpoly.comp_id     HOH 
# 
loop_
_entity_poly_seq.entity_id 
_entity_poly_seq.num 
_entity_poly_seq.mon_id 
_entity_poly_seq.hetero 
1 1  GLY n 
1 2  SER n 
1 3  ASP n 
1 4  GLU n 
1 5  ASP n 
1 6  THR n 
1 7  TYR n 
1 8  TYR n 
1 9  LEU n 
1 10 GLN n 
1 11 VAL n 
1 12 ARG n 
1 13 GLY n 
1 14 ARG n 
1 15 ARG n 
1 16 ASN n 
1 17 PHE n 
1 18 GLU n 
1 19 ILE n 
1 20 LEU n 
1 21 MET n 
1 22 GLU n 
1 23 LEU n 
1 24 LYS n 
1 25 ARG n 
1 26 SER n 
1 27 LEU n 
1 28 GLU n 
1 29 LEU n 
1 30 MET n 
1 31 GLU n 
1 32 LEU n 
1 33 VAL n 
1 34 PRO n 
1 35 GLN n 
1 36 PRO n 
1 37 LEU n 
1 38 VAL n 
1 39 ASP n 
1 40 SER n 
1 41 TYR n 
1 42 ASP n 
1 43 GLN n 
1 44 GLN n 
1 45 GLN n 
1 46 GLN n 
1 47 LEU n 
1 48 LEU n 
1 49 GLN n 
1 50 ARG n 
# 
_entity_src_gen.entity_id                          1 
_entity_src_gen.pdbx_src_id                        1 
_entity_src_gen.pdbx_alt_source_flag               sample 
_entity_src_gen.pdbx_seq_type                      'Biological sequence' 
_entity_src_gen.pdbx_beg_seq_num                   1 
_entity_src_gen.pdbx_end_seq_num                   50 
_entity_src_gen.gene_src_common_name               Human 
_entity_src_gen.gene_src_genus                     ? 
_entity_src_gen.pdbx_gene_src_gene                 'TP73, P73' 
_entity_src_gen.gene_src_species                   ? 
_entity_src_gen.gene_src_strain                    ? 
_entity_src_gen.gene_src_tissue                    ? 
_entity_src_gen.gene_src_tissue_fraction           ? 
_entity_src_gen.gene_src_details                   ? 
_entity_src_gen.pdbx_gene_src_fragment             ? 
_entity_src_gen.pdbx_gene_src_scientific_name      'Homo sapiens' 
_entity_src_gen.pdbx_gene_src_ncbi_taxonomy_id     9606 
_entity_src_gen.pdbx_gene_src_variant              ? 
_entity_src_gen.pdbx_gene_src_cell_line            ? 
_entity_src_gen.pdbx_gene_src_atcc                 ? 
_entity_src_gen.pdbx_gene_src_organ                ? 
_entity_src_gen.pdbx_gene_src_organelle            ? 
_entity_src_gen.pdbx_gene_src_cell                 ? 
_entity_src_gen.pdbx_gene_src_cellular_location    ? 
_entity_src_gen.host_org_common_name               ? 
_entity_src_gen.pdbx_host_org_scientific_name      'Escherichia coli' 
_entity_src_gen.pdbx_host_org_ncbi_taxonomy_id     562 
_entity_src_gen.host_org_genus                     ? 
_entity_src_gen.pdbx_host_org_gene                 ? 
_entity_src_gen.pdbx_host_org_organ                ? 
_entity_src_gen.host_org_species                   ? 
_entity_src_gen.pdbx_host_org_tissue               ? 
_entity_src_gen.pdbx_host_org_tissue_fraction      ? 
_entity_src_gen.pdbx_host_org_strain               ? 
_entity_src_gen.pdbx_host_org_variant              ? 
_entity_src_gen.pdbx_host_org_cell_line            ? 
_entity_src_gen.pdbx_host_org_atcc                 ? 
_entity_src_gen.pdbx_host_org_culture_collection   ? 
_entity_src_gen.pdbx_host_org_cell                 ? 
_entity_src_gen.pdbx_host_org_organelle            ? 
_entity_src_gen.pdbx_host_org_cellular_location    ? 
_entity_src_gen.pdbx_host_org_vector_type          ? 
_entity_src_gen.pdbx_host_org_vector               ? 
_entity_src_gen.host_org_details                   ? 
_entity_src_gen.expression_system_id               ? 
_entity_src_gen.plasmid_name                       ? 
_entity_src_gen.plasmid_details                    ? 
_entity_src_gen.pdbx_description                   ? 
# 
loop_
_chem_comp.id 
_chem_comp.type 
_chem_comp.mon_nstd_flag 
_chem_comp.name 
_chem_comp.pdbx_synonyms 
_chem_comp.formula 
_chem_comp.formula_weight 
ARG 'L-peptide linking' y ARGININE        ? 'C6 H15 N4 O2 1' 175.209 
ASN 'L-peptide linking' y ASPARAGINE      ? 'C4 H8 N2 O3'    132.118 
ASP 'L-peptide linking' y 'ASPARTIC ACID' ? 'C4 H7 N O4'     133.103 
GLN 'L-peptide linking' y GLUTAMINE       ? 'C5 H10 N2 O3'   146.144 
GLU 'L-peptide linking' y 'GLUTAMIC ACID' ? 'C5 H9 N O4'     147.129 
GLY 'peptide linking'   y GLYCINE         ? 'C2 H5 N O2'     75.067  
HOH non-polymer         . WATER           ? 'H2 O'           18.015  
ILE 'L-peptide linking' y ISOLEUCINE      ? 'C6 H13 N O2'    131.173 
LEU 'L-peptide linking' y LEUCINE         ? 'C6 H13 N O2'    131.173 
LYS 'L-peptide linking' y LYSINE          ? 'C6 H15 N2 O2 1' 147.195 
MET 'L-peptide linking' y METHIONINE      ? 'C5 H11 N O2 S'  149.211 
PHE 'L-peptide linking' y PHENYLALANINE   ? 'C9 H11 N O2'    165.189 
PRO 'L-peptide linking' y PROLINE         ? 'C5 H9 N O2'     115.130 
SER 'L-peptide linking' y SERINE          ? 'C3 H7 N O3'     105.093 
THR 'L-peptide linking' y THREONINE       ? 'C4 H9 N O3'     119.119 
TYR 'L-peptide linking' y TYROSINE        ? 'C9 H11 N O3'    181.189 
VAL 'L-peptide linking' y VALINE          ? 'C5 H11 N O2'    117.146 
# 
loop_
_pdbx_poly_seq_scheme.asym_id 
_pdbx_poly_seq_scheme.entity_id 
_pdbx_poly_seq_scheme.seq_id 
_pdbx_poly_seq_scheme.mon_id 
_pdbx_poly_seq_scheme.ndb_seq_num 
_pdbx_poly_seq_scheme.pdb_seq_num 
_pdbx_poly_seq_scheme.auth_seq_num 
_pdbx_poly_seq_scheme.pdb_mon_id 
_pdbx_poly_seq_scheme.auth_mon_id 
_pdbx_poly_seq_scheme.pdb_strand_id 
_pdbx_poly_seq_scheme.pdb_ins_code 
_pdbx_poly_seq_scheme.hetero 
A 1 1  GLY 1  349 ?   ?   ?   A . n 
A 1 2  SER 2  350 ?   ?   ?   A . n 
A 1 3  ASP 3  351 ?   ?   ?   A . n 
A 1 4  GLU 4  352 ?   ?   ?   A . n 
A 1 5  ASP 5  353 ?   ?   ?   A . n 
A 1 6  THR 6  354 354 THR THR A . n 
A 1 7  TYR 7  355 355 TYR TYR A . n 
A 1 8  TYR 8  356 356 TYR TYR A . n 
A 1 9  LEU 9  357 357 LEU LEU A . n 
A 1 10 GLN 10 358 358 GLN GLN A . n 
A 1 11 VAL 11 359 359 VAL VAL A . n 
A 1 12 ARG 12 360 360 ARG ARG A . n 
A 1 13 GLY 13 361 361 GLY GLY A . n 
A 1 14 ARG 14 362 362 ARG ARG A . n 
A 1 15 ARG 15 363 363 ARG ARG A . n 
A 1 16 ASN 16 364 364 ASN ASN A . n 
A 1 17 PHE 17 365 365 PHE PHE A . n 
A 1 18 GLU 18 366 366 GLU GLU A . n 
A 1 19 ILE 19 367 367 ILE ILE A . n 
A 1 20 LEU 20 368 368 LEU LEU A . n 
A 1 21 MET 21 369 369 MET MET A . n 
A 1 22 GLU 22 370 370 GLU GLU A . n 
A 1 23 LEU 23 371 371 LEU LEU A . n 
A 1 24 LYS 24 372 372 LYS LYS A . n 
A 1 25 ARG 25 373 373 ARG ARG A . n 
A 1 26 SER 26 374 374 SER SER A . n 
A 1 27 LEU 27 375 375 LEU LEU A . n 
A 1 28 GLU 28 376 376 GLU GLU A . n 
A 1 29 LEU 29 377 377 LEU LEU A . n 
A 1 30 MET 30 378 378 MET MET A . n 
A 1 31 GLU 31 379 379 GLU GLU A . n 
A 1 32 LEU 32 380 380 LEU LEU A . n 
A 1 33 VAL 33 381 381 VAL VAL A . n 
A 1 34 PRO 34 382 382 PRO PRO A . n 
A 1 35 GLN 35 383 383 GLN GLN A . n 
A 1 36 PRO 36 384 384 PRO PRO A . n 
A 1 37 LEU 37 385 385 LEU LEU A . n 
A 1 38 VAL 38 386 386 VAL VAL A . n 
A 1 39 ASP 39 387 387 ASP ASP A . n 
A 1 40 SER 40 388 388 SER SER A . n 
A 1 41 TYR 41 389 389 TYR TYR A . n 
A 1 42 ASP 42 390 390 ASP ASP A . n 
A 1 43 GLN 43 391 391 GLN GLN A . n 
A 1 44 GLN 44 392 392 GLN GLN A . n 
A 1 45 GLN 45 393 393 GLN GLN A . n 
A 1 46 GLN 46 394 394 GLN GLN A . n 
A 1 47 LEU 47 395 395 LEU LEU A . n 
A 1 48 LEU 48 396 396 LEU LEU A . n 
A 1 49 GLN 49 397 397 GLN GLN A . n 
A 1 50 ARG 50 398 ?   ?   ?   A . n 
B 1 1  GLY 1  349 ?   ?   ?   B . n 
B 1 2  SER 2  350 ?   ?   ?   B . n 
B 1 3  ASP 3  351 351 ASP ASP B . n 
B 1 4  GLU 4  352 352 GLU GLU B . n 
B 1 5  ASP 5  353 353 ASP ASP B . n 
B 1 6  THR 6  354 354 THR THR B . n 
B 1 7  TYR 7  355 355 TYR TYR B . n 
B 1 8  TYR 8  356 356 TYR TYR B . n 
B 1 9  LEU 9  357 357 LEU LEU B . n 
B 1 10 GLN 10 358 358 GLN GLN B . n 
B 1 11 VAL 11 359 359 VAL VAL B . n 
B 1 12 ARG 12 360 360 ARG ARG B . n 
B 1 13 GLY 13 361 361 GLY GLY B . n 
B 1 14 ARG 14 362 362 ARG ARG B . n 
B 1 15 ARG 15 363 363 ARG ARG B . n 
B 1 16 ASN 16 364 364 ASN ASN B . n 
B 1 17 PHE 17 365 365 PHE PHE B . n 
B 1 18 GLU 18 366 366 GLU GLU B . n 
B 1 19 ILE 19 367 367 ILE ILE B . n 
B 1 20 LEU 20 368 368 LEU LEU B . n 
B 1 21 MET 21 369 369 MET MET B . n 
B 1 22 GLU 22 370 370 GLU GLU B . n 
B 1 23 LEU 23 371 371 LEU LEU B . n 
B 1 24 LYS 24 372 372 LYS LYS B . n 
B 1 25 ARG 25 373 373 ARG ARG B . n 
B 1 26 SER 26 374 374 SER SER B . n 
B 1 27 LEU 27 375 375 LEU LEU B . n 
B 1 28 GLU 28 376 376 GLU GLU B . n 
B 1 29 LEU 29 377 377 LEU LEU B . n 
B 1 30 MET 30 378 378 MET MET B . n 
B 1 31 GLU 31 379 379 GLU GLU B . n 
B 1 32 LEU 32 380 380 LEU LEU B . n 
B 1 33 VAL 33 381 381 VAL VAL B . n 
B 1 34 PRO 34 382 382 PRO PRO B . n 
B 1 35 GLN 35 383 383 GLN GLN B . n 
B 1 36 PRO 36 384 384 PRO PRO B . n 
B 1 37 LEU 37 385 385 LEU LEU B . n 
B 1 38 VAL 38 386 386 VAL VAL B . n 
B 1 39 ASP 39 387 387 ASP ASP B . n 
B 1 40 SER 40 388 388 SER SER B . n 
B 1 41 TYR 41 389 389 TYR TYR B . n 
B 1 42 ASP 42 390 390 ASP ASP B . n 
B 1 43 GLN 43 391 391 GLN GLN B . n 
B 1 44 GLN 44 392 392 GLN GLN B . n 
B 1 45 GLN 45 393 393 GLN GLN B . n 
B 1 46 GLN 46 394 394 GLN GLN B . n 
B 1 47 LEU 47 395 ?   ?   ?   B . n 
B 1 48 LEU 48 396 ?   ?   ?   B . n 
B 1 49 GLN 49 397 ?   ?   ?   B . n 
B 1 50 ARG 50 398 ?   ?   ?   B . n 
# 
loop_
_pdbx_nonpoly_scheme.asym_id 
_pdbx_nonpoly_scheme.entity_id 
_pdbx_nonpoly_scheme.mon_id 
_pdbx_nonpoly_scheme.ndb_seq_num 
_pdbx_nonpoly_scheme.pdb_seq_num 
_pdbx_nonpoly_scheme.auth_seq_num 
_pdbx_nonpoly_scheme.pdb_mon_id 
_pdbx_nonpoly_scheme.auth_mon_id 
_pdbx_nonpoly_scheme.pdb_strand_id 
_pdbx_nonpoly_scheme.pdb_ins_code 
C 2 HOH 1  401 35 HOH HOH A . 
C 2 HOH 2  402 16 HOH HOH A . 
C 2 HOH 3  403 26 HOH HOH A . 
C 2 HOH 4  404 10 HOH HOH A . 
C 2 HOH 5  405 20 HOH HOH A . 
C 2 HOH 6  406 11 HOH HOH A . 
C 2 HOH 7  407 6  HOH HOH A . 
C 2 HOH 8  408 3  HOH HOH A . 
C 2 HOH 9  409 5  HOH HOH A . 
C 2 HOH 10 410 9  HOH HOH A . 
C 2 HOH 11 411 4  HOH HOH A . 
C 2 HOH 12 412 14 HOH HOH A . 
C 2 HOH 13 413 8  HOH HOH A . 
C 2 HOH 14 414 2  HOH HOH A . 
C 2 HOH 15 415 27 HOH HOH A . 
C 2 HOH 16 416 7  HOH HOH A . 
C 2 HOH 17 417 1  HOH HOH A . 
C 2 HOH 18 418 28 HOH HOH A . 
C 2 HOH 19 419 19 HOH HOH A . 
C 2 HOH 20 420 32 HOH HOH A . 
C 2 HOH 21 421 23 HOH HOH A . 
D 2 HOH 1  401 12 HOH HOH B . 
D 2 HOH 2  402 33 HOH HOH B . 
D 2 HOH 3  403 24 HOH HOH B . 
D 2 HOH 4  404 25 HOH HOH B . 
D 2 HOH 5  405 21 HOH HOH B . 
D 2 HOH 6  406 18 HOH HOH B . 
D 2 HOH 7  407 22 HOH HOH B . 
D 2 HOH 8  408 30 HOH HOH B . 
D 2 HOH 9  409 31 HOH HOH B . 
D 2 HOH 10 410 17 HOH HOH B . 
D 2 HOH 11 411 29 HOH HOH B . 
D 2 HOH 12 412 13 HOH HOH B . 
D 2 HOH 13 413 15 HOH HOH B . 
D 2 HOH 14 414 34 HOH HOH B . 
# 
loop_
_pdbx_unobs_or_zero_occ_atoms.id 
_pdbx_unobs_or_zero_occ_atoms.PDB_model_num 
_pdbx_unobs_or_zero_occ_atoms.polymer_flag 
_pdbx_unobs_or_zero_occ_atoms.occupancy_flag 
_pdbx_unobs_or_zero_occ_atoms.auth_asym_id 
_pdbx_unobs_or_zero_occ_atoms.auth_comp_id 
_pdbx_unobs_or_zero_occ_atoms.auth_seq_id 
_pdbx_unobs_or_zero_occ_atoms.PDB_ins_code 
_pdbx_unobs_or_zero_occ_atoms.auth_atom_id 
_pdbx_unobs_or_zero_occ_atoms.label_alt_id 
_pdbx_unobs_or_zero_occ_atoms.label_asym_id 
_pdbx_unobs_or_zero_occ_atoms.label_comp_id 
_pdbx_unobs_or_zero_occ_atoms.label_seq_id 
_pdbx_unobs_or_zero_occ_atoms.label_atom_id 
1  1 Y 1 A ARG 360 ? CG  ? A ARG 12 CG  
2  1 Y 1 A ARG 360 ? CD  ? A ARG 12 CD  
3  1 Y 1 A ARG 360 ? NE  ? A ARG 12 NE  
4  1 Y 1 A ARG 360 ? CZ  ? A ARG 12 CZ  
5  1 Y 1 A ARG 360 ? NH1 ? A ARG 12 NH1 
6  1 Y 1 A ARG 360 ? NH2 ? A ARG 12 NH2 
7  1 Y 1 A GLN 391 ? CG  ? A GLN 43 CG  
8  1 Y 1 A GLN 391 ? CD  ? A GLN 43 CD  
9  1 Y 1 A GLN 391 ? OE1 ? A GLN 43 OE1 
10 1 Y 1 A GLN 391 ? NE2 ? A GLN 43 NE2 
11 1 Y 1 A GLN 392 ? CD  ? A GLN 44 CD  
12 1 Y 1 A GLN 392 ? OE1 ? A GLN 44 OE1 
13 1 Y 1 A GLN 392 ? NE2 ? A GLN 44 NE2 
14 1 Y 1 A GLN 394 ? CG  ? A GLN 46 CG  
15 1 Y 1 A GLN 394 ? CD  ? A GLN 46 CD  
16 1 Y 1 A GLN 394 ? OE1 ? A GLN 46 OE1 
17 1 Y 1 A GLN 394 ? NE2 ? A GLN 46 NE2 
18 1 Y 1 A LEU 395 ? CG  ? A LEU 47 CG  
19 1 Y 1 A LEU 395 ? CD1 ? A LEU 47 CD1 
20 1 Y 1 A LEU 395 ? CD2 ? A LEU 47 CD2 
21 1 Y 1 A GLN 397 ? CG  ? A GLN 49 CG  
22 1 Y 1 A GLN 397 ? CD  ? A GLN 49 CD  
23 1 Y 1 A GLN 397 ? OE1 ? A GLN 49 OE1 
24 1 Y 1 A GLN 397 ? NE2 ? A GLN 49 NE2 
25 1 Y 1 B ASP 351 ? CG  ? B ASP 3  CG  
26 1 Y 1 B ASP 351 ? OD1 ? B ASP 3  OD1 
27 1 Y 1 B ASP 351 ? OD2 ? B ASP 3  OD2 
28 1 Y 1 B GLU 352 ? CG  ? B GLU 4  CG  
29 1 Y 1 B GLU 352 ? CD  ? B GLU 4  CD  
30 1 Y 1 B GLU 352 ? OE1 ? B GLU 4  OE1 
31 1 Y 1 B GLU 352 ? OE2 ? B GLU 4  OE2 
32 1 Y 1 B ARG 360 ? CG  ? B ARG 12 CG  
33 1 Y 1 B ARG 360 ? CD  ? B ARG 12 CD  
34 1 Y 1 B ARG 360 ? NE  ? B ARG 12 NE  
35 1 Y 1 B ARG 360 ? CZ  ? B ARG 12 CZ  
36 1 Y 1 B ARG 360 ? NH1 ? B ARG 12 NH1 
37 1 Y 1 B ARG 360 ? NH2 ? B ARG 12 NH2 
38 1 Y 1 B ARG 362 ? CG  ? B ARG 14 CG  
39 1 Y 1 B ARG 362 ? CD  ? B ARG 14 CD  
40 1 Y 1 B ARG 362 ? NE  ? B ARG 14 NE  
41 1 Y 1 B ARG 362 ? CZ  ? B ARG 14 CZ  
42 1 Y 1 B ARG 362 ? NH1 ? B ARG 14 NH1 
43 1 Y 1 B ARG 362 ? NH2 ? B ARG 14 NH2 
44 1 Y 1 B GLU 379 ? CD  ? B GLU 31 CD  
45 1 Y 1 B GLU 379 ? OE1 ? B GLU 31 OE1 
46 1 Y 1 B GLU 379 ? OE2 ? B GLU 31 OE2 
47 1 Y 1 B GLN 391 ? CG  ? B GLN 43 CG  
48 1 Y 1 B GLN 391 ? CD  ? B GLN 43 CD  
49 1 Y 1 B GLN 391 ? OE1 ? B GLN 43 OE1 
50 1 Y 1 B GLN 391 ? NE2 ? B GLN 43 NE2 
51 1 Y 1 B GLN 394 ? CG  ? B GLN 46 CG  
52 1 Y 1 B GLN 394 ? CD  ? B GLN 46 CD  
53 1 Y 1 B GLN 394 ? OE1 ? B GLN 46 OE1 
54 1 Y 1 B GLN 394 ? NE2 ? B GLN 46 NE2 
# 
loop_
_software.citation_id 
_software.classification 
_software.compiler_name 
_software.compiler_version 
_software.contact_author 
_software.contact_author_email 
_software.date 
_software.description 
_software.dependencies 
_software.hardware 
_software.language 
_software.location 
_software.mods 
_software.name 
_software.os 
_software.os_version 
_software.type 
_software.version 
_software.pdbx_ordinal 
? refinement        ? ? ? ? ? ? ? ? ? ? ? PHENIX      ? ? ? 1.10.1_2155 1 
? 'data reduction'  ? ? ? ? ? ? ? ? ? ? ? DIALS       ? ? ? .           2 
? 'data scaling'    ? ? ? ? ? ? ? ? ? ? ? Aimless     ? ? ? 0.3.11      3 
? phasing           ? ? ? ? ? ? ? ? ? ? ? PHASER      ? ? ? .           4 
? 'data extraction' ? ? ? ? ? ? ? ? ? ? ? PDB_EXTRACT ? ? ? 3.15        5 
# 
_cell.length_c           61.564 
_cell.angle_beta         90.000 
_cell.volume             222733.978 
_cell.length_a           60.149 
_cell.length_b           60.149 
_cell.angle_gamma        90.000 
_cell.angle_alpha        90.000 
_cell.entry_id           5HOC 
_cell.Z_PDB              16 
_cell.pdbx_unique_axis   ? 
# 
_symmetry.space_group_name_H-M             'P 42 21 2' 
_symmetry.Int_Tables_number                94 
_symmetry.space_group_name_Hall            'P 4n 2n' 
_symmetry.entry_id                         5HOC 
_symmetry.pdbx_full_space_group_name_H-M   ? 
_symmetry.cell_setting                     ? 
# 
_exptl.absorpt_coefficient_mu     ? 
_exptl.absorpt_correction_T_max   ? 
_exptl.absorpt_correction_T_min   ? 
_exptl.absorpt_correction_type    ? 
_exptl.absorpt_process_details    ? 
_exptl.entry_id                   5HOC 
_exptl.crystals_number            1 
_exptl.details                    ? 
_exptl.method                     'X-RAY DIFFRACTION' 
_exptl.method_details             ? 
# 
_exptl_crystal.colour                      ? 
_exptl_crystal.density_diffrn              ? 
_exptl_crystal.density_Matthews            2.42 
_exptl_crystal.density_method              ? 
_exptl_crystal.density_percent_sol         49.22 
_exptl_crystal.description                 ? 
_exptl_crystal.F_000                       ? 
_exptl_crystal.id                          1 
_exptl_crystal.preparation                 ? 
_exptl_crystal.size_max                    ? 
_exptl_crystal.size_mid                    ? 
_exptl_crystal.size_min                    ? 
_exptl_crystal.size_rad                    ? 
_exptl_crystal.colour_lustre               ? 
_exptl_crystal.colour_modifier             ? 
_exptl_crystal.colour_primary              ? 
_exptl_crystal.density_meas                ? 
_exptl_crystal.density_meas_esd            ? 
_exptl_crystal.density_meas_gt             ? 
_exptl_crystal.density_meas_lt             ? 
_exptl_crystal.density_meas_temp           ? 
_exptl_crystal.density_meas_temp_esd       ? 
_exptl_crystal.density_meas_temp_gt        ? 
_exptl_crystal.density_meas_temp_lt        ? 
_exptl_crystal.pdbx_crystal_image_url      ? 
_exptl_crystal.pdbx_crystal_image_format   ? 
_exptl_crystal.pdbx_mosaicity              ? 
_exptl_crystal.pdbx_mosaicity_esd          ? 
# 
_exptl_crystal_grow.apparatus       ? 
_exptl_crystal_grow.atmosphere      ? 
_exptl_crystal_grow.crystal_id      1 
_exptl_crystal_grow.details         ? 
_exptl_crystal_grow.method          'VAPOR DIFFUSION, SITTING DROP' 
_exptl_crystal_grow.method_ref      ? 
_exptl_crystal_grow.pH              7.5 
_exptl_crystal_grow.pressure        ? 
_exptl_crystal_grow.pressure_esd    ? 
_exptl_crystal_grow.seeding         ? 
_exptl_crystal_grow.seeding_ref     ? 
_exptl_crystal_grow.temp            277 
_exptl_crystal_grow.temp_details    ? 
_exptl_crystal_grow.temp_esd        ? 
_exptl_crystal_grow.time            ? 
_exptl_crystal_grow.pdbx_details    '2 M Sodium chloride, 0.1 M sodium phosphate, 0.1 M potassium phosphate , 0.1 M HEPES pH 7.5' 
_exptl_crystal_grow.pdbx_pH_range   ? 
# 
_diffrn.ambient_environment    ? 
_diffrn.ambient_temp           100 
_diffrn.ambient_temp_details   ? 
_diffrn.ambient_temp_esd       ? 
_diffrn.crystal_id             1 
_diffrn.crystal_support        ? 
_diffrn.crystal_treatment      ? 
_diffrn.details                ? 
_diffrn.id                     1 
_diffrn.ambient_pressure       ? 
_diffrn.ambient_pressure_esd   ? 
_diffrn.ambient_pressure_gt    ? 
_diffrn.ambient_pressure_lt    ? 
_diffrn.ambient_temp_gt        ? 
_diffrn.ambient_temp_lt        ? 
# 
_diffrn_detector.details                      ? 
_diffrn_detector.detector                     PIXEL 
_diffrn_detector.diffrn_id                    1 
_diffrn_detector.type                         'DECTRIS PILATUS 2M' 
_diffrn_detector.area_resol_mean              ? 
_diffrn_detector.dtime                        ? 
_diffrn_detector.pdbx_frames_total            ? 
_diffrn_detector.pdbx_collection_time_total   ? 
_diffrn_detector.pdbx_collection_date         2014-12-16 
# 
_diffrn_radiation.collimation                      ? 
_diffrn_radiation.diffrn_id                        1 
_diffrn_radiation.filter_edge                      ? 
_diffrn_radiation.inhomogeneity                    ? 
_diffrn_radiation.monochromator                    ? 
_diffrn_radiation.polarisn_norm                    ? 
_diffrn_radiation.polarisn_ratio                   ? 
_diffrn_radiation.probe                            ? 
_diffrn_radiation.type                             ? 
_diffrn_radiation.xray_symbol                      ? 
_diffrn_radiation.wavelength_id                    1 
_diffrn_radiation.pdbx_monochromatic_or_laue_m_l   M 
_diffrn_radiation.pdbx_wavelength_list             ? 
_diffrn_radiation.pdbx_wavelength                  ? 
_diffrn_radiation.pdbx_diffrn_protocol             'SINGLE WAVELENGTH' 
_diffrn_radiation.pdbx_analyzer                    ? 
_diffrn_radiation.pdbx_scattering_type             x-ray 
# 
_diffrn_radiation_wavelength.id           1 
_diffrn_radiation_wavelength.wavelength   0.91741 
_diffrn_radiation_wavelength.wt           1.0 
# 
_diffrn_source.current                     ? 
_diffrn_source.details                     ? 
_diffrn_source.diffrn_id                   1 
_diffrn_source.power                       ? 
_diffrn_source.size                        ? 
_diffrn_source.source                      SYNCHROTRON 
_diffrn_source.target                      ? 
_diffrn_source.type                        'DIAMOND BEAMLINE I04-1' 
_diffrn_source.voltage                     ? 
_diffrn_source.take-off_angle              ? 
_diffrn_source.pdbx_wavelength_list        0.91741 
_diffrn_source.pdbx_wavelength             ? 
_diffrn_source.pdbx_synchrotron_beamline   I04-1 
_diffrn_source.pdbx_synchrotron_site       Diamond 
# 
_reflns.B_iso_Wilson_estimate            18.3967383267 
_reflns.entry_id                         5HOC 
_reflns.data_reduction_details           ? 
_reflns.data_reduction_method            ? 
_reflns.d_resolution_high                1.360 
_reflns.d_resolution_low                 60.150 
_reflns.details                          ? 
_reflns.limit_h_max                      ? 
_reflns.limit_h_min                      ? 
_reflns.limit_k_max                      ? 
_reflns.limit_k_min                      ? 
_reflns.limit_l_max                      ? 
_reflns.limit_l_min                      ? 
_reflns.number_all                       ? 
_reflns.number_obs                       24811 
_reflns.observed_criterion               ? 
_reflns.observed_criterion_F_max         ? 
_reflns.observed_criterion_F_min         ? 
_reflns.observed_criterion_I_max         ? 
_reflns.observed_criterion_I_min         ? 
_reflns.observed_criterion_sigma_F       ? 
_reflns.observed_criterion_sigma_I       ? 
_reflns.percent_possible_obs             99.800 
_reflns.R_free_details                   ? 
_reflns.Rmerge_F_all                     ? 
_reflns.Rmerge_F_obs                     ? 
_reflns.Friedel_coverage                 ? 
_reflns.number_gt                        ? 
_reflns.threshold_expression             ? 
_reflns.pdbx_redundancy                  9.800 
_reflns.pdbx_Rmerge_I_obs                0.069 
_reflns.pdbx_Rmerge_I_all                ? 
_reflns.pdbx_Rsym_value                  ? 
_reflns.pdbx_netI_over_av_sigmaI         ? 
_reflns.pdbx_netI_over_sigmaI            16.300 
_reflns.pdbx_res_netI_over_av_sigmaI_2   ? 
_reflns.pdbx_res_netI_over_sigmaI_2      ? 
_reflns.pdbx_chi_squared                 ? 
_reflns.pdbx_scaling_rejects             79 
_reflns.pdbx_d_res_high_opt              ? 
_reflns.pdbx_d_res_low_opt               ? 
_reflns.pdbx_d_res_opt_method            ? 
_reflns.phase_calculation_details        ? 
_reflns.pdbx_Rrim_I_all                  ? 
_reflns.pdbx_Rpim_I_all                  0.021 
_reflns.pdbx_d_opt                       ? 
_reflns.pdbx_number_measured_all         244067 
_reflns.pdbx_diffrn_id                   1 
_reflns.pdbx_ordinal                     1 
_reflns.pdbx_CC_half                     0.998 
_reflns.pdbx_R_split                     ? 
# 
loop_
_reflns_shell.d_res_high 
_reflns_shell.d_res_low 
_reflns_shell.meanI_over_sigI_all 
_reflns_shell.meanI_over_sigI_obs 
_reflns_shell.number_measured_all 
_reflns_shell.number_measured_obs 
_reflns_shell.number_possible 
_reflns_shell.number_unique_all 
_reflns_shell.number_unique_obs 
_reflns_shell.percent_possible_all 
_reflns_shell.percent_possible_obs 
_reflns_shell.Rmerge_F_all 
_reflns_shell.Rmerge_F_obs 
_reflns_shell.Rmerge_I_all 
_reflns_shell.Rmerge_I_obs 
_reflns_shell.meanI_over_sigI_gt 
_reflns_shell.meanI_over_uI_all 
_reflns_shell.meanI_over_uI_gt 
_reflns_shell.number_measured_gt 
_reflns_shell.number_unique_gt 
_reflns_shell.percent_possible_gt 
_reflns_shell.Rmerge_F_gt 
_reflns_shell.Rmerge_I_gt 
_reflns_shell.pdbx_redundancy 
_reflns_shell.pdbx_Rsym_value 
_reflns_shell.pdbx_chi_squared 
_reflns_shell.pdbx_netI_over_sigmaI_all 
_reflns_shell.pdbx_netI_over_sigmaI_obs 
_reflns_shell.pdbx_Rrim_I_all 
_reflns_shell.pdbx_Rpim_I_all 
_reflns_shell.pdbx_rejects 
_reflns_shell.pdbx_ordinal 
_reflns_shell.pdbx_diffrn_id 
_reflns_shell.pdbx_CC_half 
_reflns_shell.pdbx_R_split 
1.360 1.420  ? 2.600  18278 ? ? 2961 ? 99.700  ? ? ? ? 0.465 ? ? ? ? ? ? ? ? 6.200  ? ? ? ? ? 0.194 0 1 1 0.814 ? 
4.710 60.150 ? 36.700 8714  ? ? 711  ? 100.000 ? ? ? ? 0.076 ? ? ? ? ? ? ? ? 12.300 ? ? ? ? ? 0.023 0 2 1 0.994 ? 
# 
_refine.ls_percent_reflns_R_free                 4.82850348636 
_refine.pdbx_overall_phase_error                 26.8804389251 
_refine.ls_R_factor_obs                          0.233418540806 
_refine.pdbx_stereochemistry_target_values       'GeoStd + Monomer Library + CDL v1.2' 
_refine.ls_number_reflns_R_free                  1198 
_refine.ls_percent_reflns_obs                    99.666586326 
_refine.ls_R_factor_R_work                       0.23272701562 
_refine.pdbx_solvent_shrinkage_radii             0.9 
_refine.ls_d_res_high                            1.36007789334 
_refine.B_iso_mean                               28.3926703997 
_refine.pdbx_ls_sigma_F                          1.32650981721 
_refine.ls_number_reflns_R_work                  23613 
_refine.ls_d_res_low                             43.0234569038 
_refine.solvent_model_details                    'FLAT BULK SOLVENT MODEL' 
_refine.ls_R_factor_R_free                       0.246759091983 
_refine.ls_number_reflns_obs                     24811 
_refine.overall_SU_ML                            0.143322310631 
_refine.pdbx_solvent_vdw_probe_radii             1.11 
_refine.pdbx_refine_id                           'X-RAY DIFFRACTION' 
_refine.entry_id                                 5HOC 
_refine.pdbx_diffrn_id                           1 
_refine.pdbx_TLS_residual_ADP_flag               ? 
_refine.ls_number_reflns_all                     ? 
_refine.pdbx_ls_sigma_I                          ? 
_refine.pdbx_data_cutoff_high_absF               ? 
_refine.pdbx_data_cutoff_low_absF                ? 
_refine.pdbx_data_cutoff_high_rms_absF           ? 
_refine.ls_R_factor_all                          ? 
_refine.ls_R_factor_R_free_error                 ? 
_refine.ls_R_factor_R_free_error_details         ? 
_refine.ls_number_parameters                     ? 
_refine.ls_number_restraints                     ? 
_refine.occupancy_min                            ? 
_refine.occupancy_max                            ? 
_refine.correlation_coeff_Fo_to_Fc               ? 
_refine.correlation_coeff_Fo_to_Fc_free          ? 
_refine.aniso_B[1][1]                            ? 
_refine.aniso_B[2][2]                            ? 
_refine.aniso_B[3][3]                            ? 
_refine.aniso_B[1][2]                            ? 
_refine.aniso_B[1][3]                            ? 
_refine.aniso_B[2][3]                            ? 
_refine.solvent_model_param_ksol                 ? 
_refine.solvent_model_param_bsol                 ? 
_refine.pdbx_solvent_ion_probe_radii             ? 
_refine.pdbx_ls_cross_valid_method               'FREE R-VALUE' 
_refine.details                                  ? 
_refine.pdbx_starting_model                      2WQI 
_refine.pdbx_method_to_determine_struct          'MOLECULAR REPLACEMENT' 
_refine.pdbx_isotropic_thermal_model             ? 
_refine.pdbx_stereochem_target_val_spec_case     ? 
_refine.pdbx_R_Free_selection_details            ? 
_refine.pdbx_overall_ESU_R                       ? 
_refine.pdbx_overall_ESU_R_Free                  ? 
_refine.overall_SU_B                             ? 
_refine.overall_SU_R_Cruickshank_DPI             ? 
_refine.pdbx_overall_SU_R_free_Cruickshank_DPI   ? 
_refine.pdbx_overall_SU_R_Blow_DPI               ? 
_refine.pdbx_overall_SU_R_free_Blow_DPI          ? 
# 
_refine_hist.pdbx_refine_id                   'X-RAY DIFFRACTION' 
_refine_hist.cycle_id                         LAST 
_refine_hist.pdbx_number_atoms_protein        700 
_refine_hist.pdbx_number_atoms_nucleic_acid   0 
_refine_hist.pdbx_number_atoms_ligand         0 
_refine_hist.number_atoms_solvent             35 
_refine_hist.number_atoms_total               735 
_refine_hist.d_res_high                       1.36007789334 
_refine_hist.d_res_low                        43.0234569038 
# 
loop_
_refine_ls_restr.type 
_refine_ls_restr.number 
_refine_ls_restr.dev_ideal 
_refine_ls_restr.weight 
_refine_ls_restr.pdbx_restraint_function 
_refine_ls_restr.dev_ideal_target 
_refine_ls_restr.pdbx_refine_id 
f_bond_d           722 0.00989240314861 ? ? ? 'X-RAY DIFFRACTION' 
f_angle_d          978 1.03815555355    ? ? ? 'X-RAY DIFFRACTION' 
f_chiral_restr     112 0.0744975959126  ? ? ? 'X-RAY DIFFRACTION' 
f_plane_restr      127 0.00630063152509 ? ? ? 'X-RAY DIFFRACTION' 
f_dihedral_angle_d 276 13.4130650241    ? ? ? 'X-RAY DIFFRACTION' 
# 
loop_
_refine_ls_shell.d_res_high 
_refine_ls_shell.d_res_low 
_refine_ls_shell.number_reflns_R_work 
_refine_ls_shell.R_factor_R_work 
_refine_ls_shell.percent_reflns_obs 
_refine_ls_shell.R_factor_R_free 
_refine_ls_shell.number_reflns_R_free 
_refine_ls_shell.pdbx_refine_id 
_refine_ls_shell.pdbx_total_number_of_bins_used 
_refine_ls_shell.R_factor_R_free_error 
_refine_ls_shell.percent_reflns_R_free 
_refine_ls_shell.number_reflns_all 
_refine_ls_shell.R_factor_all 
_refine_ls_shell.R_factor_obs 
_refine_ls_shell.number_reflns_obs 
1.3601 1.4145 2538 0.317209758228 99.333826795  0.355146732307 146 'X-RAY DIFFRACTION' . . . . . . . 
1.4145 1.4789 2549 0.288400130361 98.9675516224 0.296615326633 135 'X-RAY DIFFRACTION' . . . . . . . 
1.4789 1.5569 2563 0.249872728539 99.4475138122 0.271795736033 137 'X-RAY DIFFRACTION' . . . . . . . 
1.5569 1.6544 2577 0.254916879546 99.8529952223 0.284886169962 140 'X-RAY DIFFRACTION' . . . . . . . 
1.6544 1.7822 2624 0.239125816687 99.9271667881 0.227600476724 120 'X-RAY DIFFRACTION' . . . . . . . 
1.7822 1.9615 2639 0.236405221453 99.9270605398 0.290360513055 101 'X-RAY DIFFRACTION' . . . . . . . 
1.9615 2.2454 2646 0.22665645695  99.7840172786 0.220053032122 126 'X-RAY DIFFRACTION' . . . . . . . 
2.2454 2.8288 2652 0.232507114554 99.9286224126 0.259243861939 148 'X-RAY DIFFRACTION' . . . . . . . 
2.8288 43.045 2825 0.22170549935  99.8990918264 0.230534469101 145 'X-RAY DIFFRACTION' . . . . . . . 
# 
_struct.entry_id                     5HOC 
_struct.title                        'p73 homo-tetramerization domain mutant II' 
_struct.pdbx_model_details           ? 
_struct.pdbx_formula_weight          ? 
_struct.pdbx_formula_weight_method   ? 
_struct.pdbx_model_type_details      ? 
_struct.pdbx_CASP_flag               ? 
# 
_struct_keywords.entry_id        5HOC 
_struct_keywords.text            
'transcription factor, tetramerization domain, p73, homo-tetramerization mutant, hetero-tetramerization, transcription' 
_struct_keywords.pdbx_keywords   TRANSCRIPTION 
# 
loop_
_struct_asym.id 
_struct_asym.pdbx_blank_PDB_chainid_flag 
_struct_asym.pdbx_modified 
_struct_asym.entity_id 
_struct_asym.details 
A N N 1 ? 
B N N 1 ? 
C N N 2 ? 
D N N 2 ? 
# 
_struct_ref.id                         1 
_struct_ref.db_name                    UNP 
_struct_ref.db_code                    P73_HUMAN 
_struct_ref.pdbx_db_accession          O15350 
_struct_ref.pdbx_db_isoform            ? 
_struct_ref.entity_id                  1 
_struct_ref.pdbx_seq_one_letter_code   DEDTYYLQVRGRENFEILMKLKESLELMELVPQPLVDSYRQQQQLLQR 
_struct_ref.pdbx_align_begin           351 
# 
loop_
_struct_ref_seq.align_id 
_struct_ref_seq.ref_id 
_struct_ref_seq.pdbx_PDB_id_code 
_struct_ref_seq.pdbx_strand_id 
_struct_ref_seq.seq_align_beg 
_struct_ref_seq.pdbx_seq_align_beg_ins_code 
_struct_ref_seq.seq_align_end 
_struct_ref_seq.pdbx_seq_align_end_ins_code 
_struct_ref_seq.pdbx_db_accession 
_struct_ref_seq.db_align_beg 
_struct_ref_seq.pdbx_db_align_beg_ins_code 
_struct_ref_seq.db_align_end 
_struct_ref_seq.pdbx_db_align_end_ins_code 
_struct_ref_seq.pdbx_auth_seq_align_beg 
_struct_ref_seq.pdbx_auth_seq_align_end 
1 1 5HOC A 3 ? 50 ? O15350 351 ? 398 ? 351 398 
2 1 5HOC B 3 ? 50 ? O15350 351 ? 398 ? 351 398 
# 
loop_
_struct_ref_seq_dif.align_id 
_struct_ref_seq_dif.pdbx_pdb_id_code 
_struct_ref_seq_dif.mon_id 
_struct_ref_seq_dif.pdbx_pdb_strand_id 
_struct_ref_seq_dif.seq_num 
_struct_ref_seq_dif.pdbx_pdb_ins_code 
_struct_ref_seq_dif.pdbx_seq_db_name 
_struct_ref_seq_dif.pdbx_seq_db_accession_code 
_struct_ref_seq_dif.db_mon_id 
_struct_ref_seq_dif.pdbx_seq_db_seq_num 
_struct_ref_seq_dif.details 
_struct_ref_seq_dif.pdbx_auth_seq_num 
_struct_ref_seq_dif.pdbx_ordinal 
1 5HOC GLY A 1  ? UNP O15350 ?   ?   'expression tag'      349 1  
1 5HOC SER A 2  ? UNP O15350 ?   ?   'expression tag'      350 2  
1 5HOC ARG A 15 ? UNP O15350 GLU 363 'engineered mutation' 363 3  
1 5HOC GLU A 22 ? UNP O15350 LYS 370 'engineered mutation' 370 4  
1 5HOC ARG A 25 ? UNP O15350 GLU 373 'engineered mutation' 373 5  
1 5HOC ASP A 42 ? UNP O15350 ARG 390 'engineered mutation' 390 6  
2 5HOC GLY B 1  ? UNP O15350 ?   ?   'expression tag'      349 7  
2 5HOC SER B 2  ? UNP O15350 ?   ?   'expression tag'      350 8  
2 5HOC ARG B 15 ? UNP O15350 GLU 363 'engineered mutation' 363 9  
2 5HOC GLU B 22 ? UNP O15350 LYS 370 'engineered mutation' 370 10 
2 5HOC ARG B 25 ? UNP O15350 GLU 373 'engineered mutation' 373 11 
2 5HOC ASP B 42 ? UNP O15350 ARG 390 'engineered mutation' 390 12 
# 
_pdbx_struct_assembly.id                   1 
_pdbx_struct_assembly.details              author_and_software_defined_assembly 
_pdbx_struct_assembly.method_details       PISA 
_pdbx_struct_assembly.oligomeric_details   tetrameric 
_pdbx_struct_assembly.oligomeric_count     4 
# 
loop_
_pdbx_struct_assembly_prop.biol_id 
_pdbx_struct_assembly_prop.type 
_pdbx_struct_assembly_prop.value 
_pdbx_struct_assembly_prop.details 
1 'ABSA (A^2)' 8470 ? 
1 MORE         -61  ? 
1 'SSA (A^2)'  9830 ? 
# 
_pdbx_struct_assembly_gen.assembly_id       1 
_pdbx_struct_assembly_gen.oper_expression   1,2 
_pdbx_struct_assembly_gen.asym_id_list      A,B,C,D 
# 
loop_
_pdbx_struct_oper_list.id 
_pdbx_struct_oper_list.type 
_pdbx_struct_oper_list.name 
_pdbx_struct_oper_list.symmetry_operation 
_pdbx_struct_oper_list.matrix[1][1] 
_pdbx_struct_oper_list.matrix[1][2] 
_pdbx_struct_oper_list.matrix[1][3] 
_pdbx_struct_oper_list.vector[1] 
_pdbx_struct_oper_list.matrix[2][1] 
_pdbx_struct_oper_list.matrix[2][2] 
_pdbx_struct_oper_list.matrix[2][3] 
_pdbx_struct_oper_list.vector[2] 
_pdbx_struct_oper_list.matrix[3][1] 
_pdbx_struct_oper_list.matrix[3][2] 
_pdbx_struct_oper_list.matrix[3][3] 
_pdbx_struct_oper_list.vector[3] 
1 'identity operation'         1_555 x,y,z  1.0000000000 0.0000000000 0.0000000000  0.0000000000  0.0000000000 1.0000000000  0.0000000000  0.0000000000 0.0000000000  0.0000000000  1.0000000000  0.0000000000  
2 'crystal symmetry operation' 7_555 y,x,-z 0.8771570977 0.4555818770 -0.1517912360 -0.9498021422 0.4555818770 -0.8894312858 -0.0368393973 3.7776212039 -0.1517912360 -0.0368393973 -0.9877258119 -0.4078764726 
# 
loop_
_struct_conf.conf_type_id 
_struct_conf.id 
_struct_conf.pdbx_PDB_helix_id 
_struct_conf.beg_label_comp_id 
_struct_conf.beg_label_asym_id 
_struct_conf.beg_label_seq_id 
_struct_conf.pdbx_beg_PDB_ins_code 
_struct_conf.end_label_comp_id 
_struct_conf.end_label_asym_id 
_struct_conf.end_label_seq_id 
_struct_conf.pdbx_end_PDB_ins_code 
_struct_conf.beg_auth_comp_id 
_struct_conf.beg_auth_asym_id 
_struct_conf.beg_auth_seq_id 
_struct_conf.end_auth_comp_id 
_struct_conf.end_auth_asym_id 
_struct_conf.end_auth_seq_id 
_struct_conf.pdbx_PDB_helix_class 
_struct_conf.details 
_struct_conf.pdbx_PDB_helix_length 
HELX_P HELX_P1 AA1 GLY A 13 ? GLU A 31 ? GLY A 361 GLU A 379 1 ? 19 
HELX_P HELX_P2 AA2 PRO A 34 ? GLN A 49 ? PRO A 382 GLN A 397 1 ? 16 
HELX_P HELX_P3 AA3 GLY B 13 ? GLU B 31 ? GLY B 361 GLU B 379 1 ? 19 
HELX_P HELX_P4 AA4 PRO B 34 ? GLN B 45 ? PRO B 382 GLN B 393 1 ? 12 
# 
_struct_conf_type.id          HELX_P 
_struct_conf_type.criteria    ? 
_struct_conf_type.reference   ? 
# 
_struct_sheet.id               AA1 
_struct_sheet.type             ? 
_struct_sheet.number_strands   2 
_struct_sheet.details          ? 
# 
_struct_sheet_order.sheet_id     AA1 
_struct_sheet_order.range_id_1   1 
_struct_sheet_order.range_id_2   2 
_struct_sheet_order.offset       ? 
_struct_sheet_order.sense        anti-parallel 
# 
loop_
_struct_sheet_range.sheet_id 
_struct_sheet_range.id 
_struct_sheet_range.beg_label_comp_id 
_struct_sheet_range.beg_label_asym_id 
_struct_sheet_range.beg_label_seq_id 
_struct_sheet_range.pdbx_beg_PDB_ins_code 
_struct_sheet_range.end_label_comp_id 
_struct_sheet_range.end_label_asym_id 
_struct_sheet_range.end_label_seq_id 
_struct_sheet_range.pdbx_end_PDB_ins_code 
_struct_sheet_range.beg_auth_comp_id 
_struct_sheet_range.beg_auth_asym_id 
_struct_sheet_range.beg_auth_seq_id 
_struct_sheet_range.end_auth_comp_id 
_struct_sheet_range.end_auth_asym_id 
_struct_sheet_range.end_auth_seq_id 
AA1 1 TYR A 7 ? ARG A 12 ? TYR A 355 ARG A 360 
AA1 2 THR B 6 ? VAL B 11 ? THR B 354 VAL B 359 
# 
_pdbx_struct_sheet_hbond.sheet_id                AA1 
_pdbx_struct_sheet_hbond.range_id_1              1 
_pdbx_struct_sheet_hbond.range_id_2              2 
_pdbx_struct_sheet_hbond.range_1_label_atom_id   N 
_pdbx_struct_sheet_hbond.range_1_label_comp_id   VAL 
_pdbx_struct_sheet_hbond.range_1_label_asym_id   A 
_pdbx_struct_sheet_hbond.range_1_label_seq_id    11 
_pdbx_struct_sheet_hbond.range_1_PDB_ins_code    ? 
_pdbx_struct_sheet_hbond.range_1_auth_atom_id    N 
_pdbx_struct_sheet_hbond.range_1_auth_comp_id    VAL 
_pdbx_struct_sheet_hbond.range_1_auth_asym_id    A 
_pdbx_struct_sheet_hbond.range_1_auth_seq_id     359 
_pdbx_struct_sheet_hbond.range_2_label_atom_id   O 
_pdbx_struct_sheet_hbond.range_2_label_comp_id   TYR 
_pdbx_struct_sheet_hbond.range_2_label_asym_id   B 
_pdbx_struct_sheet_hbond.range_2_label_seq_id    7 
_pdbx_struct_sheet_hbond.range_2_PDB_ins_code    ? 
_pdbx_struct_sheet_hbond.range_2_auth_atom_id    O 
_pdbx_struct_sheet_hbond.range_2_auth_comp_id    TYR 
_pdbx_struct_sheet_hbond.range_2_auth_asym_id    B 
_pdbx_struct_sheet_hbond.range_2_auth_seq_id     355 
# 
_pdbx_validate_close_contact.id               1 
_pdbx_validate_close_contact.PDB_model_num    1 
_pdbx_validate_close_contact.auth_atom_id_1   HZ3 
_pdbx_validate_close_contact.auth_asym_id_1   A 
_pdbx_validate_close_contact.auth_comp_id_1   LYS 
_pdbx_validate_close_contact.auth_seq_id_1    372 
_pdbx_validate_close_contact.PDB_ins_code_1   ? 
_pdbx_validate_close_contact.label_alt_id_1   ? 
_pdbx_validate_close_contact.auth_atom_id_2   O 
_pdbx_validate_close_contact.auth_asym_id_2   B 
_pdbx_validate_close_contact.auth_comp_id_2   GLN 
_pdbx_validate_close_contact.auth_seq_id_2    358 
_pdbx_validate_close_contact.PDB_ins_code_2   ? 
_pdbx_validate_close_contact.label_alt_id_2   ? 
_pdbx_validate_close_contact.dist             1.60 
# 
_pdbx_validate_torsion.id              1 
_pdbx_validate_torsion.PDB_model_num   1 
_pdbx_validate_torsion.auth_comp_id    LEU 
_pdbx_validate_torsion.auth_asym_id    A 
_pdbx_validate_torsion.auth_seq_id     396 
_pdbx_validate_torsion.PDB_ins_code    ? 
_pdbx_validate_torsion.label_alt_id    ? 
_pdbx_validate_torsion.phi             -70.22 
_pdbx_validate_torsion.psi             -79.18 
# 
loop_
_pdbx_unobs_or_zero_occ_residues.id 
_pdbx_unobs_or_zero_occ_residues.PDB_model_num 
_pdbx_unobs_or_zero_occ_residues.polymer_flag 
_pdbx_unobs_or_zero_occ_residues.occupancy_flag 
_pdbx_unobs_or_zero_occ_residues.auth_asym_id 
_pdbx_unobs_or_zero_occ_residues.auth_comp_id 
_pdbx_unobs_or_zero_occ_residues.auth_seq_id 
_pdbx_unobs_or_zero_occ_residues.PDB_ins_code 
_pdbx_unobs_or_zero_occ_residues.label_asym_id 
_pdbx_unobs_or_zero_occ_residues.label_comp_id 
_pdbx_unobs_or_zero_occ_residues.label_seq_id 
1  1 Y 1 A GLY 349 ? A GLY 1  
2  1 Y 1 A SER 350 ? A SER 2  
3  1 Y 1 A ASP 351 ? A ASP 3  
4  1 Y 1 A GLU 352 ? A GLU 4  
5  1 Y 1 A ASP 353 ? A ASP 5  
6  1 Y 1 A ARG 398 ? A ARG 50 
7  1 Y 1 B GLY 349 ? B GLY 1  
8  1 Y 1 B SER 350 ? B SER 2  
9  1 Y 1 B LEU 395 ? B LEU 47 
10 1 Y 1 B LEU 396 ? B LEU 48 
11 1 Y 1 B GLN 397 ? B GLN 49 
12 1 Y 1 B ARG 398 ? B ARG 50 
# 
loop_
_chem_comp_atom.comp_id 
_chem_comp_atom.atom_id 
_chem_comp_atom.type_symbol 
_chem_comp_atom.pdbx_aromatic_flag 
_chem_comp_atom.pdbx_stereo_config 
_chem_comp_atom.pdbx_ordinal 
ARG N    N N N 1   
ARG CA   C N S 2   
ARG C    C N N 3   
ARG O    O N N 4   
ARG CB   C N N 5   
ARG CG   C N N 6   
ARG CD   C N N 7   
ARG NE   N N N 8   
ARG CZ   C N N 9   
ARG NH1  N N N 10  
ARG NH2  N N N 11  
ARG OXT  O N N 12  
ARG H    H N N 13  
ARG H2   H N N 14  
ARG HA   H N N 15  
ARG HB2  H N N 16  
ARG HB3  H N N 17  
ARG HG2  H N N 18  
ARG HG3  H N N 19  
ARG HD2  H N N 20  
ARG HD3  H N N 21  
ARG HE   H N N 22  
ARG HH11 H N N 23  
ARG HH12 H N N 24  
ARG HH21 H N N 25  
ARG HH22 H N N 26  
ARG HXT  H N N 27  
ASN N    N N N 28  
ASN CA   C N S 29  
ASN C    C N N 30  
ASN O    O N N 31  
ASN CB   C N N 32  
ASN CG   C N N 33  
ASN OD1  O N N 34  
ASN ND2  N N N 35  
ASN OXT  O N N 36  
ASN H    H N N 37  
ASN H2   H N N 38  
ASN HA   H N N 39  
ASN HB2  H N N 40  
ASN HB3  H N N 41  
ASN HD21 H N N 42  
ASN HD22 H N N 43  
ASN HXT  H N N 44  
ASP N    N N N 45  
ASP CA   C N S 46  
ASP C    C N N 47  
ASP O    O N N 48  
ASP CB   C N N 49  
ASP CG   C N N 50  
ASP OD1  O N N 51  
ASP OD2  O N N 52  
ASP OXT  O N N 53  
ASP H    H N N 54  
ASP H2   H N N 55  
ASP HA   H N N 56  
ASP HB2  H N N 57  
ASP HB3  H N N 58  
ASP HD2  H N N 59  
ASP HXT  H N N 60  
GLN N    N N N 61  
GLN CA   C N S 62  
GLN C    C N N 63  
GLN O    O N N 64  
GLN CB   C N N 65  
GLN CG   C N N 66  
GLN CD   C N N 67  
GLN OE1  O N N 68  
GLN NE2  N N N 69  
GLN OXT  O N N 70  
GLN H    H N N 71  
GLN H2   H N N 72  
GLN HA   H N N 73  
GLN HB2  H N N 74  
GLN HB3  H N N 75  
GLN HG2  H N N 76  
GLN HG3  H N N 77  
GLN HE21 H N N 78  
GLN HE22 H N N 79  
GLN HXT  H N N 80  
GLU N    N N N 81  
GLU CA   C N S 82  
GLU C    C N N 83  
GLU O    O N N 84  
GLU CB   C N N 85  
GLU CG   C N N 86  
GLU CD   C N N 87  
GLU OE1  O N N 88  
GLU OE2  O N N 89  
GLU OXT  O N N 90  
GLU H    H N N 91  
GLU H2   H N N 92  
GLU HA   H N N 93  
GLU HB2  H N N 94  
GLU HB3  H N N 95  
GLU HG2  H N N 96  
GLU HG3  H N N 97  
GLU HE2  H N N 98  
GLU HXT  H N N 99  
GLY N    N N N 100 
GLY CA   C N N 101 
GLY C    C N N 102 
GLY O    O N N 103 
GLY OXT  O N N 104 
GLY H    H N N 105 
GLY H2   H N N 106 
GLY HA2  H N N 107 
GLY HA3  H N N 108 
GLY HXT  H N N 109 
HOH O    O N N 110 
HOH H1   H N N 111 
HOH H2   H N N 112 
ILE N    N N N 113 
ILE CA   C N S 114 
ILE C    C N N 115 
ILE O    O N N 116 
ILE CB   C N S 117 
ILE CG1  C N N 118 
ILE CG2  C N N 119 
ILE CD1  C N N 120 
ILE OXT  O N N 121 
ILE H    H N N 122 
ILE H2   H N N 123 
ILE HA   H N N 124 
ILE HB   H N N 125 
ILE HG12 H N N 126 
ILE HG13 H N N 127 
ILE HG21 H N N 128 
ILE HG22 H N N 129 
ILE HG23 H N N 130 
ILE HD11 H N N 131 
ILE HD12 H N N 132 
ILE HD13 H N N 133 
ILE HXT  H N N 134 
LEU N    N N N 135 
LEU CA   C N S 136 
LEU C    C N N 137 
LEU O    O N N 138 
LEU CB   C N N 139 
LEU CG   C N N 140 
LEU CD1  C N N 141 
LEU CD2  C N N 142 
LEU OXT  O N N 143 
LEU H    H N N 144 
LEU H2   H N N 145 
LEU HA   H N N 146 
LEU HB2  H N N 147 
LEU HB3  H N N 148 
LEU HG   H N N 149 
LEU HD11 H N N 150 
LEU HD12 H N N 151 
LEU HD13 H N N 152 
LEU HD21 H N N 153 
LEU HD22 H N N 154 
LEU HD23 H N N 155 
LEU HXT  H N N 156 
LYS N    N N N 157 
LYS CA   C N S 158 
LYS C    C N N 159 
LYS O    O N N 160 
LYS CB   C N N 161 
LYS CG   C N N 162 
LYS CD   C N N 163 
LYS CE   C N N 164 
LYS NZ   N N N 165 
LYS OXT  O N N 166 
LYS H    H N N 167 
LYS H2   H N N 168 
LYS HA   H N N 169 
LYS HB2  H N N 170 
LYS HB3  H N N 171 
LYS HG2  H N N 172 
LYS HG3  H N N 173 
LYS HD2  H N N 174 
LYS HD3  H N N 175 
LYS HE2  H N N 176 
LYS HE3  H N N 177 
LYS HZ1  H N N 178 
LYS HZ2  H N N 179 
LYS HZ3  H N N 180 
LYS HXT  H N N 181 
MET N    N N N 182 
MET CA   C N S 183 
MET C    C N N 184 
MET O    O N N 185 
MET CB   C N N 186 
MET CG   C N N 187 
MET SD   S N N 188 
MET CE   C N N 189 
MET OXT  O N N 190 
MET H    H N N 191 
MET H2   H N N 192 
MET HA   H N N 193 
MET HB2  H N N 194 
MET HB3  H N N 195 
MET HG2  H N N 196 
MET HG3  H N N 197 
MET HE1  H N N 198 
MET HE2  H N N 199 
MET HE3  H N N 200 
MET HXT  H N N 201 
PHE N    N N N 202 
PHE CA   C N S 203 
PHE C    C N N 204 
PHE O    O N N 205 
PHE CB   C N N 206 
PHE CG   C Y N 207 
PHE CD1  C Y N 208 
PHE CD2  C Y N 209 
PHE CE1  C Y N 210 
PHE CE2  C Y N 211 
PHE CZ   C Y N 212 
PHE OXT  O N N 213 
PHE H    H N N 214 
PHE H2   H N N 215 
PHE HA   H N N 216 
PHE HB2  H N N 217 
PHE HB3  H N N 218 
PHE HD1  H N N 219 
PHE HD2  H N N 220 
PHE HE1  H N N 221 
PHE HE2  H N N 222 
PHE HZ   H N N 223 
PHE HXT  H N N 224 
PRO N    N N N 225 
PRO CA   C N S 226 
PRO C    C N N 227 
PRO O    O N N 228 
PRO CB   C N N 229 
PRO CG   C N N 230 
PRO CD   C N N 231 
PRO OXT  O N N 232 
PRO H    H N N 233 
PRO HA   H N N 234 
PRO HB2  H N N 235 
PRO HB3  H N N 236 
PRO HG2  H N N 237 
PRO HG3  H N N 238 
PRO HD2  H N N 239 
PRO HD3  H N N 240 
PRO HXT  H N N 241 
SER N    N N N 242 
SER CA   C N S 243 
SER C    C N N 244 
SER O    O N N 245 
SER CB   C N N 246 
SER OG   O N N 247 
SER OXT  O N N 248 
SER H    H N N 249 
SER H2   H N N 250 
SER HA   H N N 251 
SER HB2  H N N 252 
SER HB3  H N N 253 
SER HG   H N N 254 
SER HXT  H N N 255 
THR N    N N N 256 
THR CA   C N S 257 
THR C    C N N 258 
THR O    O N N 259 
THR CB   C N R 260 
THR OG1  O N N 261 
THR CG2  C N N 262 
THR OXT  O N N 263 
THR H    H N N 264 
THR H2   H N N 265 
THR HA   H N N 266 
THR HB   H N N 267 
THR HG1  H N N 268 
THR HG21 H N N 269 
THR HG22 H N N 270 
THR HG23 H N N 271 
THR HXT  H N N 272 
TYR N    N N N 273 
TYR CA   C N S 274 
TYR C    C N N 275 
TYR O    O N N 276 
TYR CB   C N N 277 
TYR CG   C Y N 278 
TYR CD1  C Y N 279 
TYR CD2  C Y N 280 
TYR CE1  C Y N 281 
TYR CE2  C Y N 282 
TYR CZ   C Y N 283 
TYR OH   O N N 284 
TYR OXT  O N N 285 
TYR H    H N N 286 
TYR H2   H N N 287 
TYR HA   H N N 288 
TYR HB2  H N N 289 
TYR HB3  H N N 290 
TYR HD1  H N N 291 
TYR HD2  H N N 292 
TYR HE1  H N N 293 
TYR HE2  H N N 294 
TYR HH   H N N 295 
TYR HXT  H N N 296 
VAL N    N N N 297 
VAL CA   C N S 298 
VAL C    C N N 299 
VAL O    O N N 300 
VAL CB   C N N 301 
VAL CG1  C N N 302 
VAL CG2  C N N 303 
VAL OXT  O N N 304 
VAL H    H N N 305 
VAL H2   H N N 306 
VAL HA   H N N 307 
VAL HB   H N N 308 
VAL HG11 H N N 309 
VAL HG12 H N N 310 
VAL HG13 H N N 311 
VAL HG21 H N N 312 
VAL HG22 H N N 313 
VAL HG23 H N N 314 
VAL HXT  H N N 315 
# 
loop_
_chem_comp_bond.comp_id 
_chem_comp_bond.atom_id_1 
_chem_comp_bond.atom_id_2 
_chem_comp_bond.value_order 
_chem_comp_bond.pdbx_aromatic_flag 
_chem_comp_bond.pdbx_stereo_config 
_chem_comp_bond.pdbx_ordinal 
ARG N   CA   sing N N 1   
ARG N   H    sing N N 2   
ARG N   H2   sing N N 3   
ARG CA  C    sing N N 4   
ARG CA  CB   sing N N 5   
ARG CA  HA   sing N N 6   
ARG C   O    doub N N 7   
ARG C   OXT  sing N N 8   
ARG CB  CG   sing N N 9   
ARG CB  HB2  sing N N 10  
ARG CB  HB3  sing N N 11  
ARG CG  CD   sing N N 12  
ARG CG  HG2  sing N N 13  
ARG CG  HG3  sing N N 14  
ARG CD  NE   sing N N 15  
ARG CD  HD2  sing N N 16  
ARG CD  HD3  sing N N 17  
ARG NE  CZ   sing N N 18  
ARG NE  HE   sing N N 19  
ARG CZ  NH1  sing N N 20  
ARG CZ  NH2  doub N N 21  
ARG NH1 HH11 sing N N 22  
ARG NH1 HH12 sing N N 23  
ARG NH2 HH21 sing N N 24  
ARG NH2 HH22 sing N N 25  
ARG OXT HXT  sing N N 26  
ASN N   CA   sing N N 27  
ASN N   H    sing N N 28  
ASN N   H2   sing N N 29  
ASN CA  C    sing N N 30  
ASN CA  CB   sing N N 31  
ASN CA  HA   sing N N 32  
ASN C   O    doub N N 33  
ASN C   OXT  sing N N 34  
ASN CB  CG   sing N N 35  
ASN CB  HB2  sing N N 36  
ASN CB  HB3  sing N N 37  
ASN CG  OD1  doub N N 38  
ASN CG  ND2  sing N N 39  
ASN ND2 HD21 sing N N 40  
ASN ND2 HD22 sing N N 41  
ASN OXT HXT  sing N N 42  
ASP N   CA   sing N N 43  
ASP N   H    sing N N 44  
ASP N   H2   sing N N 45  
ASP CA  C    sing N N 46  
ASP CA  CB   sing N N 47  
ASP CA  HA   sing N N 48  
ASP C   O    doub N N 49  
ASP C   OXT  sing N N 50  
ASP CB  CG   sing N N 51  
ASP CB  HB2  sing N N 52  
ASP CB  HB3  sing N N 53  
ASP CG  OD1  doub N N 54  
ASP CG  OD2  sing N N 55  
ASP OD2 HD2  sing N N 56  
ASP OXT HXT  sing N N 57  
GLN N   CA   sing N N 58  
GLN N   H    sing N N 59  
GLN N   H2   sing N N 60  
GLN CA  C    sing N N 61  
GLN CA  CB   sing N N 62  
GLN CA  HA   sing N N 63  
GLN C   O    doub N N 64  
GLN C   OXT  sing N N 65  
GLN CB  CG   sing N N 66  
GLN CB  HB2  sing N N 67  
GLN CB  HB3  sing N N 68  
GLN CG  CD   sing N N 69  
GLN CG  HG2  sing N N 70  
GLN CG  HG3  sing N N 71  
GLN CD  OE1  doub N N 72  
GLN CD  NE2  sing N N 73  
GLN NE2 HE21 sing N N 74  
GLN NE2 HE22 sing N N 75  
GLN OXT HXT  sing N N 76  
GLU N   CA   sing N N 77  
GLU N   H    sing N N 78  
GLU N   H2   sing N N 79  
GLU CA  C    sing N N 80  
GLU CA  CB   sing N N 81  
GLU CA  HA   sing N N 82  
GLU C   O    doub N N 83  
GLU C   OXT  sing N N 84  
GLU CB  CG   sing N N 85  
GLU CB  HB2  sing N N 86  
GLU CB  HB3  sing N N 87  
GLU CG  CD   sing N N 88  
GLU CG  HG2  sing N N 89  
GLU CG  HG3  sing N N 90  
GLU CD  OE1  doub N N 91  
GLU CD  OE2  sing N N 92  
GLU OE2 HE2  sing N N 93  
GLU OXT HXT  sing N N 94  
GLY N   CA   sing N N 95  
GLY N   H    sing N N 96  
GLY N   H2   sing N N 97  
GLY CA  C    sing N N 98  
GLY CA  HA2  sing N N 99  
GLY CA  HA3  sing N N 100 
GLY C   O    doub N N 101 
GLY C   OXT  sing N N 102 
GLY OXT HXT  sing N N 103 
HOH O   H1   sing N N 104 
HOH O   H2   sing N N 105 
ILE N   CA   sing N N 106 
ILE N   H    sing N N 107 
ILE N   H2   sing N N 108 
ILE CA  C    sing N N 109 
ILE CA  CB   sing N N 110 
ILE CA  HA   sing N N 111 
ILE C   O    doub N N 112 
ILE C   OXT  sing N N 113 
ILE CB  CG1  sing N N 114 
ILE CB  CG2  sing N N 115 
ILE CB  HB   sing N N 116 
ILE CG1 CD1  sing N N 117 
ILE CG1 HG12 sing N N 118 
ILE CG1 HG13 sing N N 119 
ILE CG2 HG21 sing N N 120 
ILE CG2 HG22 sing N N 121 
ILE CG2 HG23 sing N N 122 
ILE CD1 HD11 sing N N 123 
ILE CD1 HD12 sing N N 124 
ILE CD1 HD13 sing N N 125 
ILE OXT HXT  sing N N 126 
LEU N   CA   sing N N 127 
LEU N   H    sing N N 128 
LEU N   H2   sing N N 129 
LEU CA  C    sing N N 130 
LEU CA  CB   sing N N 131 
LEU CA  HA   sing N N 132 
LEU C   O    doub N N 133 
LEU C   OXT  sing N N 134 
LEU CB  CG   sing N N 135 
LEU CB  HB2  sing N N 136 
LEU CB  HB3  sing N N 137 
LEU CG  CD1  sing N N 138 
LEU CG  CD2  sing N N 139 
LEU CG  HG   sing N N 140 
LEU CD1 HD11 sing N N 141 
LEU CD1 HD12 sing N N 142 
LEU CD1 HD13 sing N N 143 
LEU CD2 HD21 sing N N 144 
LEU CD2 HD22 sing N N 145 
LEU CD2 HD23 sing N N 146 
LEU OXT HXT  sing N N 147 
LYS N   CA   sing N N 148 
LYS N   H    sing N N 149 
LYS N   H2   sing N N 150 
LYS CA  C    sing N N 151 
LYS CA  CB   sing N N 152 
LYS CA  HA   sing N N 153 
LYS C   O    doub N N 154 
LYS C   OXT  sing N N 155 
LYS CB  CG   sing N N 156 
LYS CB  HB2  sing N N 157 
LYS CB  HB3  sing N N 158 
LYS CG  CD   sing N N 159 
LYS CG  HG2  sing N N 160 
LYS CG  HG3  sing N N 161 
LYS CD  CE   sing N N 162 
LYS CD  HD2  sing N N 163 
LYS CD  HD3  sing N N 164 
LYS CE  NZ   sing N N 165 
LYS CE  HE2  sing N N 166 
LYS CE  HE3  sing N N 167 
LYS NZ  HZ1  sing N N 168 
LYS NZ  HZ2  sing N N 169 
LYS NZ  HZ3  sing N N 170 
LYS OXT HXT  sing N N 171 
MET N   CA   sing N N 172 
MET N   H    sing N N 173 
MET N   H2   sing N N 174 
MET CA  C    sing N N 175 
MET CA  CB   sing N N 176 
MET CA  HA   sing N N 177 
MET C   O    doub N N 178 
MET C   OXT  sing N N 179 
MET CB  CG   sing N N 180 
MET CB  HB2  sing N N 181 
MET CB  HB3  sing N N 182 
MET CG  SD   sing N N 183 
MET CG  HG2  sing N N 184 
MET CG  HG3  sing N N 185 
MET SD  CE   sing N N 186 
MET CE  HE1  sing N N 187 
MET CE  HE2  sing N N 188 
MET CE  HE3  sing N N 189 
MET OXT HXT  sing N N 190 
PHE N   CA   sing N N 191 
PHE N   H    sing N N 192 
PHE N   H2   sing N N 193 
PHE CA  C    sing N N 194 
PHE CA  CB   sing N N 195 
PHE CA  HA   sing N N 196 
PHE C   O    doub N N 197 
PHE C   OXT  sing N N 198 
PHE CB  CG   sing N N 199 
PHE CB  HB2  sing N N 200 
PHE CB  HB3  sing N N 201 
PHE CG  CD1  doub Y N 202 
PHE CG  CD2  sing Y N 203 
PHE CD1 CE1  sing Y N 204 
PHE CD1 HD1  sing N N 205 
PHE CD2 CE2  doub Y N 206 
PHE CD2 HD2  sing N N 207 
PHE CE1 CZ   doub Y N 208 
PHE CE1 HE1  sing N N 209 
PHE CE2 CZ   sing Y N 210 
PHE CE2 HE2  sing N N 211 
PHE CZ  HZ   sing N N 212 
PHE OXT HXT  sing N N 213 
PRO N   CA   sing N N 214 
PRO N   CD   sing N N 215 
PRO N   H    sing N N 216 
PRO CA  C    sing N N 217 
PRO CA  CB   sing N N 218 
PRO CA  HA   sing N N 219 
PRO C   O    doub N N 220 
PRO C   OXT  sing N N 221 
PRO CB  CG   sing N N 222 
PRO CB  HB2  sing N N 223 
PRO CB  HB3  sing N N 224 
PRO CG  CD   sing N N 225 
PRO CG  HG2  sing N N 226 
PRO CG  HG3  sing N N 227 
PRO CD  HD2  sing N N 228 
PRO CD  HD3  sing N N 229 
PRO OXT HXT  sing N N 230 
SER N   CA   sing N N 231 
SER N   H    sing N N 232 
SER N   H2   sing N N 233 
SER CA  C    sing N N 234 
SER CA  CB   sing N N 235 
SER CA  HA   sing N N 236 
SER C   O    doub N N 237 
SER C   OXT  sing N N 238 
SER CB  OG   sing N N 239 
SER CB  HB2  sing N N 240 
SER CB  HB3  sing N N 241 
SER OG  HG   sing N N 242 
SER OXT HXT  sing N N 243 
THR N   CA   sing N N 244 
THR N   H    sing N N 245 
THR N   H2   sing N N 246 
THR CA  C    sing N N 247 
THR CA  CB   sing N N 248 
THR CA  HA   sing N N 249 
THR C   O    doub N N 250 
THR C   OXT  sing N N 251 
THR CB  OG1  sing N N 252 
THR CB  CG2  sing N N 253 
THR CB  HB   sing N N 254 
THR OG1 HG1  sing N N 255 
THR CG2 HG21 sing N N 256 
THR CG2 HG22 sing N N 257 
THR CG2 HG23 sing N N 258 
THR OXT HXT  sing N N 259 
TYR N   CA   sing N N 260 
TYR N   H    sing N N 261 
TYR N   H2   sing N N 262 
TYR CA  C    sing N N 263 
TYR CA  CB   sing N N 264 
TYR CA  HA   sing N N 265 
TYR C   O    doub N N 266 
TYR C   OXT  sing N N 267 
TYR CB  CG   sing N N 268 
TYR CB  HB2  sing N N 269 
TYR CB  HB3  sing N N 270 
TYR CG  CD1  doub Y N 271 
TYR CG  CD2  sing Y N 272 
TYR CD1 CE1  sing Y N 273 
TYR CD1 HD1  sing N N 274 
TYR CD2 CE2  doub Y N 275 
TYR CD2 HD2  sing N N 276 
TYR CE1 CZ   doub Y N 277 
TYR CE1 HE1  sing N N 278 
TYR CE2 CZ   sing Y N 279 
TYR CE2 HE2  sing N N 280 
TYR CZ  OH   sing N N 281 
TYR OH  HH   sing N N 282 
TYR OXT HXT  sing N N 283 
VAL N   CA   sing N N 284 
VAL N   H    sing N N 285 
VAL N   H2   sing N N 286 
VAL CA  C    sing N N 287 
VAL CA  CB   sing N N 288 
VAL CA  HA   sing N N 289 
VAL C   O    doub N N 290 
VAL C   OXT  sing N N 291 
VAL CB  CG1  sing N N 292 
VAL CB  CG2  sing N N 293 
VAL CB  HB   sing N N 294 
VAL CG1 HG11 sing N N 295 
VAL CG1 HG12 sing N N 296 
VAL CG1 HG13 sing N N 297 
VAL CG2 HG21 sing N N 298 
VAL CG2 HG22 sing N N 299 
VAL CG2 HG23 sing N N 300 
VAL OXT HXT  sing N N 301 
# 
_pdbx_initial_refinement_model.id               1 
_pdbx_initial_refinement_model.entity_id_list   ? 
_pdbx_initial_refinement_model.type             'experimental model' 
_pdbx_initial_refinement_model.source_name      PDB 
_pdbx_initial_refinement_model.accession_code   2WQI 
_pdbx_initial_refinement_model.details          ? 
# 
_atom_sites.entry_id                    5HOC 
_atom_sites.fract_transf_matrix[1][1]   -0.00977505 
_atom_sites.fract_transf_matrix[1][2]   -0.01184304 
_atom_sites.fract_transf_matrix[1][3]   -0.00637036 
_atom_sites.fract_transf_matrix[2][1]   -0.01300276 
_atom_sites.fract_transf_matrix[2][2]   0.00631491 
_atom_sites.fract_transf_matrix[2][3]   0.00821223 
_atom_sites.fract_transf_matrix[3][1]   -0.00335152 
_atom_sites.fract_transf_matrix[3][2]   0.00958553 
_atom_sites.fract_transf_matrix[3][3]   -0.01267753 
_atom_sites.fract_transf_vector[1]      -0.262477 
_atom_sites.fract_transf_vector[2]      -0.295333 
_atom_sites.fract_transf_vector[3]      -0.022282 
# 
loop_
_atom_type.symbol 
C 
H 
N 
O 
S 
# 
loop_
_atom_site.group_PDB 
_atom_site.id 
_atom_site.type_symbol 
_atom_site.label_atom_id 
_atom_site.label_alt_id 
_atom_site.label_comp_id 
_atom_site.label_asym_id 
_atom_site.label_entity_id 
_atom_site.label_seq_id 
_atom_site.pdbx_PDB_ins_code 
_atom_site.Cartn_x 
_atom_site.Cartn_y 
_atom_site.Cartn_z 
_atom_site.occupancy 
_atom_site.B_iso_or_equiv 
_atom_site.pdbx_formal_charge 
_atom_site.auth_seq_id 
_atom_site.auth_comp_id 
_atom_site.auth_asym_id 
_atom_site.auth_atom_id 
_atom_site.pdbx_PDB_model_num 
ATOM   1    N N    . THR A 1 6  ? 10.33061  -12.16662 -7.80010  1.000 47.87836 ? 354 THR A N    1 
ATOM   2    C CA   . THR A 1 6  ? 9.15666   -12.28254 -6.94059  1.000 53.87351 ? 354 THR A CA   1 
ATOM   3    C C    . THR A 1 6  ? 9.55667   -12.39866 -5.46812  1.000 55.69477 ? 354 THR A C    1 
ATOM   4    O O    . THR A 1 6  ? 10.53876  -13.06185 -5.13224  1.000 45.77186 ? 354 THR A O    1 
ATOM   5    C CB   . THR A 1 6  ? 8.29234   -13.51317 -7.30875  1.000 55.93043 ? 354 THR A CB   1 
ATOM   6    O OG1  . THR A 1 6  ? 9.08453   -14.70549 -7.23102  1.000 57.18988 ? 354 THR A OG1  1 
ATOM   7    C CG2  . THR A 1 6  ? 7.70769   -13.37492 -8.71094  1.000 54.14306 ? 354 THR A CG2  1 
ATOM   8    H H    . THR A 1 6  ? 11.07859  -12.20027 -7.37702  1.000 57.45403 ? 354 THR A H    1 
ATOM   9    H HA   . THR A 1 6  ? 8.60934   -11.48824 -7.04273  1.000 64.64821 ? 354 THR A HA   1 
ATOM   10   H HB   . THR A 1 6  ? 7.55556   -13.58139 -6.68153  1.000 67.11651 ? 354 THR A HB   1 
ATOM   11   H HG1  . THR A 1 6  ? 9.73138   -14.65595 -7.76463  1.000 68.62786 ? 354 THR A HG1  1 
ATOM   12   H HG21 . THR A 1 6  ? 7.17013   -14.15374 -8.92397  1.000 64.97168 ? 354 THR A HG21 1 
ATOM   13   H HG22 . THR A 1 6  ? 7.14934   -12.58327 -8.76047  1.000 64.97168 ? 354 THR A HG22 1 
ATOM   14   H HG23 . THR A 1 6  ? 8.42270   -13.29769 -9.36185  1.000 64.97168 ? 354 THR A HG23 1 
ATOM   15   N N    . TYR A 1 7  ? 8.78401   -11.75071 -4.59321  1.000 39.28816 ? 355 TYR A N    1 
ATOM   16   C CA   . TYR A 1 7  ? 8.98990   -11.82790 -3.15418  1.000 39.86463 ? 355 TYR A CA   1 
ATOM   17   C C    . TYR A 1 7  ? 7.67726   -12.16215 -2.46235  1.000 32.50032 ? 355 TYR A C    1 
ATOM   18   O O    . TYR A 1 7  ? 6.59510   -11.81834 -2.94486  1.000 37.17092 ? 355 TYR A O    1 
ATOM   19   C CB   . TYR A 1 7  ? 9.47046   -10.49523 -2.57959  1.000 37.98871 ? 355 TYR A CB   1 
ATOM   20   C CG   . TYR A 1 7  ? 10.72332  -9.94255  -3.22383  1.000 37.93416 ? 355 TYR A CG   1 
ATOM   21   C CD1  . TYR A 1 7  ? 10.66969  -9.30352  -4.45603  1.000 38.92324 ? 355 TYR A CD1  1 
ATOM   22   C CD2  . TYR A 1 7  ? 11.94819  -10.03507 -2.58508  1.000 39.97050 ? 355 TYR A CD2  1 
ATOM   23   C CE1  . TYR A 1 7  ? 11.80461  -8.78622  -5.04180  1.000 48.55050 ? 355 TYR A CE1  1 
ATOM   24   C CE2  . TYR A 1 7  ? 13.09503  -9.52435  -3.16311  1.000 44.94925 ? 355 TYR A CE2  1 
ATOM   25   C CZ   . TYR A 1 7  ? 13.01592  -8.89840  -4.39087  1.000 47.74950 ? 355 TYR A CZ   1 
ATOM   26   O OH   . TYR A 1 7  ? 14.15366  -8.38343  -4.97108  1.000 63.97570 ? 355 TYR A OH   1 
ATOM   27   H H    . TYR A 1 7  ? 8.12147   -11.25082 -4.81851  1.000 47.14580 ? 355 TYR A H    1 
ATOM   28   H HA   . TYR A 1 7  ? 9.64160   -12.51593 -2.94731  1.000 47.83756 ? 355 TYR A HA   1 
ATOM   29   H HB2  . TYR A 1 7  ? 8.76698   -9.83731  -2.69421  1.000 45.58645 ? 355 TYR A HB2  1 
ATOM   30   H HB3  . TYR A 1 7  ? 9.65452   -10.61419 -1.63467  1.000 45.58645 ? 355 TYR A HB3  1 
ATOM   31   H HD1  . TYR A 1 7  ? 9.85372   -9.22732  -4.89567  1.000 46.70789 ? 355 TYR A HD1  1 
ATOM   32   H HD2  . TYR A 1 7  ? 12.00186  -10.45689 -1.75798  1.000 47.96461 ? 355 TYR A HD2  1 
ATOM   33   H HE1  . TYR A 1 7  ? 11.75459  -8.36546  -5.86966  1.000 58.26061 ? 355 TYR A HE1  1 
ATOM   34   H HE2  . TYR A 1 7  ? 13.91257  -9.59677  -2.72575  1.000 53.93910 ? 355 TYR A HE2  1 
ATOM   35   H HH   . TYR A 1 7  ? 14.81652  -8.51862  -4.47314  1.000 76.77084 ? 355 TYR A HH   1 
ATOM   36   N N    . TYR A 1 8  ? 7.78844   -12.81494 -1.31249  1.000 26.66018 ? 356 TYR A N    1 
ATOM   37   C CA   . TYR A 1 8  ? 6.64321   -13.05469 -0.45405  1.000 29.57269 ? 356 TYR A CA   1 
ATOM   38   C C    . TYR A 1 8  ? 6.65085   -12.04362 0.67240   1.000 28.14985 ? 356 TYR A C    1 
ATOM   39   O O    . TYR A 1 8  ? 7.70942   -11.57358 1.09946   1.000 28.10630 ? 356 TYR A O    1 
ATOM   40   C CB   . TYR A 1 8  ? 6.67544   -14.45167 0.16115   1.000 28.66376 ? 356 TYR A CB   1 
ATOM   41   C CG   . TYR A 1 8  ? 6.09235   -15.51800 -0.73458  1.000 29.89309 ? 356 TYR A CG   1 
ATOM   42   C CD1  . TYR A 1 8  ? 6.89148   -16.19781 -1.64371  1.000 30.68932 ? 356 TYR A CD1  1 
ATOM   43   C CD2  . TYR A 1 8  ? 4.73927   -15.82825 -0.68652  1.000 28.84100 ? 356 TYR A CD2  1 
ATOM   44   C CE1  . TYR A 1 8  ? 6.36103   -17.17669 -2.46664  1.000 30.50621 ? 356 TYR A CE1  1 
ATOM   45   C CE2  . TYR A 1 8  ? 4.20051   -16.80443 -1.50004  1.000 36.09757 ? 356 TYR A CE2  1 
ATOM   46   C CZ   . TYR A 1 8  ? 5.01166   -17.46909 -2.38904  1.000 32.75343 ? 356 TYR A CZ   1 
ATOM   47   O OH   . TYR A 1 8  ? 4.47243   -18.44128 -3.20093  1.000 35.13828 ? 356 TYR A OH   1 
ATOM   48   H H    . TYR A 1 8  ? 8.52668   -13.13194 -1.00570  1.000 31.99221 ? 356 TYR A H    1 
ATOM   49   H HA   . TYR A 1 8  ? 5.82290   -12.95360 -0.96176  1.000 35.48722 ? 356 TYR A HA   1 
ATOM   50   H HB2  . TYR A 1 8  ? 7.59681   -14.69094 0.34755   1.000 34.39651 ? 356 TYR A HB2  1 
ATOM   51   H HB3  . TYR A 1 8  ? 6.16395   -14.44314 0.98530   1.000 34.39651 ? 356 TYR A HB3  1 
ATOM   52   H HD1  . TYR A 1 8  ? 7.79922   -16.00143 -1.69196  1.000 36.82719 ? 356 TYR A HD1  1 
ATOM   53   H HD2  . TYR A 1 8  ? 4.18965   -15.38184 -0.08359  1.000 34.60920 ? 356 TYR A HD2  1 
ATOM   54   H HE1  . TYR A 1 8  ? 6.90602   -17.63040 -3.06834  1.000 36.60745 ? 356 TYR A HE1  1 
ATOM   55   H HE2  . TYR A 1 8  ? 3.29363   -17.00512 -1.45321  1.000 43.31708 ? 356 TYR A HE2  1 
ATOM   56   H HH   . TYR A 1 8  ? 3.64921   -18.51617 -3.05161  1.000 42.16594 ? 356 TYR A HH   1 
ATOM   57   N N    . LEU A 1 9  ? 5.45414   -11.70575 1.13290   1.000 23.89538 ? 357 LEU A N    1 
ATOM   58   C CA   . LEU A 1 9  ? 5.28289   -11.11673 2.44312   1.000 24.12835 ? 357 LEU A CA   1 
ATOM   59   C C    . LEU A 1 9  ? 4.03838   -11.70470 3.07628   1.000 23.48525 ? 357 LEU A C    1 
ATOM   60   O O    . LEU A 1 9  ? 3.19627   -12.31960 2.41336   1.000 22.38509 ? 357 LEU A O    1 
ATOM   61   C CB   . LEU A 1 9  ? 5.25656   -9.58406  2.42321   1.000 30.06552 ? 357 LEU A CB   1 
ATOM   62   C CG   . LEU A 1 9  ? 4.13806   -8.87040  1.68131   1.000 25.87749 ? 357 LEU A CG   1 
ATOM   63   C CD1  . LEU A 1 9  ? 2.80962   -8.91716  2.41514   1.000 37.08806 ? 357 LEU A CD1  1 
ATOM   64   C CD2  . LEU A 1 9  ? 4.52563   -7.40991  1.47706   1.000 28.44357 ? 357 LEU A CD2  1 
ATOM   65   H H    . LEU A 1 9  ? 4.71989   -11.81040 0.69754   1.000 28.67445 ? 357 LEU A H    1 
ATOM   66   H HA   . LEU A 1 9  ? 6.03643   -11.38120 2.99370   1.000 28.95402 ? 357 LEU A HA   1 
ATOM   67   H HB2  . LEU A 1 9  ? 5.21804   -9.27923  3.34326   1.000 36.07863 ? 357 LEU A HB2  1 
ATOM   68   H HB3  . LEU A 1 9  ? 6.08908   -9.28136  2.02802   1.000 36.07863 ? 357 LEU A HB3  1 
ATOM   69   H HG   . LEU A 1 9  ? 4.01938   -9.27889  0.80955   1.000 31.05299 ? 357 LEU A HG   1 
ATOM   70   H HD11 . LEU A 1 9  ? 2.14303   -8.44636  1.89084   1.000 44.50567 ? 357 LEU A HD11 1 
ATOM   71   H HD12 . LEU A 1 9  ? 2.54605   -9.84340  2.53136   1.000 44.50567 ? 357 LEU A HD12 1 
ATOM   72   H HD13 . LEU A 1 9  ? 2.91219   -8.49087  3.28039   1.000 44.50567 ? 357 LEU A HD13 1 
ATOM   73   H HD21 . LEU A 1 9  ? 3.81032   -6.95711  1.00356   1.000 34.13229 ? 357 LEU A HD21 1 
ATOM   74   H HD22 . LEU A 1 9  ? 4.66328   -6.99607  2.34348   1.000 34.13229 ? 357 LEU A HD22 1 
ATOM   75   H HD23 . LEU A 1 9  ? 5.34376   -7.37050  0.95741   1.000 34.13229 ? 357 LEU A HD23 1 
ATOM   76   N N    . GLN A 1 10 ? 3.94640   -11.53169 4.36961   1.000 19.13142 ? 358 GLN A N    1 
ATOM   77   C CA   . GLN A 1 10 ? 2.83609   -12.00968 5.15972   1.000 21.03231 ? 358 GLN A CA   1 
ATOM   78   C C    . GLN A 1 10 ? 2.27752   -10.80171 5.88612   1.000 21.68950 ? 358 GLN A C    1 
ATOM   79   O O    . GLN A 1 10 ? 3.03751   -9.96018  6.37647   1.000 25.40923 ? 358 GLN A O    1 
ATOM   80   C CB   . GLN A 1 10 ? 3.31096   -13.04677 6.16676   1.000 27.36601 ? 358 GLN A CB   1 
ATOM   81   C CG   . GLN A 1 10 ? 2.22241   -13.78452 6.88661   1.000 37.91217 ? 358 GLN A CG   1 
ATOM   82   C CD   . GLN A 1 10 ? 2.71742   -15.11228 7.42298   1.000 47.87318 ? 358 GLN A CD   1 
ATOM   83   O OE1  . GLN A 1 10 ? 3.88869   -15.24942 7.78821   1.000 45.21056 ? 358 GLN A OE1  1 
ATOM   84   N NE2  . GLN A 1 10 ? 1.83679   -16.10383 7.45025   1.000 34.77892 ? 358 GLN A NE2  1 
ATOM   85   H H    A GLN A 1 10 ? 4.54114   -11.12156 4.83618   0.730 22.95771 ? 358 GLN A H    1 
ATOM   86   H H    B GLN A 1 10 ? 4.54114   -11.12156 4.83618   0.270 22.95771 ? 358 GLN A H    1 
ATOM   87   H HA   . GLN A 1 10 ? 2.15113   -12.39489 4.59108   1.000 25.23877 ? 358 GLN A HA   1 
ATOM   88   H HB2  . GLN A 1 10 ? 3.84972   -13.70461 5.69998   1.000 32.83921 ? 358 GLN A HB2  1 
ATOM   89   H HB3  . GLN A 1 10 ? 3.85248   -12.60006 6.83617   1.000 32.83921 ? 358 GLN A HB3  1 
ATOM   90   H HG2  . GLN A 1 10 ? 1.91337   -13.25003 7.63476   1.000 45.49460 ? 358 GLN A HG2  1 
ATOM   91   H HG3  . GLN A 1 10 ? 1.49191   -13.95753 6.27234   1.000 45.49460 ? 358 GLN A HG3  1 
ATOM   92   H HE21 . GLN A 1 10 ? 1.03350   -15.97328 7.17223   1.000 41.73470 ? 358 GLN A HE21 1 
ATOM   93   H HE22 . GLN A 1 10 ? 2.06910   -16.87725 7.74596   1.000 41.73470 ? 358 GLN A HE22 1 
ATOM   94   N N    . VAL A 1 11 ? 0.96552   -10.71443 5.96095   1.000 18.20682 ? 359 VAL A N    1 
ATOM   95   C CA   . VAL A 1 11 ? 0.30214   -9.61509  6.64047   1.000 19.08648 ? 359 VAL A CA   1 
ATOM   96   C C    . VAL A 1 11 ? -0.82862  -10.16002 7.50048   1.000 17.15885 ? 359 VAL A C    1 
ATOM   97   O O    . VAL A 1 11 ? -1.54898  -11.09153 7.10257   1.000 17.55329 ? 359 VAL A O    1 
ATOM   98   C CB   . VAL A 1 11 ? -0.17757  -8.54240  5.63784   1.000 17.70527 ? 359 VAL A CB   1 
ATOM   99   C CG1  . VAL A 1 11 ? -1.23614  -9.10423  4.68077   1.000 18.53858 ? 359 VAL A CG1  1 
ATOM   100  C CG2  . VAL A 1 11 ? -0.71541  -7.31270  6.37717   1.000 21.28822 ? 359 VAL A CG2  1 
ATOM   101  H H    . VAL A 1 11 ? 0.42396   -11.28919 5.62041   1.000 21.84818 ? 359 VAL A H    1 
ATOM   102  H HA   . VAL A 1 11 ? 0.94099   -9.19142  7.23486   1.000 22.90378 ? 359 VAL A HA   1 
ATOM   103  H HB   . VAL A 1 11 ? 0.57984   -8.25644  5.10355   1.000 21.24633 ? 359 VAL A HB   1 
ATOM   104  H HG11 . VAL A 1 11 ? -1.51153  -8.40375  4.06889   1.000 22.24630 ? 359 VAL A HG11 1 
ATOM   105  H HG12 . VAL A 1 11 ? -0.85222  -9.84464  4.18549   1.000 22.24630 ? 359 VAL A HG12 1 
ATOM   106  H HG13 . VAL A 1 11 ? -1.99757  -9.41080  5.19763   1.000 22.24630 ? 359 VAL A HG13 1 
ATOM   107  H HG21 . VAL A 1 11 ? -1.00905  -6.65663  5.72583   1.000 25.54587 ? 359 VAL A HG21 1 
ATOM   108  H HG22 . VAL A 1 11 ? -1.46140  -7.58187  6.93568   1.000 25.54587 ? 359 VAL A HG22 1 
ATOM   109  H HG23 . VAL A 1 11 ? -0.00779  -6.94049  6.92639   1.000 25.54587 ? 359 VAL A HG23 1 
ATOM   110  N N    . ARG A 1 12 ? -1.01151  -9.56504  8.67560   1.000 17.06568 ? 360 ARG A N    1 
ATOM   111  C CA   . ARG A 1 12 ? -2.08066  -9.92037  9.58616   1.000 18.06986 ? 360 ARG A CA   1 
ATOM   112  C C    . ARG A 1 12 ? -3.26245  -8.98616  9.37647   1.000 19.46440 ? 360 ARG A C    1 
ATOM   113  O O    . ARG A 1 12 ? -3.10691  -7.75781  9.38142   1.000 20.01911 ? 360 ARG A O    1 
ATOM   114  C CB   . ARG A 1 12 ? -1.59575  -9.82650  11.03603  1.000 23.74106 ? 360 ARG A CB   1 
ATOM   115  H H    . ARG A 1 12 ? -0.50942  -8.93266  8.97158   1.000 20.47882 ? 360 ARG A H    1 
ATOM   116  H HA   . ARG A 1 12 ? -2.36885  -10.83022 9.41290   1.000 21.68383 ? 360 ARG A HA   1 
ATOM   117  N N    . GLY A 1 13 ? -4.42712  -9.56826  9.14013   1.000 17.48913 ? 361 GLY A N    1 
ATOM   118  C CA   . GLY A 1 13 ? -5.66337  -8.83928  9.09641   1.000 16.59888 ? 361 GLY A CA   1 
ATOM   119  C C    . GLY A 1 13 ? -6.26219  -8.74517  7.71288   1.000 17.84876 ? 361 GLY A C    1 
ATOM   120  O O    . GLY A 1 13 ? -5.58728  -8.38471  6.75075   1.000 16.42885 ? 361 GLY A O    1 
ATOM   121  H H    . GLY A 1 13 ? -4.52078  -10.41135 8.99866   1.000 20.98695 ? 361 GLY A H    1 
ATOM   122  H HA2  . GLY A 1 13 ? -6.30901  -9.27106  9.67745   1.000 19.91866 ? 361 GLY A HA2  1 
ATOM   123  H HA3  . GLY A 1 13 ? -5.51432  -7.93856  9.42412   1.000 19.91866 ? 361 GLY A HA3  1 
ATOM   124  N N    A ARG A 1 14 ? -7.55440  -9.04330  7.60898   0.519 17.02527 ? 362 ARG A N    1 
ATOM   125  N N    B ARG A 1 14 ? -7.55054  -9.04451  7.61087   0.481 17.02840 ? 362 ARG A N    1 
ATOM   126  C CA   A ARG A 1 14 ? -8.20554  -9.12475  6.30664   0.519 15.95900 ? 362 ARG A CA   1 
ATOM   127  C CA   B ARG A 1 14 ? -8.18017  -9.12448  6.30329   0.481 15.96402 ? 362 ARG A CA   1 
ATOM   128  C C    A ARG A 1 14 ? -8.17792  -7.78411  5.58678   0.519 16.30290 ? 362 ARG A C    1 
ATOM   129  C C    B ARG A 1 14 ? -8.14256  -7.78038  5.59394   0.481 16.26783 ? 362 ARG A C    1 
ATOM   130  O O    A ARG A 1 14 ? -7.88841  -7.72085  4.38716   0.519 15.43508 ? 362 ARG A O    1 
ATOM   131  O O    B ARG A 1 14 ? -7.76870  -7.70448  4.41963   0.481 15.52928 ? 362 ARG A O    1 
ATOM   132  C CB   A ARG A 1 14 ? -9.64368  -9.61439  6.48975   0.519 18.85419 ? 362 ARG A CB   1 
ATOM   133  C CB   B ARG A 1 14 ? -9.61144  -9.63012  6.44762   0.481 18.84681 ? 362 ARG A CB   1 
ATOM   134  C CG   A ARG A 1 14 ? -10.52480 -9.53715  5.25211   0.519 18.97920 ? 362 ARG A CG   1 
ATOM   135  C CG   B ARG A 1 14 ? -10.30284 -9.83938  5.13183   0.481 19.07663 ? 362 ARG A CG   1 
ATOM   136  C CD   A ARG A 1 14 ? -10.19775 -10.60563 4.21271   0.519 21.02581 ? 362 ARG A CD   1 
ATOM   137  C CD   B ARG A 1 14 ? -11.60201 -10.58373 5.29994   0.481 17.70540 ? 362 ARG A CD   1 
ATOM   138  N NE   A ARG A 1 14 ? -10.72032 -10.23717 2.89838   0.519 25.63369 ? 362 ARG A NE   1 
ATOM   139  N NE   B ARG A 1 14 ? -12.31217 -10.71513 4.03276   0.481 23.60320 ? 362 ARG A NE   1 
ATOM   140  C CZ   A ARG A 1 14 ? -10.79495 -11.04632 1.84941   0.519 27.96701 ? 362 ARG A CZ   1 
ATOM   141  C CZ   B ARG A 1 14 ? -13.42683 -11.42008 3.86649   0.481 26.55357 ? 362 ARG A CZ   1 
ATOM   142  N NH1  A ARG A 1 14 ? -10.39574 -12.31249 1.93959   0.519 19.41963 ? 362 ARG A NH1  1 
ATOM   143  N NH1  B ARG A 1 14 ? -13.97025 -12.05106 4.89259   0.481 27.71082 ? 362 ARG A NH1  1 
ATOM   144  N NH2  A ARG A 1 14 ? -11.28217 -10.57887 0.70649   0.519 21.42213 ? 362 ARG A NH2  1 
ATOM   145  N NH2  B ARG A 1 14 ? -13.99662 -11.49010 2.67382   0.481 30.85965 ? 362 ARG A NH2  1 
ATOM   146  H H    A ARG A 1 14 ? -8.07425  -9.20219  8.27539   0.519 20.43032 ? 362 ARG A H    1 
ATOM   147  H H    B ARG A 1 14 ? -8.07494  -9.20347  8.27369   0.481 20.43409 ? 362 ARG A H    1 
ATOM   148  H HA   A ARG A 1 14 ? -7.73517  -9.77093  5.75699   0.519 19.15080 ? 362 ARG A HA   1 
ATOM   149  H HA   B ARG A 1 14 ? -7.69254  -9.76209  5.75868   0.481 19.15682 ? 362 ARG A HA   1 
ATOM   150  H HB2  A ARG A 1 14 ? -9.61822  -10.54237 6.77102   0.519 22.62503 ? 362 ARG A HB2  1 
ATOM   151  H HB2  B ARG A 1 14 ? -9.59890  -10.47933 6.91622   0.481 22.61618 ? 362 ARG A HB2  1 
ATOM   152  H HB3  A ARG A 1 14 ? -10.06453 -9.07853  7.18013   0.519 22.62503 ? 362 ARG A HB3  1 
ATOM   153  H HB3  B ARG A 1 14 ? -10.12439 -8.98102  6.95404   0.481 22.61618 ? 362 ARG A HB3  1 
ATOM   154  H HG2  A ARG A 1 14 ? -11.45061 -9.65256  5.51756   0.519 22.77504 ? 362 ARG A HG2  1 
ATOM   155  H HG2  B ARG A 1 14 ? -10.49640 -8.97724  4.73163   0.481 22.89196 ? 362 ARG A HG2  1 
ATOM   156  H HG3  A ARG A 1 14 ? -10.40623 -8.66929  4.83540   0.519 22.77504 ? 362 ARG A HG3  1 
ATOM   157  H HG3  B ARG A 1 14 ? -9.72849  -10.35904 4.54788   0.481 22.89196 ? 362 ARG A HG3  1 
ATOM   158  H HD2  A ARG A 1 14 ? -9.23510  -10.70200 4.14258   0.519 25.23097 ? 362 ARG A HD2  1 
ATOM   159  H HD2  B ARG A 1 14 ? -11.41918 -11.47378 5.63948   0.481 21.24648 ? 362 ARG A HD2  1 
ATOM   160  H HD3  A ARG A 1 14 ? -10.60251 -11.44642 4.47756   0.519 25.23097 ? 362 ARG A HD3  1 
ATOM   161  H HD3  B ARG A 1 14 ? -12.17086 -10.09885 5.91817   0.481 21.24648 ? 362 ARG A HD3  1 
ATOM   162  H HE   A ARG A 1 14 ? -11.00211 -9.43104  2.79672   0.519 30.76043 ? 362 ARG A HE   1 
ATOM   163  H HE   B ARG A 1 14 ? -11.98806 -10.30937 3.34726   0.481 28.32384 ? 362 ARG A HE   1 
ATOM   164  H HH11 A ARG A 1 14 ? -10.07834 -12.61152 2.68082   0.519 23.30356 ? 362 ARG A HH11 1 
ATOM   165  H HH11 B ARG A 1 14 ? -13.60047 -12.00926 5.66791   0.481 33.25299 ? 362 ARG A HH11 1 
ATOM   166  H HH12 A ARG A 1 14 ? -10.45061 -12.83042 1.25524   0.519 23.30356 ? 362 ARG A HH12 1 
ATOM   167  H HH12 B ARG A 1 14 ? -14.69234 -12.50549 4.78452   0.481 33.25299 ? 362 ARG A HH12 1 
ATOM   168  H HH21 A ARG A 1 14 ? -11.54312 -9.76118  0.65273   0.519 25.70656 ? 362 ARG A HH21 1 
ATOM   169  H HH21 B ARG A 1 14 ? -13.64645 -11.07801 2.00511   0.481 37.03159 ? 362 ARG A HH21 1 
ATOM   170  H HH22 A ARG A 1 14 ? -11.34204 -11.09525 0.02138   0.519 25.70656 ? 362 ARG A HH22 1 
ATOM   171  H HH22 B ARG A 1 14 ? -14.72048 -11.94247 2.56898   0.481 37.03159 ? 362 ARG A HH22 1 
ATOM   172  N N    . ARG A 1 15 ? -8.55154  -6.70572  6.28112   1.000 17.19473 ? 363 ARG A N    1 
ATOM   173  C CA   . ARG A 1 15 ? -8.57399  -5.39864  5.62019   1.000 18.18908 ? 363 ARG A CA   1 
ATOM   174  C C    . ARG A 1 15 ? -7.17394  -4.98624  5.18027   1.000 15.55676 ? 363 ARG A C    1 
ATOM   175  O O    . ARG A 1 15 ? -6.99086  -4.43737  4.08276   1.000 15.99606 ? 363 ARG A O    1 
ATOM   176  C CB   . ARG A 1 15 ? -9.18938  -4.33944  6.52690   1.000 22.72639 ? 363 ARG A CB   1 
ATOM   177  C CG   . ARG A 1 15 ? -9.36356  -2.98389  5.82471   1.000 25.21486 ? 363 ARG A CG   1 
ATOM   178  C CD   . ARG A 1 15 ? -9.97390  -3.08260  4.44468   1.000 35.10140 ? 363 ARG A CD   1 
ATOM   179  N NE   . ARG A 1 15 ? -10.06171 -1.76499  3.83944   1.000 52.69856 ? 363 ARG A NE   1 
ATOM   180  C CZ   . ARG A 1 15 ? -10.12121 -1.53523  2.53466   1.000 43.68703 ? 363 ARG A CZ   1 
ATOM   181  N NH1  . ARG A 1 15 ? -10.10099 -2.53906  1.66045   1.000 41.27682 ? 363 ARG A NH1  1 
ATOM   182  N NH2  . ARG A 1 15 ? -10.19954 -0.28392  2.11845   1.000 49.81980 ? 363 ARG A NH2  1 
ATOM   183  H H    . ARG A 1 15 ? -8.79936  -6.70986  7.10460   1.000 20.63368 ? 363 ARG A H    1 
ATOM   184  H HA   . ARG A 1 15 ? -9.12580  -5.46231  4.82498   1.000 21.82689 ? 363 ARG A HA   1 
ATOM   185  H HB2  . ARG A 1 15 ? -10.06429 -4.64152  6.81705   1.000 27.27167 ? 363 ARG A HB2  1 
ATOM   186  H HB3  . ARG A 1 15 ? -8.61224  -4.20723  7.29523   1.000 27.27167 ? 363 ARG A HB3  1 
ATOM   187  H HG2  . ARG A 1 15 ? -9.94282  -2.42441  6.36539   1.000 30.25784 ? 363 ARG A HG2  1 
ATOM   188  H HG3  . ARG A 1 15 ? -8.49335  -2.56500  5.73440   1.000 30.25784 ? 363 ARG A HG3  1 
ATOM   189  H HD2  . ARG A 1 15 ? -9.41625  -3.64319  3.88284   1.000 42.12169 ? 363 ARG A HD2  1 
ATOM   190  H HD3  . ARG A 1 15 ? -10.86865 -3.45122  4.51145   1.000 42.12169 ? 363 ARG A HD3  1 
ATOM   191  H HE   . ARG A 1 15 ? -10.07615 -1.08466  4.36531   1.000 63.23827 ? 363 ARG A HE   1 
ATOM   192  H HH11 . ARG A 1 15 ? -10.04992 -3.35105  1.93917   1.000 49.53219 ? 363 ARG A HH11 1 
ATOM   193  H HH12 . ARG A 1 15 ? -10.13983 -2.37560  0.81701   1.000 49.53219 ? 363 ARG A HH12 1 
ATOM   194  H HH21 . ARG A 1 15 ? -10.21162 0.35916   2.68932   1.000 59.78376 ? 363 ARG A HH21 1 
ATOM   195  H HH22 . ARG A 1 15 ? -10.23840 -0.11239  1.27663   1.000 59.78376 ? 363 ARG A HH22 1 
ATOM   196  N N    . ASN A 1 16 ? -6.17648  -5.26404  6.00559   1.000 14.74275 ? 364 ASN A N    1 
ATOM   197  C CA   . ASN A 1 16 ? -4.79638  -4.96142  5.63842   1.000 13.61206 ? 364 ASN A CA   1 
ATOM   198  C C    . ASN A 1 16 ? -4.39249  -5.71275  4.36741   1.000 14.46691 ? 364 ASN A C    1 
ATOM   199  O O    . ASN A 1 16 ? -3.77118  -5.14806  3.45710   1.000 13.62392 ? 364 ASN A O    1 
ATOM   200  C CB   . ASN A 1 16 ? -3.85378  -5.32499  6.79540   1.000 15.59573 ? 364 ASN A CB   1 
ATOM   201  C CG   . ASN A 1 16 ? -4.03693  -4.43769  8.00702   1.000 15.80220 ? 364 ASN A CG   1 
ATOM   202  O OD1  . ASN A 1 16 ? -4.54584  -3.31092  7.91111   1.000 17.30244 ? 364 ASN A OD1  1 
ATOM   203  N ND2  . ASN A 1 16 ? -3.61204  -4.92678  9.14761   1.000 19.09265 ? 364 ASN A ND2  1 
ATOM   204  H H    . ASN A 1 16 ? -6.26759  -5.62573  6.78050   1.000 17.69130 ? 364 ASN A H    1 
ATOM   205  H HA   . ASN A 1 16 ? -4.71320  -4.01027  5.46731   1.000 16.33447 ? 364 ASN A HA   1 
ATOM   206  H HB2  . ASN A 1 16 ? -4.02546  -6.24047  7.06619   1.000 18.71488 ? 364 ASN A HB2  1 
ATOM   207  H HB3  . ASN A 1 16 ? -2.93601  -5.23504  6.49457   1.000 18.71488 ? 364 ASN A HB3  1 
ATOM   208  H HD21 . ASN A 1 16 ? -3.69077  -4.46560  9.86921   1.000 22.91118 ? 364 ASN A HD21 1 
ATOM   209  H HD22 . ASN A 1 16 ? -3.25473  -5.70860  9.17379   1.000 22.91118 ? 364 ASN A HD22 1 
ATOM   210  N N    . PHE A 1 17 ? -4.71496  -7.00878  4.30131   1.000 13.54318 ? 365 PHE A N    1 
ATOM   211  C CA   . PHE A 1 17 ? -4.44996  -7.79715  3.09945   1.000 13.83416 ? 365 PHE A CA   1 
ATOM   212  C C    . PHE A 1 17 ? -5.14221  -7.20361  1.87689   1.000 11.76819 ? 365 PHE A C    1 
ATOM   213  O O    . PHE A 1 17 ? -4.52363  -7.06016  0.80400   1.000 12.77571 ? 365 PHE A O    1 
ATOM   214  C CB   . PHE A 1 17 ? -4.90991  -9.24824  3.32673   1.000 14.00486 ? 365 PHE A CB   1 
ATOM   215  C CG   . PHE A 1 17 ? -4.89896  -10.07820 2.07872   1.000 14.32445 ? 365 PHE A CG   1 
ATOM   216  C CD1  . PHE A 1 17 ? -3.70953  -10.46184 1.51334   1.000 15.36746 ? 365 PHE A CD1  1 
ATOM   217  C CD2  . PHE A 1 17 ? -6.06728  -10.44466 1.49166   1.000 15.12174 ? 365 PHE A CD2  1 
ATOM   218  C CE1  . PHE A 1 17 ? -3.68770  -11.24931 0.37031   1.000 16.71705 ? 365 PHE A CE1  1 
ATOM   219  C CE2  . PHE A 1 17 ? -6.05661  -11.20394 0.33438   1.000 16.40070 ? 365 PHE A CE2  1 
ATOM   220  C CZ   . PHE A 1 17 ? -4.86669  -11.60947 -0.20683  1.000 14.53497 ? 365 PHE A CZ   1 
ATOM   221  H H    . PHE A 1 17 ? -5.08681  -7.45123  4.93815   1.000 16.25182 ? 365 PHE A H    1 
ATOM   222  H HA   . PHE A 1 17 ? -3.49491  -7.80642  2.93007   1.000 16.60099 ? 365 PHE A HA   1 
ATOM   223  H HB2  . PHE A 1 17 ? -4.31700  -9.66851  3.96916   1.000 16.80583 ? 365 PHE A HB2  1 
ATOM   224  H HB3  . PHE A 1 17 ? -5.81676  -9.23985  3.67092   1.000 16.80583 ? 365 PHE A HB3  1 
ATOM   225  H HD1  . PHE A 1 17 ? -2.90880  -10.22124 1.92063   1.000 18.44095 ? 365 PHE A HD1  1 
ATOM   226  H HD2  . PHE A 1 17 ? -6.87681  -10.17854 1.86413   1.000 18.14609 ? 365 PHE A HD2  1 
ATOM   227  H HE1  . PHE A 1 17 ? -2.87881  -11.50961 -0.00761  1.000 20.06046 ? 365 PHE A HE1  1 
ATOM   228  H HE2  . PHE A 1 17 ? -6.85851  -11.46128 -0.06016  1.000 19.68084 ? 365 PHE A HE2  1 
ATOM   229  H HZ   . PHE A 1 17 ? -4.86325  -12.12156 -0.98315  1.000 17.44196 ? 365 PHE A HZ   1 
ATOM   230  N N    . GLU A 1 18 ? -6.40654  -6.83260  2.02086   1.000 13.50433 ? 366 GLU A N    1 
ATOM   231  C CA   . GLU A 1 18 ? -7.14569  -6.29735  0.88061   1.000 14.96615 ? 366 GLU A CA   1 
ATOM   232  C C    . GLU A 1 18 ? -6.51569  -5.01030  0.36316   1.000 14.59110 ? 366 GLU A C    1 
ATOM   233  O O    . GLU A 1 18 ? -6.41014  -4.80582  -0.85268  1.000 14.84073 ? 366 GLU A O    1 
ATOM   234  C CB   . GLU A 1 18 ? -8.58818  -6.01132  1.27212   1.000 20.12916 ? 366 GLU A CB   1 
ATOM   235  C CG   . GLU A 1 18 ? -9.42975  -7.21810  1.52788   1.000 22.16538 ? 366 GLU A CG   1 
ATOM   236  C CD   . GLU A 1 18 ? -10.82584 -6.83077  1.96641   1.000 27.32421 ? 366 GLU A CD   1 
ATOM   237  O OE1  . GLU A 1 18 ? -11.09578 -5.63593  2.27021   1.000 29.50383 ? 366 GLU A OE1  1 
ATOM   238  O OE2  . GLU A 1 18 ? -11.66099 -7.73131  1.99117   1.000 28.55797 ? 366 GLU A OE2  1 
ATOM   239  H H    . GLU A 1 18 ? -6.85530  -6.87799  2.75308   1.000 16.20519 ? 366 GLU A H    1 
ATOM   240  H HA   . GLU A 1 18 ? -7.14625  -6.94897  0.16208   1.000 17.95938 ? 366 GLU A HA   1 
ATOM   241  H HB2  . GLU A 1 18 ? -8.58709  -5.47928  2.08319   1.000 24.15499 ? 366 GLU A HB2  1 
ATOM   242  H HB3  . GLU A 1 18 ? -9.00770  -5.50969  0.55571   1.000 24.15499 ? 366 GLU A HB3  1 
ATOM   243  H HG2  . GLU A 1 18 ? -9.49989  -7.73903  0.71265   1.000 26.59846 ? 366 GLU A HG2  1 
ATOM   244  H HG3  . GLU A 1 18 ? -9.02506  -7.74809  2.23232   1.000 26.59846 ? 366 GLU A HG3  1 
ATOM   245  N N    . ILE A 1 19 ? -6.11287  -4.12145  1.26189   1.000 13.40759 ? 367 ILE A N    1 
ATOM   246  C CA   . ILE A 1 19 ? -5.44731  -2.88043  0.84978   1.000 15.37195 ? 367 ILE A CA   1 
ATOM   247  C C    . ILE A 1 19 ? -4.16624  -3.19146  0.10466   1.000 13.13180 ? 367 ILE A C    1 
ATOM   248  O O    . ILE A 1 19 ? -3.87819  -2.63633  -0.96830  1.000 12.83694 ? 367 ILE A O    1 
ATOM   249  C CB   . ILE A 1 19 ? -5.12967  -2.01317  2.08874   1.000 16.28643 ? 367 ILE A CB   1 
ATOM   250  C CG1  . ILE A 1 19 ? -6.39478  -1.42095  2.64068   1.000 18.38210 ? 367 ILE A CG1  1 
ATOM   251  C CG2  . ILE A 1 19 ? -4.10508  -0.84788  1.78477   1.000 18.47280 ? 367 ILE A CG2  1 
ATOM   252  C CD1  . ILE A 1 19 ? -6.23081  -0.86956  4.06777   1.000 20.53911 ? 367 ILE A CD1  1 
ATOM   253  H H    . ILE A 1 19 ? -6.20957  -4.20696  2.11214   1.000 16.08911 ? 367 ILE A H    1 
ATOM   254  H HA   . ILE A 1 19 ? -6.03248  -2.37741  0.26204   1.000 18.44634 ? 367 ILE A HA   1 
ATOM   255  H HB   . ILE A 1 19 ? -4.74225  -2.58699  2.76810   1.000 19.54372 ? 367 ILE A HB   1 
ATOM   256  H HG12 . ILE A 1 19 ? -6.67608  -0.69001  2.06841   1.000 22.05852 ? 367 ILE A HG12 1 
ATOM   257  H HG13 . ILE A 1 19 ? -7.08026  -2.10691  2.66230   1.000 22.05852 ? 367 ILE A HG13 1 
ATOM   258  H HG21 . ILE A 1 19 ? -3.94953  -0.34438  2.59914   1.000 22.16736 ? 367 ILE A HG21 1 
ATOM   259  H HG22 . ILE A 1 19 ? -3.27278  -1.23399  1.46996   1.000 22.16736 ? 367 ILE A HG22 1 
ATOM   260  H HG23 . ILE A 1 19 ? -4.47995  -0.26817  1.10338   1.000 22.16736 ? 367 ILE A HG23 1 
ATOM   261  H HD11 . ILE A 1 19 ? -7.07895  -0.50356  4.36377   1.000 24.64694 ? 367 ILE A HD11 1 
ATOM   262  H HD12 . ILE A 1 19 ? -5.95848  -1.59163  4.65543   1.000 24.64694 ? 367 ILE A HD12 1 
ATOM   263  H HD13 . ILE A 1 19 ? -5.55423  -0.17451  4.06145   1.000 24.64694 ? 367 ILE A HD13 1 
ATOM   264  N N    . LEU A 1 20 ? -3.33841  -4.03983  0.69629   1.000 12.70467 ? 368 LEU A N    1 
ATOM   265  C CA   . LEU A 1 20 ? -2.07043  -4.35072  0.06696   1.000 12.02423 ? 368 LEU A CA   1 
ATOM   266  C C    . LEU A 1 20 ? -2.26343  -5.01062  -1.29968  1.000 12.58418 ? 368 LEU A C    1 
ATOM   267  O O    . LEU A 1 20 ? -1.48430  -4.75495  -2.22039  1.000 13.10765 ? 368 LEU A O    1 
ATOM   268  C CB   . LEU A 1 20 ? -1.20276  -5.23125  0.97194   1.000 13.25536 ? 368 LEU A CB   1 
ATOM   269  C CG   . LEU A 1 20 ? -0.73441  -4.49671  2.20351   1.000 12.34212 ? 368 LEU A CG   1 
ATOM   270  C CD1  . LEU A 1 20 ? 0.03031   -5.47457  3.07027   1.000 19.62355 ? 368 LEU A CD1  1 
ATOM   271  C CD2  . LEU A 1 20 ? 0.14965   -3.29970  1.94285   1.000 13.59477 ? 368 LEU A CD2  1 
ATOM   272  H H    . LEU A 1 20 ? -3.48340  -4.43928  1.44396   1.000 15.24560 ? 368 LEU A H    1 
ATOM   273  H HA   . LEU A 1 20 ? -1.58946  -3.52083  -0.07740  1.000 14.42907 ? 368 LEU A HA   1 
ATOM   274  H HB2  . LEU A 1 20 ? -1.72029  -6.00022  1.25787   1.000 15.90643 ? 368 LEU A HB2  1 
ATOM   275  H HB3  . LEU A 1 20 ? -0.42009  -5.52098  0.47759   1.000 15.90643 ? 368 LEU A HB3  1 
ATOM   276  H HG   . LEU A 1 20 ? -1.50828  -4.19429  2.70409   1.000 14.81055 ? 368 LEU A HG   1 
ATOM   277  H HD11 . LEU A 1 20 ? 0.33818   -5.01548  3.86736   1.000 23.54827 ? 368 LEU A HD11 1 
ATOM   278  H HD12 . LEU A 1 20 ? -0.55819  -6.20561  3.31551   1.000 23.54827 ? 368 LEU A HD12 1 
ATOM   279  H HD13 . LEU A 1 20 ? 0.78872   -5.81356  2.56946   1.000 23.54827 ? 368 LEU A HD13 1 
ATOM   280  H HD21 . LEU A 1 20 ? 0.39585   -2.89885  2.79115   1.000 16.31373 ? 368 LEU A HD21 1 
ATOM   281  H HD22 . LEU A 1 20 ? 0.94531   -3.59208  1.47131   1.000 16.31373 ? 368 LEU A HD22 1 
ATOM   282  H HD23 . LEU A 1 20 ? -0.33865  -2.65869  1.40288   1.000 16.31373 ? 368 LEU A HD23 1 
ATOM   283  N N    . MET A 1 21 ? -3.29214  -5.85396  -1.44809  1.000 13.11458 ? 369 MET A N    1 
ATOM   284  C CA   . MET A 1 21 ? -3.58489  -6.46671  -2.73744  1.000 12.99920 ? 369 MET A CA   1 
ATOM   285  C C    . MET A 1 21 ? -3.98975  -5.42874  -3.78165  1.000 13.20369 ? 369 MET A C    1 
ATOM   286  O O    . MET A 1 21 ? -3.58341  -5.52412  -4.93918  1.000 14.07908 ? 369 MET A O    1 
ATOM   287  C CB   . MET A 1 21 ? -4.66550  -7.52121  -2.57531  1.000 13.81979 ? 369 MET A CB   1 
ATOM   288  C CG   . MET A 1 21 ? -4.12651  -8.78259  -1.95143  1.000 16.57059 ? 369 MET A CG   1 
ATOM   289  S SD   . MET A 1 21 ? -2.87668  -9.67026  -2.89790  1.000 21.10084 ? 369 MET A SD   1 
ATOM   290  C CE   . MET A 1 21 ? -3.64614  -9.75097  -4.51264  1.000 29.20407 ? 369 MET A CE   1 
ATOM   291  H H    . MET A 1 21 ? -3.83003  -6.08327  -0.81746  1.000 15.73750 ? 369 MET A H    1 
ATOM   292  H HA   . MET A 1 21 ? -2.78486  -6.91754  -3.04983  1.000 15.59904 ? 369 MET A HA   1 
ATOM   293  H HB2  . MET A 1 21 ? -5.36627  -7.17453  -2.00116  1.000 16.58375 ? 369 MET A HB2  1 
ATOM   294  H HB3  . MET A 1 21 ? -5.02680  -7.74474  -3.44733  1.000 16.58375 ? 369 MET A HB3  1 
ATOM   295  H HG2  . MET A 1 21 ? -3.73106  -8.55355  -1.09584  1.000 19.88471 ? 369 MET A HG2  1 
ATOM   296  H HG3  . MET A 1 21 ? -4.86751  -9.39232  -1.80987  1.000 19.88471 ? 369 MET A HG3  1 
ATOM   297  H HE1  . MET A 1 21 ? -3.05287  -10.21792 -5.12164  1.000 35.04489 ? 369 MET A HE1  1 
ATOM   298  H HE2  . MET A 1 21 ? -4.48695  -10.22881 -4.43772  1.000 35.04489 ? 369 MET A HE2  1 
ATOM   299  H HE3  . MET A 1 21 ? -3.80511  -8.84881  -4.83162  1.000 35.04489 ? 369 MET A HE3  1 
ATOM   300  N N    . GLU A 1 22 ? -4.78235  -4.43624  -3.38779  1.000 12.53152 ? 370 GLU A N    1 
ATOM   301  C CA   . GLU A 1 22 ? -5.15706  -3.39463  -4.33198  1.000 13.74549 ? 370 GLU A CA   1 
ATOM   302  C C    . GLU A 1 22 ? -3.93743  -2.63851  -4.80084  1.000 12.86997 ? 370 GLU A C    1 
ATOM   303  O O    . GLU A 1 22 ? -3.82433  -2.29320  -5.99260  1.000 14.16340 ? 370 GLU A O    1 
ATOM   304  C CB   . GLU A 1 22 ? -6.13076  -2.44422  -3.67980  1.000 16.15347 ? 370 GLU A CB   1 
ATOM   305  C CG   . GLU A 1 22 ? -7.53453  -2.92976  -3.65787  1.000 24.09925 ? 370 GLU A CG   1 
ATOM   306  C CD   . GLU A 1 22 ? -8.43248  -1.99873  -2.89238  1.000 38.12562 ? 370 GLU A CD   1 
ATOM   307  O OE1  . GLU A 1 22 ? -8.35519  -1.95935  -1.63976  1.000 36.63926 ? 370 GLU A OE1  1 
ATOM   308  O OE2  . GLU A 1 22 ? -9.20787  -1.29548  -3.54843  1.000 28.58027 ? 370 GLU A OE2  1 
ATOM   309  H H    . GLU A 1 22 ? -5.10909  -4.34501  -2.59752  1.000 15.03782 ? 370 GLU A H    1 
ATOM   310  H HA   . GLU A 1 22 ? -5.58700  -3.79551  -5.10357  1.000 16.49459 ? 370 GLU A HA   1 
ATOM   311  H HB2  . GLU A 1 22 ? -5.85480  -2.29775  -2.76149  1.000 19.38417 ? 370 GLU A HB2  1 
ATOM   312  H HB3  . GLU A 1 22 ? -6.11674  -1.60378  -4.16391  1.000 19.38417 ? 370 GLU A HB3  1 
ATOM   313  H HG2  . GLU A 1 22 ? -7.86567  -2.99100  -4.56755  1.000 28.91910 ? 370 GLU A HG2  1 
ATOM   314  H HG3  . GLU A 1 22 ? -7.56493  -3.80010  -3.23069  1.000 28.91910 ? 370 GLU A HG3  1 
ATOM   315  N N    . LEU A 1 23 ? -3.00327  -2.38594  -3.90044  1.000 12.08913 ? 371 LEU A N    1 
ATOM   316  C CA   . LEU A 1 23 ? -1.78696  -1.68494  -4.26056  1.000 13.23283 ? 371 LEU A CA   1 
ATOM   317  C C    . LEU A 1 23 ? -0.87891  -2.55070  -5.10863  1.000 13.17778 ? 371 LEU A C    1 
ATOM   318  O O    . LEU A 1 23 ? -0.29087  -2.06327  -6.08005  1.000 14.15648 ? 371 LEU A O    1 
ATOM   319  C CB   . LEU A 1 23 ? -1.05283  -1.19075  -3.01381  1.000 14.38043 ? 371 LEU A CB   1 
ATOM   320  C CG   . LEU A 1 23 ? -1.82922  -0.22547  -2.12425  1.000 18.40788 ? 371 LEU A CG   1 
ATOM   321  C CD1  . LEU A 1 23 ? -0.98727  -0.00208  -0.88448  1.000 23.36491 ? 371 LEU A CD1  1 
ATOM   322  C CD2  . LEU A 1 23 ? -2.16095  1.07443   -2.80088  1.000 21.42397 ? 371 LEU A CD2  1 
ATOM   323  H H    . LEU A 1 23 ? -3.05012  -2.61084  -3.07168  1.000 14.50696 ? 371 LEU A H    1 
ATOM   324  H HA   . LEU A 1 23 ? -2.02459  -0.90629  -4.78794  1.000 15.87940 ? 371 LEU A HA   1 
ATOM   325  H HB2  . LEU A 1 23 ? -0.81942  -1.96035  -2.47147  1.000 17.25651 ? 371 LEU A HB2  1 
ATOM   326  H HB3  . LEU A 1 23 ? -0.24304  -0.73723  -3.29568  1.000 17.25651 ? 371 LEU A HB3  1 
ATOM   327  H HG   . LEU A 1 23 ? -2.66080  -0.64411  -1.85202  1.000 22.08946 ? 371 LEU A HG   1 
ATOM   328  H HD11 . LEU A 1 23 ? -1.45278  0.61002   -0.29327  1.000 28.03789 ? 371 LEU A HD11 1 
ATOM   329  H HD12 . LEU A 1 23 ? -0.84995  -0.85278  -0.43911  1.000 28.03789 ? 371 LEU A HD12 1 
ATOM   330  H HD13 . LEU A 1 23 ? -0.13344  0.37595   -1.14709  1.000 28.03789 ? 371 LEU A HD13 1 
ATOM   331  H HD21 . LEU A 1 23 ? -2.65176  1.63631   -2.18096  1.000 25.70877 ? 371 LEU A HD21 1 
ATOM   332  H HD22 . LEU A 1 23 ? -1.33639  1.51261   -3.06352  1.000 25.70877 ? 371 LEU A HD22 1 
ATOM   333  H HD23 . LEU A 1 23 ? -2.70356  0.89272   -3.58411  1.000 25.70877 ? 371 LEU A HD23 1 
ATOM   334  N N    . LYS A 1 24 ? -0.73749  -3.83431  -4.75364  1.000 13.58734 ? 372 LYS A N    1 
ATOM   335  C CA   . LYS A 1 24 ? 0.04500   -4.74310  -5.58462  1.000 14.61294 ? 372 LYS A CA   1 
ATOM   336  C C    . LYS A 1 24 ? -0.48698  -4.74292  -7.01267  1.000 12.99651 ? 372 LYS A C    1 
ATOM   337  O O    . LYS A 1 24 ? 0.27954   -4.66771  -7.97623  1.000 13.98195 ? 372 LYS A O    1 
ATOM   338  C CB   . LYS A 1 24 ? -0.02697  -6.13531  -4.97244  1.000 15.01244 ? 372 LYS A CB   1 
ATOM   339  C CG   . LYS A 1 24 ? 0.54740   -7.29590  -5.83332  1.000 21.76023 ? 372 LYS A CG   1 
ATOM   340  C CD   . LYS A 1 24 ? -0.02845  -8.69431  -5.37570  1.000 25.71927 ? 372 LYS A CD   1 
ATOM   341  C CE   . LYS A 1 24 ? -0.15875  -9.72707  -6.51069  1.000 34.83860 ? 372 LYS A CE   1 
ATOM   342  N NZ   . LYS A 1 24 ? 1.15145   -10.13087 -7.05551  1.000 32.19992 ? 372 LYS A NZ   1 
ATOM   343  H H    . LYS A 1 24 ? -1.07881  -4.19291  -4.05043  1.000 16.30480 ? 372 LYS A H    1 
ATOM   344  H HA   . LYS A 1 24 ? 0.97180   -4.45718  -5.59834  1.000 17.53553 ? 372 LYS A HA   1 
ATOM   345  H HB2  . LYS A 1 24 ? 0.46507   -6.12575  -4.13656  1.000 18.01492 ? 372 LYS A HB2  1 
ATOM   346  H HB3  . LYS A 1 24 ? -0.95798  -6.34168  -4.79491  1.000 18.01492 ? 372 LYS A HB3  1 
ATOM   347  H HG2  . LYS A 1 24 ? 0.30477   -7.15622  -6.76204  1.000 26.11228 ? 372 LYS A HG2  1 
ATOM   348  H HG3  . LYS A 1 24 ? 1.51241   -7.31832  -5.73778  1.000 26.11228 ? 372 LYS A HG3  1 
ATOM   349  H HD2  . LYS A 1 24 ? 0.56158   -9.06843  -4.70280  1.000 30.86313 ? 372 LYS A HD2  1 
ATOM   350  H HD3  . LYS A 1 24 ? -0.91139  -8.55842  -4.99776  1.000 30.86313 ? 372 LYS A HD3  1 
ATOM   351  H HE2  . LYS A 1 24 ? -0.60020  -10.52025 -6.16879  1.000 41.80632 ? 372 LYS A HE2  1 
ATOM   352  H HE3  . LYS A 1 24 ? -0.67917  -9.34116  -7.23260  1.000 41.80632 ? 372 LYS A HE3  1 
ATOM   353  H HZ1  . LYS A 1 24 ? 1.03912   -10.72644 -7.70727  1.000 38.63991 ? 372 LYS A HZ1  1 
ATOM   354  H HZ2  . LYS A 1 24 ? 1.57652   -9.42068  -7.38268  1.000 38.63991 ? 372 LYS A HZ2  1 
ATOM   355  H HZ3  . LYS A 1 24 ? 1.64849   -10.49508 -6.41332  1.000 38.63991 ? 372 LYS A HZ3  1 
ATOM   356  N N    . ARG A 1 25 ? -1.79639  -4.85939  -7.14911  1.000 13.03394 ? 373 ARG A N    1 
ATOM   357  C CA   . ARG A 1 25 ? -2.40563  -4.84609  -8.47055  1.000 13.65678 ? 373 ARG A CA   1 
ATOM   358  C C    . ARG A 1 25 ? -2.07114  -3.55421  -9.20599  1.000 14.12768 ? 373 ARG A C    1 
ATOM   359  O O    . ARG A 1 25 ? -1.72628  -3.58476  -10.38832 1.000 15.22041 ? 373 ARG A O    1 
ATOM   360  C CB   . ARG A 1 25 ? -3.90711  -5.05020  -8.34327  1.000 14.37559 ? 373 ARG A CB   1 
ATOM   361  C CG   . ARG A 1 25 ? -4.65474  -5.00458  -9.68967  1.000 19.31357 ? 373 ARG A CG   1 
ATOM   362  C CD   . ARG A 1 25 ? -6.04994  -5.60584  -9.56415  1.000 19.79531 ? 373 ARG A CD   1 
ATOM   363  N NE   . ARG A 1 25 ? -6.84798  -5.56727  -10.79598 1.000 21.23201 ? 373 ARG A NE   1 
ATOM   364  C CZ   . ARG A 1 25 ? -7.45393  -4.48381  -11.24468 1.000 27.61586 ? 373 ARG A CZ   1 
ATOM   365  N NH1  . ARG A 1 25 ? -7.34305  -3.32258  -10.60893 1.000 27.85270 ? 373 ARG A NH1  1 
ATOM   366  N NH2  . ARG A 1 25 ? -8.15577  -4.57838  -12.36233 1.000 24.26078 ? 373 ARG A NH2  1 
ATOM   367  H H    . ARG A 1 25 ? -2.35287  -4.94686  -6.49929  1.000 15.64073 ? 373 ARG A H    1 
ATOM   368  H HA   . ARG A 1 25 ? -2.04787  -5.58415  -8.98840  1.000 16.38814 ? 373 ARG A HA   1 
ATOM   369  H HB2  . ARG A 1 25 ? -4.07197  -5.91753  -7.94145  1.000 17.25070 ? 373 ARG A HB2  1 
ATOM   370  H HB3  . ARG A 1 25 ? -4.27104  -4.35111  -7.77783  1.000 17.25070 ? 373 ARG A HB3  1 
ATOM   371  H HG2  . ARG A 1 25 ? -4.74456  -4.08224  -9.97623  1.000 23.17628 ? 373 ARG A HG2  1 
ATOM   372  H HG3  . ARG A 1 25 ? -4.16030  -5.51584  -10.34924 1.000 23.17628 ? 373 ARG A HG3  1 
ATOM   373  H HD2  . ARG A 1 25 ? -5.96379  -6.53500  -9.29928  1.000 23.75437 ? 373 ARG A HD2  1 
ATOM   374  H HD3  . ARG A 1 25 ? -6.53759  -5.11665  -8.88313  1.000 23.75437 ? 373 ARG A HD3  1 
ATOM   375  H HE   . ARG A 1 25 ? -6.84400  -6.26406  -11.30003 1.000 25.47841 ? 373 ARG A HE   1 
ATOM   376  H HH11 . ARG A 1 25 ? -6.88577  -3.27212  -9.88233  1.000 33.42325 ? 373 ARG A HH11 1 
ATOM   377  H HH12 . ARG A 1 25 ? -7.73895  -2.62411  -10.91718 1.000 33.42325 ? 373 ARG A HH12 1 
ATOM   378  H HH21 . ARG A 1 25 ? -8.21486  -5.33307  -12.77041 1.000 29.11293 ? 373 ARG A HH21 1 
ATOM   379  H HH22 . ARG A 1 25 ? -8.55086  -3.88459  -12.68198 1.000 29.11293 ? 373 ARG A HH22 1 
ATOM   380  N N    . SER A 1 26 ? -2.19117  -2.40144  -8.55146  1.000 12.72187 ? 374 SER A N    1 
ATOM   381  C CA   . SER A 1 26 ? -1.90256  -1.15153  -9.25152  1.000 13.73718 ? 374 SER A CA   1 
ATOM   382  C C    . SER A 1 26 ? -0.43598  -1.08323  -9.67425  1.000 14.07582 ? 374 SER A C    1 
ATOM   383  O O    . SER A 1 26 ? -0.12441  -0.62920  -10.78246 1.000 14.45298 ? 374 SER A O    1 
ATOM   384  C CB   . SER A 1 26 ? -2.30623  0.06840   -8.42204  1.000 16.05525 ? 374 SER A CB   1 
ATOM   385  O OG   . SER A 1 26 ? -1.39575  0.33195   -7.36057  1.000 19.83071 ? 374 SER A OG   1 
ATOM   386  H H    . SER A 1 26 ? -2.42971  -2.31528  -7.72971  1.000 15.26625 ? 374 SER A H    1 
ATOM   387  H HA   . SER A 1 26 ? -2.43376  -1.13203  -10.06291 1.000 16.48462 ? 374 SER A HA   1 
ATOM   388  H HB2  . SER A 1 26 ? -2.33632  0.84344   -9.00454  1.000 19.26630 ? 374 SER A HB2  1 
ATOM   389  H HB3  . SER A 1 26 ? -3.18544  -0.09041  -8.04434  1.000 19.26630 ? 374 SER A HB3  1 
ATOM   390  H HG   . SER A 1 26 ? -1.36034  -0.32788  -6.84194  1.000 23.79685 ? 374 SER A HG   1 
ATOM   391  N N    . LEU A 1 27 ? 0.48479   -1.52281  -8.80861  1.000 13.85842 ? 375 LEU A N    1 
ATOM   392  C CA   . LEU A 1 27 ? 1.90191   -1.45033  -9.14363  1.000 13.52556 ? 375 LEU A CA   1 
ATOM   393  C C    . LEU A 1 27 ? 2.24411   -2.37887  -10.30120 1.000 15.66907 ? 375 LEU A C    1 
ATOM   394  O O    . LEU A 1 27 ? 3.07303   -2.03657  -11.15539 1.000 17.40887 ? 375 LEU A O    1 
ATOM   395  C CB   . LEU A 1 27 ? 2.74024   -1.77770  -7.90752  1.000 16.06196 ? 375 LEU A CB   1 
ATOM   396  C CG   . LEU A 1 27 ? 2.65518   -0.74708  -6.77743  1.000 16.06403 ? 375 LEU A CG   1 
ATOM   397  C CD1  . LEU A 1 27 ? 3.13981   -1.31687  -5.47571  1.000 18.54249 ? 375 LEU A CD1  1 
ATOM   398  C CD2  . LEU A 1 27 ? 3.44983   0.50305   -7.14116  1.000 18.24699 ? 375 LEU A CD2  1 
ATOM   399  H H    . LEU A 1 27 ? 0.31464   -1.86045  -8.03618  1.000 16.63011 ? 375 LEU A H    1 
ATOM   400  H HA   . LEU A 1 27 ? 2.11417   -0.54395  -9.41625  1.000 16.23068 ? 375 LEU A HA   1 
ATOM   401  H HB2  . LEU A 1 27 ? 2.44344   -2.62916  -7.55000  1.000 19.27435 ? 375 LEU A HB2  1 
ATOM   402  H HB3  . LEU A 1 27 ? 3.67055   -1.84347  -8.17415  1.000 19.27435 ? 375 LEU A HB3  1 
ATOM   403  H HG   . LEU A 1 27 ? 1.72821   -0.48630  -6.66070  1.000 19.27684 ? 375 LEU A HG   1 
ATOM   404  H HD11 . LEU A 1 27 ? 3.07025   -0.63615  -4.78818  1.000 22.25098 ? 375 LEU A HD11 1 
ATOM   405  H HD12 . LEU A 1 27 ? 2.59015   -2.08116  -5.24195  1.000 22.25098 ? 375 LEU A HD12 1 
ATOM   406  H HD13 . LEU A 1 27 ? 4.06437   -1.59229  -5.57682  1.000 22.25098 ? 375 LEU A HD13 1 
ATOM   407  H HD21 . LEU A 1 27 ? 3.38322   1.14164   -6.41407  1.000 21.89639 ? 375 LEU A HD21 1 
ATOM   408  H HD22 . LEU A 1 27 ? 4.37749   0.25709   -7.28209  1.000 21.89639 ? 375 LEU A HD22 1 
ATOM   409  H HD23 . LEU A 1 27 ? 3.08158   0.88567   -7.95288  1.000 21.89639 ? 375 LEU A HD23 1 
ATOM   410  N N    . GLU A 1 28 ? 1.63080   -3.55012  -10.35148 1.000 14.65480 ? 376 GLU A N    1 
ATOM   411  C CA   . GLU A 1 28 ? 1.93602   -4.48433  -11.42103 1.000 16.84240 ? 376 GLU A CA   1 
ATOM   412  C C    . GLU A 1 28 ? 1.22647   -4.06873  -12.69354 1.000 17.23132 ? 376 GLU A C    1 
ATOM   413  O O    . GLU A 1 28 ? 1.82941   -4.12538  -13.76798 1.000 18.13656 ? 376 GLU A O    1 
ATOM   414  C CB   . GLU A 1 28 ? 1.58553   -5.89736  -11.00058 1.000 15.83608 ? 376 GLU A CB   1 
ATOM   415  C CG   . GLU A 1 28 ? 2.48531   -6.41693  -9.89930  1.000 17.35747 ? 376 GLU A CG   1 
ATOM   416  C CD   . GLU A 1 28 ? 2.19207   -7.85120  -9.46221  1.000 23.43914 ? 376 GLU A CD   1 
ATOM   417  O OE1  . GLU A 1 28 ? 1.13283   -8.42543  -9.79323  1.000 20.83696 ? 376 GLU A OE1  1 
ATOM   418  O OE2  . GLU A 1 28 ? 3.05696   -8.40386  -8.74977  1.000 24.61005 ? 376 GLU A OE2  1 
ATOM   419  H H    . GLU A 1 28 ? 1.04251   -3.82559  -9.78790  1.000 17.58575 ? 376 GLU A H    1 
ATOM   420  H HA   . GLU A 1 28 ? 2.89008   -4.45725  -11.59412 1.000 20.21088 ? 376 GLU A HA   1 
ATOM   421  H HB2  . GLU A 1 28 ? 0.67203   -5.91324  -10.67476 1.000 19.00330 ? 376 GLU A HB2  1 
ATOM   422  H HB3  . GLU A 1 28 ? 1.67591   -6.48684  -11.76559 1.000 19.00330 ? 376 GLU A HB3  1 
ATOM   423  H HG2  . GLU A 1 28 ? 3.40390   -6.38624  -10.20937 1.000 20.82897 ? 376 GLU A HG2  1 
ATOM   424  H HG3  . GLU A 1 28 ? 2.38424   -5.84623  -9.12149  1.000 20.82897 ? 376 GLU A HG3  1 
ATOM   425  N N    . LEU A 1 29 ? -0.02672  -3.61213  -12.61320 1.000 14.75763 ? 377 LEU A N    1 
ATOM   426  C CA   . LEU A 1 29 ? -0.70895  -3.12468  -13.82463 1.000 14.61779 ? 377 LEU A CA   1 
ATOM   427  C C    . LEU A 1 29 ? -0.01071  -1.91701  -14.43520 1.000 19.01870 ? 377 LEU A C    1 
ATOM   428  O O    . LEU A 1 29 ? -0.08655  -1.70409  -15.65368 1.000 16.65021 ? 377 LEU A O    1 
ATOM   429  C CB   . LEU A 1 29 ? -2.15965  -2.76658  -13.52938 1.000 15.22241 ? 377 LEU A CB   1 
ATOM   430  C CG   . LEU A 1 29 ? -3.11866  -3.93419  -13.43540 1.000 14.78366 ? 377 LEU A CG   1 
ATOM   431  C CD1  . LEU A 1 29 ? -4.46794  -3.50118  -12.98297 1.000 19.68367 ? 377 LEU A CD1  1 
ATOM   432  C CD2  . LEU A 1 29 ? -3.25910  -4.72223  -14.74412 1.000 16.48376 ? 377 LEU A CD2  1 
ATOM   433  H H    . LEU A 1 29 ? -0.49505  -3.57285  -11.89297 1.000 17.70916 ? 377 LEU A H    1 
ATOM   434  H HA   . LEU A 1 29 ? -0.70832  -3.83259  -14.48778 1.000 17.54135 ? 377 LEU A HA   1 
ATOM   435  H HB2  . LEU A 1 29 ? -2.19217  -2.29566  -12.68199 1.000 18.26689 ? 377 LEU A HB2  1 
ATOM   436  H HB3  . LEU A 1 29 ? -2.48065  -2.18375  -14.23519 1.000 18.26689 ? 377 LEU A HB3  1 
ATOM   437  H HG   . LEU A 1 29 ? -2.77795  -4.54969  -12.76757 1.000 17.74040 ? 377 LEU A HG   1 
ATOM   438  H HD11 . LEU A 1 29 ? -5.04885  -4.27660  -12.93655 1.000 23.62041 ? 377 LEU A HD11 1 
ATOM   439  H HD12 . LEU A 1 29 ? -4.39054  -3.09232  -12.10675 1.000 23.62041 ? 377 LEU A HD12 1 
ATOM   440  H HD13 . LEU A 1 29 ? -4.82243  -2.85923  -13.61790 1.000 23.62041 ? 377 LEU A HD13 1 
ATOM   441  H HD21 . LEU A 1 29 ? -3.88558  -5.45020  -14.60815 1.000 19.78052 ? 377 LEU A HD21 1 
ATOM   442  H HD22 . LEU A 1 29 ? -3.58746  -4.12759  -15.43656 1.000 19.78052 ? 377 LEU A HD22 1 
ATOM   443  H HD23 . LEU A 1 29 ? -2.39085  -5.07483  -14.99458 1.000 19.78052 ? 377 LEU A HD23 1 
ATOM   444  N N    . MET A 1 30 ? 0.60087   -1.07084  -13.61778 1.000 17.52664 ? 378 MET A N    1 
ATOM   445  C CA   . MET A 1 30 ? 1.26351   0.10922   -14.14547 1.000 18.71757 ? 378 MET A CA   1 
ATOM   446  C C    . MET A 1 30 ? 2.26311   -0.27648  -15.21957 1.000 18.41522 ? 378 MET A C    1 
ATOM   447  O O    . MET A 1 30 ? 2.40699   0.45339   -16.20996 1.000 20.14983 ? 378 MET A O    1 
ATOM   448  C CB   . MET A 1 30 ? 1.94618   0.86478   -12.99996 1.000 25.57202 ? 378 MET A CB   1 
ATOM   449  C CG   . MET A 1 30 ? 2.79484   2.01992   -13.43727 1.000 31.75938 ? 378 MET A CG   1 
ATOM   450  S SD   . MET A 1 30 ? 3.21212   2.98648   -11.99265 1.000 28.94242 ? 378 MET A SD   1 
ATOM   451  C CE   . MET A 1 30 ? 3.91091   1.76251   -10.91392 1.000 30.00658 ? 378 MET A CE   1 
ATOM   452  H H    . MET A 1 30 ? 0.64605   -1.15626  -12.76322 1.000 21.03197 ? 378 MET A H    1 
ATOM   453  H HA   . MET A 1 30 ? 0.59651   0.69658   -14.53406 1.000 22.46108 ? 378 MET A HA   1 
ATOM   454  H HB2  . MET A 1 30 ? 1.26228   1.21055   -12.40531 1.000 30.68642 ? 378 MET A HB2  1 
ATOM   455  H HB3  . MET A 1 30 ? 2.51679   0.24657   -12.51712 1.000 30.68642 ? 378 MET A HB3  1 
ATOM   456  H HG2  . MET A 1 30 ? 3.61282   1.69363   -13.84388 1.000 38.11125 ? 378 MET A HG2  1 
ATOM   457  H HG3  . MET A 1 30 ? 2.29907   2.57836   -14.05636 1.000 38.11125 ? 378 MET A HG3  1 
ATOM   458  H HE1  . MET A 1 30 ? 4.17642   2.18844   -10.08386 1.000 36.00790 ? 378 MET A HE1  1 
ATOM   459  H HE2  . MET A 1 30 ? 3.24444   1.08012   -10.73768 1.000 36.00790 ? 378 MET A HE2  1 
ATOM   460  H HE3  . MET A 1 30 ? 4.68428   1.36665   -11.34530 1.000 36.00790 ? 378 MET A HE3  1 
ATOM   461  N N    . GLU A 1 31 ? 2.91117   -1.43298  -15.09579 1.000 19.39210 ? 379 GLU A N    1 
ATOM   462  C CA   . GLU A 1 31 ? 3.87173   -1.91633  -16.09538 1.000 21.83908 ? 379 GLU A CA   1 
ATOM   463  C C    . GLU A 1 31 ? 3.23036   -2.27704  -17.43508 1.000 19.57282 ? 379 GLU A C    1 
ATOM   464  O O    . GLU A 1 31 ? 3.94858   -2.45702  -18.42498 1.000 21.06753 ? 379 GLU A O    1 
ATOM   465  C CB   . GLU A 1 31 ? 4.60930   -3.13806  -15.54907 1.000 29.37146 ? 379 GLU A CB   1 
ATOM   466  C CG   . GLU A 1 31 ? 5.32493   -2.87723  -14.22150 1.000 31.62982 ? 379 GLU A CG   1 
ATOM   467  C CD   . GLU A 1 31 ? 6.49704   -1.91374  -14.34947 1.000 38.52915 ? 379 GLU A CD   1 
ATOM   468  O OE1  . GLU A 1 31 ? 6.94989   -1.65422  -15.48760 1.000 43.51009 ? 379 GLU A OE1  1 
ATOM   469  O OE2  . GLU A 1 31 ? 6.96814   -1.41127  -13.30774 1.000 41.58123 ? 379 GLU A OE2  1 
ATOM   470  H H    . GLU A 1 31 ? 2.81154   -1.96790  -14.42980 1.000 23.27052 ? 379 GLU A H    1 
ATOM   471  H HA   . GLU A 1 31 ? 4.52835   -1.22132  -16.25888 1.000 26.20690 ? 379 GLU A HA   1 
ATOM   472  H HB2  . GLU A 1 31 ? 3.96909   -3.85268  -15.40637 1.000 35.24576 ? 379 GLU A HB2  1 
ATOM   473  H HB3  . GLU A 1 31 ? 5.27572   -3.41709  -16.19630 1.000 35.24576 ? 379 GLU A HB3  1 
ATOM   474  H HG2  . GLU A 1 31 ? 4.69227   -2.49553  -13.59304 1.000 37.95578 ? 379 GLU A HG2  1 
ATOM   475  H HG3  . GLU A 1 31 ? 5.66587   -3.71776  -13.87774 1.000 37.95578 ? 379 GLU A HG3  1 
ATOM   476  N N    . LEU A 1 32 ? 1.90729   -2.36965  -17.50067 1.000 15.85844 ? 380 LEU A N    1 
ATOM   477  C CA   . LEU A 1 32 ? 1.20287   -2.68488  -18.73400 1.000 16.36028 ? 380 LEU A CA   1 
ATOM   478  C C    . LEU A 1 32 ? 0.65898   -1.43922  -19.40935 1.000 15.93171 ? 380 LEU A C    1 
ATOM   479  O O    . LEU A 1 32 ? 0.09533   -1.54544  -20.51036 1.000 16.96932 ? 380 LEU A O    1 
ATOM   480  C CB   . LEU A 1 32 ? 0.07807   -3.68120  -18.44829 1.000 16.68681 ? 380 LEU A CB   1 
ATOM   481  C CG   . LEU A 1 32 ? 0.53097   -4.96176  -17.75610 1.000 18.96210 ? 380 LEU A CG   1 
ATOM   482  C CD1  . LEU A 1 32 ? -0.62788  -5.92353  -17.63457 1.000 18.39684 ? 380 LEU A CD1  1 
ATOM   483  C CD2  . LEU A 1 32 ? 1.68420   -5.60675  -18.49490 1.000 21.84865 ? 380 LEU A CD2  1 
ATOM   484  H H    . LEU A 1 32 ? 1.38511   -2.25114  -16.82770 1.000 19.03013 ? 380 LEU A H    1 
ATOM   485  H HA   . LEU A 1 32 ? 1.82349   -3.10714  -19.34836 1.000 19.63234 ? 380 LEU A HA   1 
ATOM   486  H HB2  . LEU A 1 32 ? -0.57771  -3.25321  -17.87586 1.000 20.02417 ? 380 LEU A HB2  1 
ATOM   487  H HB3  . LEU A 1 32 ? -0.33583  -3.93156  -19.28906 1.000 20.02417 ? 380 LEU A HB3  1 
ATOM   488  H HG   . LEU A 1 32 ? 0.83412   -4.74494  -16.86056 1.000 22.75451 ? 380 LEU A HG   1 
ATOM   489  H HD11 . LEU A 1 32 ? -0.32233  -6.73118  -17.19271 1.000 22.07621 ? 380 LEU A HD11 1 
ATOM   490  H HD12 . LEU A 1 32 ? -1.33075  -5.50599  -17.11252 1.000 22.07621 ? 380 LEU A HD12 1 
ATOM   491  H HD13 . LEU A 1 32 ? -0.95610  -6.13557  -18.52238 1.000 22.07621 ? 380 LEU A HD13 1 
ATOM   492  H HD21 . LEU A 1 32 ? 1.94492   -6.41583  -18.02766 1.000 26.21838 ? 380 LEU A HD21 1 
ATOM   493  H HD22 . LEU A 1 32 ? 1.39980   -5.82215  -19.39690 1.000 26.21838 ? 380 LEU A HD22 1 
ATOM   494  H HD23 . LEU A 1 32 ? 2.42849   -4.98528  -18.52174 1.000 26.21838 ? 380 LEU A HD23 1 
ATOM   495  N N    . VAL A 1 33 ? 0.80899   -0.27050  -18.80290 1.000 15.28822 ? 381 VAL A N    1 
ATOM   496  C CA   . VAL A 1 33 ? 0.31912   0.94200   -19.45510 1.000 16.45064 ? 381 VAL A CA   1 
ATOM   497  C C    . VAL A 1 33 ? 1.20491   1.23576   -20.66155 1.000 16.13785 ? 381 VAL A C    1 
ATOM   498  O O    . VAL A 1 33 ? 2.43937   1.25178   -20.51541 1.000 16.14731 ? 381 VAL A O    1 
ATOM   499  C CB   . VAL A 1 33 ? 0.34288   2.12378   -18.48469 1.000 15.99447 ? 381 VAL A CB   1 
ATOM   500  C CG1  . VAL A 1 33 ? -0.05746  3.40468   -19.22891 1.000 20.31807 ? 381 VAL A CG1  1 
ATOM   501  C CG2  . VAL A 1 33 ? -0.60874  1.85082   -17.31092 1.000 17.21744 ? 381 VAL A CG2  1 
ATOM   502  H H    . VAL A 1 33 ? 1.17920   -0.14970  -18.03613 1.000 18.34587 ? 381 VAL A H    1 
ATOM   503  H HA   . VAL A 1 33 ? -0.59139  0.80626   -19.76081 1.000 19.74076 ? 381 VAL A HA   1 
ATOM   504  H HB   . VAL A 1 33 ? 1.24018   2.23804   -18.13439 1.000 19.19336 ? 381 VAL A HB   1 
ATOM   505  H HG11 . VAL A 1 33 ? -0.04000  4.14907   -18.60724 1.000 24.38168 ? 381 VAL A HG11 1 
ATOM   506  H HG12 . VAL A 1 33 ? 0.57247   3.56039   -19.94991 1.000 24.38168 ? 381 VAL A HG12 1 
ATOM   507  H HG13 . VAL A 1 33 ? -0.95160  3.29414   -19.58832 1.000 24.38168 ? 381 VAL A HG13 1 
ATOM   508  H HG21 . VAL A 1 33 ? -0.58480  2.60653   -16.70329 1.000 20.66093 ? 381 VAL A HG21 1 
ATOM   509  H HG22 . VAL A 1 33 ? -1.50764  1.73085   -17.65512 1.000 20.66093 ? 381 VAL A HG22 1 
ATOM   510  H HG23 . VAL A 1 33 ? -0.31999  1.04691   -16.85129 1.000 20.66093 ? 381 VAL A HG23 1 
ATOM   511  N N    . PRO A 1 34 ? 0.63883   1.51439   -21.83590 1.000 15.93597 ? 382 PRO A N    1 
ATOM   512  C CA   . PRO A 1 34 ? 1.48566   1.96672   -22.95316 1.000 16.08336 ? 382 PRO A CA   1 
ATOM   513  C C    . PRO A 1 34 ? 2.38871   3.11766   -22.53020 1.000 16.67077 ? 382 PRO A C    1 
ATOM   514  O O    . PRO A 1 34 ? 1.95788   4.11109   -21.92613 1.000 17.81279 ? 382 PRO A O    1 
ATOM   515  C CB   . PRO A 1 34 ? 0.46128   2.37856   -24.01270 1.000 20.58063 ? 382 PRO A CB   1 
ATOM   516  C CG   . PRO A 1 34 ? -0.70435  1.38829   -23.77553 1.000 19.03186 ? 382 PRO A CG   1 
ATOM   517  C CD   . PRO A 1 34 ? -0.75868  1.27517   -22.25458 1.000 17.01170 ? 382 PRO A CD   1 
ATOM   518  H HA   . PRO A 1 34 ? 2.02583   1.23479   -23.28992 1.000 19.30003 ? 382 PRO A HA   1 
ATOM   519  H HB2  . PRO A 1 34 ? 0.17750   3.29400   -23.86318 1.000 24.69676 ? 382 PRO A HB2  1 
ATOM   520  H HB3  . PRO A 1 34 ? 0.83760   2.26871   -24.89994 1.000 24.69676 ? 382 PRO A HB3  1 
ATOM   521  H HG2  . PRO A 1 34 ? -1.53001  1.75587   -24.12777 1.000 22.83823 ? 382 PRO A HG2  1 
ATOM   522  H HG3  . PRO A 1 34 ? -0.50082  0.53143   -24.18207 1.000 22.83823 ? 382 PRO A HG3  1 
ATOM   523  H HD2  . PRO A 1 34 ? -1.34258  1.95656   -21.88623 1.000 20.41403 ? 382 PRO A HD2  1 
ATOM   524  H HD3  . PRO A 1 34 ? -1.04182  0.38524   -21.99235 1.000 20.41403 ? 382 PRO A HD3  1 
ATOM   525  N N    . GLN A 1 35 ? 3.67174   2.99396   -22.83486 1.000 16.36858 ? 383 GLN A N    1 
ATOM   526  C CA   . GLN A 1 35 ? 4.62807   3.93890   -22.28674 1.000 16.48932 ? 383 GLN A CA   1 
ATOM   527  C C    . GLN A 1 35 ? 4.35393   5.38095   -22.69929 1.000 16.32101 ? 383 GLN A C    1 
ATOM   528  O O    . GLN A 1 35 ? 4.61413   6.27355   -21.87958 1.000 17.05288 ? 383 GLN A O    1 
ATOM   529  C CB   . GLN A 1 35 ? 6.05177   3.52475   -22.66237 1.000 14.93427 ? 383 GLN A CB   1 
ATOM   530  C CG   . GLN A 1 35 ? 7.13235   4.37003   -22.01818 1.000 17.18001 ? 383 GLN A CG   1 
ATOM   531  C CD   . GLN A 1 35 ? 7.17017   4.26805   -20.50624 1.000 16.26207 ? 383 GLN A CD   1 
ATOM   532  O OE1  . GLN A 1 35 ? 7.09386   3.17657   -19.96002 1.000 18.45868 ? 383 GLN A OE1  1 
ATOM   533  N NE2  . GLN A 1 35 ? 7.36236   5.40077   -19.83761 1.000 18.76005 ? 383 GLN A NE2  1 
ATOM   534  H H    . GLN A 1 35 ? 4.00753   2.38743   -23.34375 1.000 19.64230 ? 383 GLN A H    1 
ATOM   535  H HA   . GLN A 1 35 ? 4.56586   3.90294   -21.31941 1.000 19.78719 ? 383 GLN A HA   1 
ATOM   536  H HB2  . GLN A 1 35 ? 6.19185   2.60544   -22.38637 1.000 17.92113 ? 383 GLN A HB2  1 
ATOM   537  H HB3  . GLN A 1 35 ? 6.15383   3.59742   -23.62424 1.000 17.92113 ? 383 GLN A HB3  1 
ATOM   538  H HG2  . GLN A 1 35 ? 7.99550   4.08432   -22.35617 1.000 20.61601 ? 383 GLN A HG2  1 
ATOM   539  H HG3  . GLN A 1 35 ? 6.98058   5.29992   -22.24880 1.000 20.61601 ? 383 GLN A HG3  1 
ATOM   540  H HE21 . GLN A 1 35 ? 7.45771   6.14121   -20.26451 1.000 22.51206 ? 383 GLN A HE21 1 
ATOM   541  H HE22 . GLN A 1 35 ? 7.39136   5.39314   -18.97813 1.000 22.51206 ? 383 GLN A HE22 1 
ATOM   542  N N    . PRO A 1 36 ? 3.87183   5.68897   -23.91595 1.000 17.83192 ? 384 PRO A N    1 
ATOM   543  C CA   . PRO A 1 36 ? 3.58858   7.09741   -24.20805 1.000 19.67792 ? 384 PRO A CA   1 
ATOM   544  C C    . PRO A 1 36 ? 2.55774   7.68760   -23.27158 1.000 20.99325 ? 384 PRO A C    1 
ATOM   545  O O    . PRO A 1 36 ? 2.62803   8.88412   -22.97307 1.000 21.86446 ? 384 PRO A O    1 
ATOM   546  C CB   . PRO A 1 36 ? 3.12435   7.06797   -25.67098 1.000 23.33321 ? 384 PRO A CB   1 
ATOM   547  C CG   . PRO A 1 36 ? 3.77967   5.86711   -26.24455 1.000 19.34256 ? 384 PRO A CG   1 
ATOM   548  C CD   . PRO A 1 36 ? 3.71755   4.85466   -25.11095 1.000 17.84641 ? 384 PRO A CD   1 
ATOM   549  H HA   . PRO A 1 36 ? 4.40440   7.61857   -24.14697 1.000 23.61350 ? 384 PRO A HA   1 
ATOM   550  H HB2  . PRO A 1 36 ? 2.15865   6.98460   -25.70780 1.000 27.99985 ? 384 PRO A HB2  1 
ATOM   551  H HB3  . PRO A 1 36 ? 3.41951   7.87230   -26.12578 1.000 27.99985 ? 384 PRO A HB3  1 
ATOM   552  H HG2  . PRO A 1 36 ? 3.28292   5.55530   -27.01716 1.000 23.21108 ? 384 PRO A HG2  1 
ATOM   553  H HG3  . PRO A 1 36 ? 4.69856   6.07084   -26.47914 1.000 23.21108 ? 384 PRO A HG3  1 
ATOM   554  H HD2  . PRO A 1 36 ? 2.85744   4.40628   -25.10311 1.000 21.41570 ? 384 PRO A HD2  1 
ATOM   555  H HD3  . PRO A 1 36 ? 4.44980   4.22226   -25.18021 1.000 21.41570 ? 384 PRO A HD3  1 
ATOM   556  N N    . LEU A 1 37 ? 1.59958   6.88471   -22.79127 1.000 19.91344 ? 385 LEU A N    1 
ATOM   557  C CA   . LEU A 1 37 ? 0.61118   7.39468   -21.84138 1.000 19.69741 ? 385 LEU A CA   1 
ATOM   558  C C    . LEU A 1 37 ? 1.23917   7.64522   -20.48058 1.000 20.68519 ? 385 LEU A C    1 
ATOM   559  O O    . LEU A 1 37 ? 0.89797   8.62550   -19.80251 1.000 23.24174 ? 385 LEU A O    1 
ATOM   560  C CB   . LEU A 1 37 ? -0.54390  6.40889   -21.71873 1.000 20.60240 ? 385 LEU A CB   1 
ATOM   561  C CG   . LEU A 1 37 ? -1.29722  6.08449   -23.00497 1.000 24.75480 ? 385 LEU A CG   1 
ATOM   562  C CD1  . LEU A 1 37 ? -2.41984  5.08054   -22.78637 1.000 23.72847 ? 385 LEU A CD1  1 
ATOM   563  C CD2  . LEU A 1 37 ? -1.82434  7.37864   -23.59933 1.000 30.88237 ? 385 LEU A CD2  1 
ATOM   564  H H    . LEU A 1 37 ? 1.50345   6.05532   -22.99737 1.000 23.89612 ? 385 LEU A H    1 
ATOM   565  H HA   . LEU A 1 37 ? 0.25750   8.23575   -22.17064 1.000 23.63689 ? 385 LEU A HA   1 
ATOM   566  H HB2  . LEU A 1 37 ? -0.19451  5.57334   -21.37133 1.000 24.72288 ? 385 LEU A HB2  1 
ATOM   567  H HB3  . LEU A 1 37 ? -1.18841  6.77272   -21.09171 1.000 24.72288 ? 385 LEU A HB3  1 
ATOM   568  H HG   . LEU A 1 37 ? -0.67534  5.69847   -23.64149 1.000 29.70576 ? 385 LEU A HG   1 
ATOM   569  H HD11 . LEU A 1 37 ? -2.86196  4.91258   -23.63325 1.000 28.47416 ? 385 LEU A HD11 1 
ATOM   570  H HD12 . LEU A 1 37 ? -2.04293  4.25649   -22.44028 1.000 28.47416 ? 385 LEU A HD12 1 
ATOM   571  H HD13 . LEU A 1 37 ? -3.05241  5.44854   -22.14971 1.000 28.47416 ? 385 LEU A HD13 1 
ATOM   572  H HD21 . LEU A 1 37 ? -2.30432  7.17721   -24.41783 1.000 37.05884 ? 385 LEU A HD21 1 
ATOM   573  H HD22 . LEU A 1 37 ? -2.42089  7.79909   -22.96039 1.000 37.05884 ? 385 LEU A HD22 1 
ATOM   574  H HD23 . LEU A 1 37 ? -1.07613  7.96579   -23.79001 1.000 37.05884 ? 385 LEU A HD23 1 
ATOM   575  N N    . VAL A 1 38 ? 2.17860   6.79126   -20.06271 1.000 20.11005 ? 386 VAL A N    1 
ATOM   576  C CA   . VAL A 1 38 ? 2.96022   7.09876   -18.87022 1.000 17.98812 ? 386 VAL A CA   1 
ATOM   577  C C    . VAL A 1 38 ? 3.70951   8.40041   -19.06567 1.000 21.14415 ? 386 VAL A C    1 
ATOM   578  O O    . VAL A 1 38 ? 3.75814   9.25881   -18.17975 1.000 23.87720 ? 386 VAL A O    1 
ATOM   579  C CB   . VAL A 1 38 ? 3.92002   5.94597   -18.51515 1.000 17.40892 ? 386 VAL A CB   1 
ATOM   580  C CG1  . VAL A 1 38 ? 4.73258   6.23202   -17.27363 1.000 18.63326 ? 386 VAL A CG1  1 
ATOM   581  C CG2  . VAL A 1 38 ? 3.12449   4.62825   -18.34858 1.000 16.38846 ? 386 VAL A CG2  1 
ATOM   582  H H    . VAL A 1 38 ? 2.37655   6.04611   -20.44371 1.000 24.13206 ? 386 VAL A H    1 
ATOM   583  H HA   . VAL A 1 38 ? 2.35330   7.21734   -18.12289 1.000 21.58574 ? 386 VAL A HA   1 
ATOM   584  H HB   . VAL A 1 38 ? 4.54097   5.82295   -19.25012 1.000 20.89070 ? 386 VAL A HB   1 
ATOM   585  H HG11 . VAL A 1 38 ? 5.31611   5.47736   -17.09788 1.000 22.35992 ? 386 VAL A HG11 1 
ATOM   586  H HG12 . VAL A 1 38 ? 5.26092   7.03224   -17.42001 1.000 22.35992 ? 386 VAL A HG12 1 
ATOM   587  H HG13 . VAL A 1 38 ? 4.12937   6.36554   -16.52582 1.000 22.35992 ? 386 VAL A HG13 1 
ATOM   588  H HG21 . VAL A 1 38 ? 3.74131   3.91358   -18.12570 1.000 19.66615 ? 386 VAL A HG21 1 
ATOM   589  H HG22 . VAL A 1 38 ? 2.47536   4.73970   -17.63646 1.000 19.66615 ? 386 VAL A HG22 1 
ATOM   590  H HG23 . VAL A 1 38 ? 2.67075   4.42639   -19.18181 1.000 19.66615 ? 386 VAL A HG23 1 
ATOM   591  N N    . ASP A 1 39 ? 4.33755   8.55286   -20.23355 1.000 21.86028 ? 387 ASP A N    1 
ATOM   592  C CA   . ASP A 1 39 ? 5.11757   9.75516   -20.49488 1.000 25.00914 ? 387 ASP A CA   1 
ATOM   593  C C    . ASP A 1 39 ? 4.23903   10.99771  -20.40971 1.000 21.11908 ? 387 ASP A C    1 
ATOM   594  O O    . ASP A 1 39 ? 4.63327   12.00155  -19.80836 1.000 27.34219 ? 387 ASP A O    1 
ATOM   595  C CB   . ASP A 1 39 ? 5.76414   9.64749   -21.87557 1.000 21.15456 ? 387 ASP A CB   1 
ATOM   596  C CG   . ASP A 1 39 ? 6.86425   8.59491   -21.94926 1.000 23.96313 ? 387 ASP A CG   1 
ATOM   597  O OD1  . ASP A 1 39 ? 7.36395   8.11265   -20.91033 1.000 22.16754 ? 387 ASP A OD1  1 
ATOM   598  O OD2  . ASP A 1 39 ? 7.25356   8.25489   -23.09376 1.000 21.80556 ? 387 ASP A OD2  1 
ATOM   599  H H    . ASP A 1 39 ? 4.32656   7.98369   -20.87817 1.000 26.23234 ? 387 ASP A H    1 
ATOM   600  H HA   . ASP A 1 39 ? 5.82180   9.83246   -19.83232 1.000 30.01097 ? 387 ASP A HA   1 
ATOM   601  H HB2  . ASP A 1 39 ? 5.08227   9.41137   -22.52381 1.000 25.38547 ? 387 ASP A HB2  1 
ATOM   602  H HB3  . ASP A 1 39 ? 6.15597   10.50432  -22.10623 1.000 25.38547 ? 387 ASP A HB3  1 
ATOM   603  N N    . SER A 1 40 ? 3.05906   10.94868  -21.02610 1.000 21.76033 ? 388 SER A N    1 
ATOM   604  C CA   . SER A 1 40 ? 2.13794   12.08104  -20.98037 1.000 22.22150 ? 388 SER A CA   1 
ATOM   605  C C    . SER A 1 40 ? 1.72137   12.38808  -19.54503 1.000 31.07646 ? 388 SER A C    1 
ATOM   606  O O    . SER A 1 40 ? 1.73390   13.54749  -19.10856 1.000 31.70537 ? 388 SER A O    1 
ATOM   607  C CB   . SER A 1 40 ? 0.91710   11.78940  -21.83873 1.000 25.95855 ? 388 SER A CB   1 
ATOM   608  O OG   . SER A 1 40 ? 1.24186   11.81348  -23.21837 1.000 40.90840 ? 388 SER A OG   1 
ATOM   609  H H    . SER A 1 40 ? 2.76988   10.27464  -21.47513 1.000 26.11239 ? 388 SER A H    1 
ATOM   610  H HA   . SER A 1 40 ? 2.58024   12.86551  -21.34076 1.000 26.66580 ? 388 SER A HA   1 
ATOM   611  H HB2  . SER A 1 40 ? 0.57545   10.91051  -21.61133 1.000 31.15026 ? 388 SER A HB2  1 
ATOM   612  H HB3  . SER A 1 40 ? 0.24104   12.46244  -21.66298 1.000 31.15026 ? 388 SER A HB3  1 
ATOM   613  H HG   . SER A 1 40 ? 1.82668   11.23426  -23.38600 1.000 49.09008 ? 388 SER A HG   1 
ATOM   614  N N    . TYR A 1 41 ? 1.34102   11.35393  -18.79472 1.000 27.18758 ? 389 TYR A N    1 
ATOM   615  C CA   . TYR A 1 41 ? 0.94816   11.54315  -17.40011 1.000 24.72511 ? 389 TYR A CA   1 
ATOM   616  C C    . TYR A 1 41 ? 2.04558   12.23239  -16.60414 1.000 26.53009 ? 389 TYR A C    1 
ATOM   617  O O    . TYR A 1 41 ? 1.79285   13.21774  -15.89523 1.000 29.59229 ? 389 TYR A O    1 
ATOM   618  C CB   . TYR A 1 41 ? 0.61187   10.17331  -16.79315 1.000 24.34221 ? 389 TYR A CB   1 
ATOM   619  C CG   . TYR A 1 41 ? 0.24330   10.21997  -15.32619 1.000 22.61867 ? 389 TYR A CG   1 
ATOM   620  C CD1  . TYR A 1 41 ? 1.21558   10.19164  -14.34760 1.000 19.31707 ? 389 TYR A CD1  1 
ATOM   621  C CD2  . TYR A 1 41 ? -1.08777  10.31031  -14.92666 1.000 24.14706 ? 389 TYR A CD2  1 
ATOM   622  C CE1  . TYR A 1 41 ? 0.90139   10.22512  -13.01190 1.000 22.18624 ? 389 TYR A CE1  1 
ATOM   623  C CE2  . TYR A 1 41 ? -1.42149  10.35467  -13.58313 1.000 20.51793 ? 389 TYR A CE2  1 
ATOM   624  C CZ   . TYR A 1 41 ? -0.42894  10.31940  -12.63900 1.000 19.48226 ? 389 TYR A CZ   1 
ATOM   625  O OH   . TYR A 1 41 ? -0.67947  10.37414  -11.29021 1.000 21.40582 ? 389 TYR A OH   1 
ATOM   626  H H    . TYR A 1 41 ? 1.30213   10.53923  -19.06740 1.000 32.62510 ? 389 TYR A H    1 
ATOM   627  H HA   . TYR A 1 41 ? 0.15225   12.09641  -17.36344 1.000 29.67013 ? 389 TYR A HA   1 
ATOM   628  H HB2  . TYR A 1 41 ? -0.14056  9.79554   -17.27487 1.000 29.21065 ? 389 TYR A HB2  1 
ATOM   629  H HB3  . TYR A 1 41 ? 1.38426   9.59381   -16.88534 1.000 29.21065 ? 389 TYR A HB3  1 
ATOM   630  H HD1  . TYR A 1 41 ? 2.10849   10.12907  -14.59997 1.000 23.18048 ? 389 TYR A HD1  1 
ATOM   631  H HD2  . TYR A 1 41 ? -1.76011  10.33497  -15.56871 1.000 28.97648 ? 389 TYR A HD2  1 
ATOM   632  H HE1  . TYR A 1 41 ? 1.57244   10.20890  -12.36822 1.000 26.62349 ? 389 TYR A HE1  1 
ATOM   633  H HE2  . TYR A 1 41 ? -2.31243  10.41674  -13.32379 1.000 24.62152 ? 389 TYR A HE2  1 
ATOM   634  H HH   . TYR A 1 41 ? -1.50641  10.42999  -11.15363 1.000 25.68698 ? 389 TYR A HH   1 
ATOM   635  N N    . ASP A 1 42 ? 3.27905   11.74185  -16.70797 1.000 25.34206 ? 390 ASP A N    1 
ATOM   636  C CA   . ASP A 1 42 ? 4.37556   12.33214  -15.96073 1.000 26.04298 ? 390 ASP A CA   1 
ATOM   637  C C    . ASP A 1 42 ? 4.68302   13.75301  -16.43253 1.000 29.97391 ? 390 ASP A C    1 
ATOM   638  O O    . ASP A 1 42 ? 5.08181   14.59562  -15.62364 1.000 31.78918 ? 390 ASP A O    1 
ATOM   639  C CB   . ASP A 1 42 ? 5.61615   11.43823  -16.04417 1.000 25.78869 ? 390 ASP A CB   1 
ATOM   640  C CG   . ASP A 1 42 ? 5.42387   10.09636  -15.36231 1.000 27.05467 ? 390 ASP A CG   1 
ATOM   641  O OD1  . ASP A 1 42 ? 4.56927   9.99366   -14.44483 1.000 25.12241 ? 390 ASP A OD1  1 
ATOM   642  O OD2  . ASP A 1 42 ? 6.15394   9.13769   -15.71715 1.000 25.76056 ? 390 ASP A OD2  1 
ATOM   643  H H    . ASP A 1 42 ? 3.50195   11.07339  -17.20101 1.000 30.41047 ? 390 ASP A H    1 
ATOM   644  H HA   . ASP A 1 42 ? 4.11731   12.38532  -15.02724 1.000 31.25158 ? 390 ASP A HA   1 
ATOM   645  H HB2  . ASP A 1 42 ? 5.82387   11.27305  -16.97716 1.000 30.94643 ? 390 ASP A HB2  1 
ATOM   646  H HB3  . ASP A 1 42 ? 6.35944   11.88905  -15.61384 1.000 30.94643 ? 390 ASP A HB3  1 
ATOM   647  N N    . GLN A 1 43 ? 4.47935   14.04922  -17.71723 1.000 32.48727 ? 391 GLN A N    1 
ATOM   648  C CA   . GLN A 1 43 ? 4.70014   15.41385  -18.19421 1.000 34.05045 ? 391 GLN A CA   1 
ATOM   649  C C    . GLN A 1 43 ? 3.65693   16.36487  -17.61870 1.000 40.96362 ? 391 GLN A C    1 
ATOM   650  O O    . GLN A 1 43 ? 3.99967   17.43426  -17.09807 1.000 45.84460 ? 391 GLN A O    1 
ATOM   651  C CB   . GLN A 1 43 ? 4.67574   15.44708  -19.72444 1.000 33.77695 ? 391 GLN A CB   1 
ATOM   652  H H    . GLN A 1 43 ? 4.21963   13.49268  -18.31924 1.000 38.98472 ? 391 GLN A H    1 
ATOM   653  H HA   . GLN A 1 43 ? 5.57465   15.71405  -17.90094 1.000 40.86054 ? 391 GLN A HA   1 
ATOM   654  N N    . GLN A 1 44 ? 2.37216   15.99571  -17.71217 1.000 35.54438 ? 392 GLN A N    1 
ATOM   655  C CA   . GLN A 1 44 ? 1.31188   16.80601  -17.11175 1.000 38.75946 ? 392 GLN A CA   1 
ATOM   656  C C    . GLN A 1 44 ? 1.57063   17.07770  -15.63455 1.000 46.32303 ? 392 GLN A C    1 
ATOM   657  O O    . GLN A 1 44 ? 1.23299   18.15519  -15.13130 1.000 49.62606 ? 392 GLN A O    1 
ATOM   658  C CB   . GLN A 1 44 ? -0.04753  16.12291  -17.27378 1.000 39.93282 ? 392 GLN A CB   1 
ATOM   659  C CG   . GLN A 1 44 ? -0.50365  15.97332  -18.70688 1.000 41.47693 ? 392 GLN A CG   1 
ATOM   660  H H    . GLN A 1 44 ? 2.09410   15.28799  -18.11394 1.000 42.65326 ? 392 GLN A H    1 
ATOM   661  H HA   . GLN A 1 44 ? 1.27275   17.66036  -17.56942 1.000 46.51135 ? 392 GLN A HA   1 
ATOM   662  H HB2  . GLN A 1 44 ? 0.00294   15.23501  -16.88650 1.000 47.91938 ? 392 GLN A HB2  1 
ATOM   663  H HB3  . GLN A 1 44 ? -0.71607  16.64656  -16.80500 1.000 47.91938 ? 392 GLN A HB3  1 
ATOM   664  N N    . GLN A 1 45 ? 2.16589   16.12384  -14.92129 1.000 38.96741 ? 393 GLN A N    1 
ATOM   665  C CA   . GLN A 1 45 ? 2.43707   16.33131  -13.50473 1.000 43.71571 ? 393 GLN A CA   1 
ATOM   666  C C    . GLN A 1 45 ? 3.61550   17.27511  -13.29697 1.000 50.45409 ? 393 GLN A C    1 
ATOM   667  O O    . GLN A 1 45 ? 3.58359   18.12012  -12.39583 1.000 54.28370 ? 393 GLN A O    1 
ATOM   668  C CB   . GLN A 1 45 ? 2.68053   14.98674  -12.81617 1.000 41.57850 ? 393 GLN A CB   1 
ATOM   669  C CG   . GLN A 1 45 ? 1.45751   14.06291  -12.81542 1.000 35.93812 ? 393 GLN A CG   1 
ATOM   670  C CD   . GLN A 1 45 ? 0.48277   14.37693  -11.69116 1.000 43.45082 ? 393 GLN A CD   1 
ATOM   671  O OE1  . GLN A 1 45 ? 0.88559   14.75066  -10.58466 1.000 44.91333 ? 393 GLN A OE1  1 
ATOM   672  N NE2  . GLN A 1 45 ? -0.80544  14.22070  -11.96946 1.000 45.66477 ? 393 GLN A NE2  1 
ATOM   673  H H    . GLN A 1 45 ? 2.41803   15.36128  -15.22872 1.000 46.76089 ? 393 GLN A H    1 
ATOM   674  H HA   . GLN A 1 45 ? 1.65750   16.73709  -13.09423 1.000 52.45885 ? 393 GLN A HA   1 
ATOM   675  H HB2  . GLN A 1 45 ? 3.40003   14.52601  -13.27546 1.000 49.89420 ? 393 GLN A HB2  1 
ATOM   676  H HB3  . GLN A 1 45 ? 2.93034   15.14892  -11.89303 1.000 49.89420 ? 393 GLN A HB3  1 
ATOM   677  H HG2  . GLN A 1 45 ? 0.98617   14.16213  -13.65738 1.000 43.12574 ? 393 GLN A HG2  1 
ATOM   678  H HG3  . GLN A 1 45 ? 1.75444   13.14581  -12.70741 1.000 43.12574 ? 393 GLN A HG3  1 
ATOM   679  H HE21 . GLN A 1 45 ? -1.04743  13.95526  -12.75086 1.000 54.79772 ? 393 GLN A HE21 1 
ATOM   680  H HE22 . GLN A 1 45 ? -1.39820  14.38491  -11.36842 1.000 54.79772 ? 393 GLN A HE22 1 
ATOM   681  N N    . GLN A 1 46 ? 4.66198   17.15128  -14.11698 1.000 48.61846 ? 394 GLN A N    1 
ATOM   682  C CA   . GLN A 1 46 ? 5.77461   18.08988  -14.03220 1.000 50.57099 ? 394 GLN A CA   1 
ATOM   683  C C    . GLN A 1 46 ? 5.32786   19.49943  -14.38986 1.000 56.36128 ? 394 GLN A C    1 
ATOM   684  O O    . GLN A 1 46 ? 5.84136   20.47473  -13.82916 1.000 54.47544 ? 394 GLN A O    1 
ATOM   685  C CB   . GLN A 1 46 ? 6.91246   17.64496  -14.95027 1.000 41.07764 ? 394 GLN A CB   1 
ATOM   686  H H    . GLN A 1 46 ? 4.74862   16.54335  -14.71909 1.000 58.34215 ? 394 GLN A H    1 
ATOM   687  H HA   . GLN A 1 46 ? 6.10975   18.10244  -13.12202 1.000 60.68519 ? 394 GLN A HA   1 
ATOM   688  N N    . LEU A 1 47 ? 4.37539   19.62789  -15.31824 1.000 51.05428 ? 395 LEU A N    1 
ATOM   689  C CA   . LEU A 1 47 ? 3.79993   20.93572  -15.61264 1.000 49.88876 ? 395 LEU A CA   1 
ATOM   690  C C    . LEU A 1 47 ? 3.19782   21.55202  -14.35513 1.000 61.77572 ? 395 LEU A C    1 
ATOM   691  O O    . LEU A 1 47 ? 3.41280   22.73454  -14.06297 1.000 66.68877 ? 395 LEU A O    1 
ATOM   692  C CB   . LEU A 1 47 ? 2.74201   20.80238  -16.70993 1.000 46.10404 ? 395 LEU A CB   1 
ATOM   693  H H    . LEU A 1 47 ? 4.05142   18.98127  -15.78355 1.000 61.26514 ? 395 LEU A H    1 
ATOM   694  H HA   . LEU A 1 47 ? 4.49843   21.52649  -15.93511 1.000 59.86652 ? 395 LEU A HA   1 
ATOM   695  N N    . LEU A 1 48 ? 2.44717   20.75655  -13.58999 1.000 63.41546 ? 396 LEU A N    1 
ATOM   696  C CA   . LEU A 1 48 ? 1.82008   21.23097  -12.36037 1.000 68.26670 ? 396 LEU A CA   1 
ATOM   697  C C    . LEU A 1 48 ? 2.86013   21.48775  -11.27356 1.000 65.44313 ? 396 LEU A C    1 
ATOM   698  O O    . LEU A 1 48 ? 3.23712   22.63947  -11.02962 1.000 69.32398 ? 396 LEU A O    1 
ATOM   699  C CB   . LEU A 1 48 ? 0.76988   20.22431  -11.87623 1.000 57.35137 ? 396 LEU A CB   1 
ATOM   700  C CG   . LEU A 1 48 ? -0.34216  19.89569  -12.87807 1.000 52.14857 ? 396 LEU A CG   1 
ATOM   701  C CD1  . LEU A 1 48 ? -1.29087  18.86190  -12.30123 1.000 45.49982 ? 396 LEU A CD1  1 
ATOM   702  C CD2  . LEU A 1 48 ? -1.10535  21.14485  -13.29832 1.000 62.36846 ? 396 LEU A CD2  1 
ATOM   703  H H    . LEU A 1 48 ? 2.28605   19.93023  -13.76559 1.000 76.09856 ? 396 LEU A H    1 
ATOM   704  H HA   . LEU A 1 48 ? 1.36717   22.06916  -12.54263 1.000 81.92004 ? 396 LEU A HA   1 
ATOM   705  H HB2  . LEU A 1 48 ? 1.21968   19.39298  -11.65837 1.000 68.82164 ? 396 LEU A HB2  1 
ATOM   706  H HB3  . LEU A 1 48 ? 0.34708   20.58163  -11.07969 1.000 68.82164 ? 396 LEU A HB3  1 
ATOM   707  H HG   . LEU A 1 48 ? 0.05995   19.51455  -13.67428 1.000 62.57828 ? 396 LEU A HG   1 
ATOM   708  H HD11 . LEU A 1 48 ? -1.98378  18.67152  -12.95278 1.000 54.59979 ? 396 LEU A HD11 1 
ATOM   709  H HD12 . LEU A 1 48 ? -0.79298  18.05377  -12.10142 1.000 54.59979 ? 396 LEU A HD12 1 
ATOM   710  H HD13 . LEU A 1 48 ? -1.68739  19.21584  -11.48981 1.000 54.59979 ? 396 LEU A HD13 1 
ATOM   711  H HD21 . LEU A 1 48 ? -1.79730  20.89397  -13.93012 1.000 74.84215 ? 396 LEU A HD21 1 
ATOM   712  H HD22 . LEU A 1 48 ? -1.50512  21.54939  -12.51255 1.000 74.84215 ? 396 LEU A HD22 1 
ATOM   713  H HD23 . LEU A 1 48 ? -0.48766  21.76705  -13.71332 1.000 74.84215 ? 396 LEU A HD23 1 
ATOM   714  N N    . GLN A 1 49 ? 3.32471   20.43021  -10.61264 1.000 69.69580 ? 397 GLN A N    1 
ATOM   715  C CA   . GLN A 1 49 ? 4.35364   20.55947  -9.58462  1.000 69.62156 ? 397 GLN A CA   1 
ATOM   716  C C    . GLN A 1 49 ? 5.67661   21.00286  -10.20317 1.000 74.11318 ? 397 GLN A C    1 
ATOM   717  O O    . GLN A 1 49 ? 5.69831   21.74600  -11.18742 1.000 63.86983 ? 397 GLN A O    1 
ATOM   718  C CB   . GLN A 1 49 ? 4.54184   19.23258  -8.84636  1.000 57.52884 ? 397 GLN A CB   1 
ATOM   719  H H    . GLN A 1 49 ? 3.05877   19.62265  -10.74189 1.000 83.63496 ? 397 GLN A H    1 
ATOM   720  H HA   . GLN A 1 49 ? 4.07939   21.23018  -8.93976  1.000 83.54587 ? 397 GLN A HA   1 
ATOM   721  N N    . ASP B 1 3  ? -8.01179  -7.97678  12.96828  1.000 79.63670 ? 351 ASP B N    1 
ATOM   722  C CA   . ASP B 1 3  ? -6.67376  -8.29784  12.48548  1.000 57.96577 ? 351 ASP B CA   1 
ATOM   723  C C    . ASP B 1 3  ? -6.12959  -9.54786  13.17701  1.000 57.26893 ? 351 ASP B C    1 
ATOM   724  O O    . ASP B 1 3  ? -5.20737  -9.45117  13.98811  1.000 78.49874 ? 351 ASP B O    1 
ATOM   725  C CB   . ASP B 1 3  ? -5.72536  -7.11759  12.72276  1.000 46.21116 ? 351 ASP B CB   1 
ATOM   726  H HA   . ASP B 1 3  ? -6.71111  -8.47045  11.53169  1.000 69.55892 ? 351 ASP B HA   1 
ATOM   727  N N    . GLU B 1 4  ? -6.69424  -10.71576 12.85528  1.000 49.74998 ? 352 GLU B N    1 
ATOM   728  C CA   . GLU B 1 4  ? -6.32934  -11.97210 13.50584  1.000 49.70334 ? 352 GLU B CA   1 
ATOM   729  C C    . GLU B 1 4  ? -5.65228  -12.96683 12.57083  1.000 49.84598 ? 352 GLU B C    1 
ATOM   730  O O    . GLU B 1 4  ? -4.56620  -13.46734 12.89034  1.000 41.38986 ? 352 GLU B O    1 
ATOM   731  C CB   . GLU B 1 4  ? -7.57105  -12.61187 14.15225  1.000 48.74260 ? 352 GLU B CB   1 
ATOM   732  H H    . GLU B 1 4  ? -7.30127  -10.80449 12.25260  1.000 59.69998 ? 352 GLU B H    1 
ATOM   733  H HA   . GLU B 1 4  ? -5.70197  -11.77415 14.21869  1.000 59.64401 ? 352 GLU B HA   1 
ATOM   734  N N    . ASP B 1 5  ? -6.25980  -13.27310 11.42114  1.000 36.88526 ? 353 ASP B N    1 
ATOM   735  C CA   . ASP B 1 5  ? -5.68616  -14.23505 10.48609  1.000 27.58203 ? 353 ASP B CA   1 
ATOM   736  C C    . ASP B 1 5  ? -4.59043  -13.59099 9.65858   1.000 26.09123 ? 353 ASP B C    1 
ATOM   737  O O    . ASP B 1 5  ? -4.57740  -12.37281 9.44948   1.000 22.86123 ? 353 ASP B O    1 
ATOM   738  C CB   . ASP B 1 5  ? -6.75041  -14.77371 9.54007   1.000 28.02190 ? 353 ASP B CB   1 
ATOM   739  C CG   . ASP B 1 5  ? -7.88243  -15.44736 10.27215  1.000 31.94998 ? 353 ASP B CG   1 
ATOM   740  O OD1  . ASP B 1 5  ? -7.58449  -16.31170 11.12265  1.000 36.19927 ? 353 ASP B OD1  1 
ATOM   741  O OD2  . ASP B 1 5  ? -9.05207  -15.08241 10.02130  1.000 30.17760 ? 353 ASP B OD2  1 
ATOM   742  H H    . ASP B 1 5  ? -7.00680  -12.93490 11.16188  1.000 44.26231 ? 353 ASP B H    1 
ATOM   743  H HA   . ASP B 1 5  ? -5.30503  -14.97894 10.97830  1.000 33.09843 ? 353 ASP B HA   1 
ATOM   744  H HB2  . ASP B 1 5  ? -7.11950  -14.03840 9.02627   1.000 33.62629 ? 353 ASP B HB2  1 
ATOM   745  H HB3  . ASP B 1 5  ? -6.34616  -15.42524 8.94594   1.000 33.62629 ? 353 ASP B HB3  1 
ATOM   746  N N    . THR B 1 6  ? -3.66973  -14.42076 9.18984   1.000 19.98608 ? 354 THR B N    1 
ATOM   747  C CA   . THR B 1 6  ? -2.55021  -13.98630 8.37299   1.000 23.75717 ? 354 THR B CA   1 
ATOM   748  C C    . THR B 1 6  ? -2.72582  -14.44464 6.92998   1.000 22.44617 ? 354 THR B C    1 
ATOM   749  O O    . THR B 1 6  ? -3.33764  -15.48060 6.65017   1.000 20.29104 ? 354 THR B O    1 
ATOM   750  C CB   . THR B 1 6  ? -1.20290  -14.48894 8.90583   1.000 28.66036 ? 354 THR B CB   1 
ATOM   751  O OG1  . THR B 1 6  ? -1.13715  -15.91158 8.80260   1.000 37.14054 ? 354 THR B OG1  1 
ATOM   752  C CG2  . THR B 1 6  ? -1.00775  -14.08274 10.34505  1.000 27.88067 ? 354 THR B CG2  1 
ATOM   753  H H    . THR B 1 6  ? -3.67385  -15.26798 9.33748   1.000 23.98329 ? 354 THR B H    1 
ATOM   754  H HA   . THR B 1 6  ? -2.52386  -13.01665 8.37340   1.000 28.50861 ? 354 THR B HA   1 
ATOM   755  H HB   . THR B 1 6  ? -0.48678  -14.09792 8.38123   1.000 34.39243 ? 354 THR B HB   1 
ATOM   756  H HG1  . THR B 1 6  ? -0.39920  -16.18701 9.09444   1.000 44.56864 ? 354 THR B HG1  1 
ATOM   757  H HG21 . THR B 1 6  ? -0.15251  -14.40724 10.66779  1.000 33.45681 ? 354 THR B HG21 1 
ATOM   758  H HG22 . THR B 1 6  ? -1.02759  -13.11600 10.42201  1.000 33.45681 ? 354 THR B HG22 1 
ATOM   759  H HG23 . THR B 1 6  ? -1.71454  -14.45730 10.89372  1.000 33.45681 ? 354 THR B HG23 1 
ATOM   760  N N    . TYR B 1 7  ? -2.15269  -13.66960 6.01411   1.000 15.87359 ? 355 TYR B N    1 
ATOM   761  C CA   . TYR B 1 7  ? -2.31335  -13.79705 4.57318   1.000 16.35028 ? 355 TYR B CA   1 
ATOM   762  C C    . TYR B 1 7  ? -0.95353  -13.64924 3.91385   1.000 19.29766 ? 355 TYR B C    1 
ATOM   763  O O    . TYR B 1 7  ? -0.19652  -12.74204 4.26855   1.000 19.80944 ? 355 TYR B O    1 
ATOM   764  C CB   . TYR B 1 7  ? -3.18514  -12.64457 4.04183   1.000 15.53015 ? 355 TYR B CB   1 
ATOM   765  C CG   . TYR B 1 7  ? -4.60732  -12.62871 4.53492   1.000 13.63400 ? 355 TYR B CG   1 
ATOM   766  C CD1  . TYR B 1 7  ? -4.90479  -12.21194 5.80935   1.000 13.80781 ? 355 TYR B CD1  1 
ATOM   767  C CD2  . TYR B 1 7  ? -5.65486  -13.03551 3.70342   1.000 13.86490 ? 355 TYR B CD2  1 
ATOM   768  C CE1  . TYR B 1 7  ? -6.19999  -12.22113 6.26604   1.000 17.26512 ? 355 TYR B CE1  1 
ATOM   769  C CE2  . TYR B 1 7  ? -6.93906  -13.03006 4.13669   1.000 14.53868 ? 355 TYR B CE2  1 
ATOM   770  C CZ   . TYR B 1 7  ? -7.21889  -12.63080 5.43719   1.000 15.58263 ? 355 TYR B CZ   1 
ATOM   771  O OH   . TYR B 1 7  ? -8.50266  -12.63083 5.94276   1.000 20.57038 ? 355 TYR B OH   1 
ATOM   772  H H    . TYR B 1 7  ? -1.63078  -13.01907 6.22390   1.000 19.04831 ? 355 TYR B H    1 
ATOM   773  H HA   . TYR B 1 7  ? -2.70807  -14.65131 4.33797   1.000 19.62033 ? 355 TYR B HA   1 
ATOM   774  H HB2  . TYR B 1 7  ? -2.77685  -11.80473 4.30430   1.000 18.63618 ? 355 TYR B HB2  1 
ATOM   775  H HB3  . TYR B 1 7  ? -3.21342  -12.70220 3.07396   1.000 18.63618 ? 355 TYR B HB3  1 
ATOM   776  H HD1  . TYR B 1 7  ? -4.21846  -11.94743 6.37848   1.000 16.56937 ? 355 TYR B HD1  1 
ATOM   777  H HD2  . TYR B 1 7  ? -5.46707  -13.31485 2.83647   1.000 16.63788 ? 355 TYR B HD2  1 
ATOM   778  H HE1  . TYR B 1 7  ? -6.38871  -11.94759 7.13465   1.000 20.71815 ? 355 TYR B HE1  1 
ATOM   779  H HE2  . TYR B 1 7  ? -7.62387  -13.31727 3.57682   1.000 17.44642 ? 355 TYR B HE2  1 
ATOM   780  H HH   . TYR B 1 7  ? -8.49767  -12.36484 6.73951   1.000 24.68445 ? 355 TYR B HH   1 
ATOM   781  N N    . TYR B 1 8  ? -0.65323  -14.48771 2.93048   1.000 17.19994 ? 356 TYR B N    1 
ATOM   782  C CA   . TYR B 1 8  ? 0.52694   -14.34585 2.09271   1.000 16.46361 ? 356 TYR B CA   1 
ATOM   783  C C    . TYR B 1 8  ? 0.19989   -13.52768 0.85495   1.000 21.11019 ? 356 TYR B C    1 
ATOM   784  O O    . TYR B 1 8  ? -0.90596  -13.59480 0.31571   1.000 22.66654 ? 356 TYR B O    1 
ATOM   785  C CB   . TYR B 1 8  ? 1.05339   -15.70452 1.61410   1.000 18.22288 ? 356 TYR B CB   1 
ATOM   786  C CG   . TYR B 1 8  ? 1.65948   -16.54201 2.69401   1.000 18.76315 ? 356 TYR B CG   1 
ATOM   787  C CD1  . TYR B 1 8  ? 2.91713   -16.26513 3.21322   1.000 19.68047 ? 356 TYR B CD1  1 
ATOM   788  C CD2  . TYR B 1 8  ? 0.98344   -17.63710 3.17724   1.000 19.77857 ? 356 TYR B CD2  1 
ATOM   789  C CE1  . TYR B 1 8  ? 3.46019   -17.04854 4.19641   1.000 21.71197 ? 356 TYR B CE1  1 
ATOM   790  C CE2  . TYR B 1 8  ? 1.52859   -18.44293 4.16372   1.000 23.36570 ? 356 TYR B CE2  1 
ATOM   791  C CZ   . TYR B 1 8  ? 2.75519   -18.12713 4.66970   1.000 22.67639 ? 356 TYR B CZ   1 
ATOM   792  O OH   . TYR B 1 8  ? 3.28120   -18.95280 5.64305   1.000 26.24578 ? 356 TYR B OH   1 
ATOM   793  H H    . TYR B 1 8  ? -1.13551  -15.16911 2.72380   1.000 20.63993 ? 356 TYR B H    1 
ATOM   794  H HA   . TYR B 1 8  ? 1.22897   -13.89580 2.58821   1.000 19.75634 ? 356 TYR B HA   1 
ATOM   795  H HB2  . TYR B 1 8  ? 0.31708   -16.20577 1.23005   1.000 21.86745 ? 356 TYR B HB2  1 
ATOM   796  H HB3  . TYR B 1 8  ? 1.73431   -15.55438 0.93979   1.000 21.86745 ? 356 TYR B HB3  1 
ATOM   797  H HD1  . TYR B 1 8  ? 3.39092   -15.52898 2.89938   1.000 23.61656 ? 356 TYR B HD1  1 
ATOM   798  H HD2  . TYR B 1 8  ? 0.14367   -17.84196 2.83415   1.000 23.73429 ? 356 TYR B HD2  1 
ATOM   799  H HE1  . TYR B 1 8  ? 4.30109   -16.85120 4.54114   1.000 26.05437 ? 356 TYR B HE1  1 
ATOM   800  H HE2  . TYR B 1 8  ? 1.05830   -19.17686 4.48786   1.000 28.03884 ? 356 TYR B HE2  1 
ATOM   801  H HH   . TYR B 1 8  ? 2.73515   -19.56397 5.82718   1.000 31.49493 ? 356 TYR B HH   1 
ATOM   802  N N    . LEU B 1 9  ? 1.20119   -12.79215 0.39194   1.000 20.64423 ? 357 LEU B N    1 
ATOM   803  C CA   . LEU B 1 9  ? 1.12552   -11.94275 -0.77979  1.000 23.61481 ? 357 LEU B CA   1 
ATOM   804  C C    . LEU B 1 9  ? 2.42301   -12.10781 -1.55487  1.000 20.63327 ? 357 LEU B C    1 
ATOM   805  O O    . LEU B 1 9  ? 3.49572   -12.14454 -0.95305  1.000 24.49951 ? 357 LEU B O    1 
ATOM   806  C CB   . LEU B 1 9  ? 0.95591   -10.48406 -0.28191  1.000 27.18798 ? 357 LEU B CB   1 
ATOM   807  C CG   . LEU B 1 9  ? 0.67851   -9.38657  -1.28876  1.000 28.09492 ? 357 LEU B CG   1 
ATOM   808  C CD1  . LEU B 1 9  ? -0.12984  -8.28979  -0.63869  1.000 27.67915 ? 357 LEU B CD1  1 
ATOM   809  C CD2  . LEU B 1 9  ? 1.98357   -8.83141  -1.83138  1.000 30.75315 ? 357 LEU B CD2  1 
ATOM   810  H H    . LEU B 1 9  ? 1.97589   -12.77133 0.76476   1.000 24.77308 ? 357 LEU B H    1 
ATOM   811  H HA   . LEU B 1 9  ? 0.37262   -12.19086 -1.33879  1.000 28.33777 ? 357 LEU B HA   1 
ATOM   812  H HB2  . LEU B 1 9  ? 0.22025   -10.47335 0.35022   1.000 32.62558 ? 357 LEU B HB2  1 
ATOM   813  H HB3  . LEU B 1 9  ? 1.77071   -10.23568 0.18210   1.000 32.62558 ? 357 LEU B HB3  1 
ATOM   814  H HG   . LEU B 1 9  ? 0.16668   -9.74837  -2.02905  1.000 33.71390 ? 357 LEU B HG   1 
ATOM   815  H HD11 . LEU B 1 9  ? -0.30065  -7.59407  -1.29267  1.000 33.21498 ? 357 LEU B HD11 1 
ATOM   816  H HD12 . LEU B 1 9  ? -0.96862  -8.66100  -0.32318  1.000 33.21498 ? 357 LEU B HD12 1 
ATOM   817  H HD13 . LEU B 1 9  ? 0.37325   -7.92706  0.10712   1.000 33.21498 ? 357 LEU B HD13 1 
ATOM   818  H HD21 . LEU B 1 9  ? 1.78585   -8.13141  -2.47310  1.000 36.90378 ? 357 LEU B HD21 1 
ATOM   819  H HD22 . LEU B 1 9  ? 2.50236   -8.46969  -1.09591  1.000 36.90378 ? 357 LEU B HD22 1 
ATOM   820  H HD23 . LEU B 1 9  ? 2.47545   -9.54732  -2.26315  1.000 36.90378 ? 357 LEU B HD23 1 
ATOM   821  N N    . GLN B 1 10 ? 2.33089   -12.23682 -2.87688  1.000 24.98673 ? 358 GLN B N    1 
ATOM   822  C CA   . GLN B 1 10 ? 3.48878   -12.25950 -3.75978  1.000 25.32096 ? 358 GLN B CA   1 
ATOM   823  C C    . GLN B 1 10 ? 3.49356   -10.99206 -4.59518  1.000 29.54559 ? 358 GLN B C    1 
ATOM   824  O O    . GLN B 1 10 ? 2.43252   -10.52481 -5.02022  1.000 35.53131 ? 358 GLN B O    1 
ATOM   825  C CB   . GLN B 1 10 ? 3.39681   -13.43516 -4.74394  1.000 41.94807 ? 358 GLN B CB   1 
ATOM   826  C CG   . GLN B 1 10 ? 3.91732   -14.76692 -4.24063  1.000 38.68037 ? 358 GLN B CG   1 
ATOM   827  C CD   . GLN B 1 10 ? 3.94389   -15.82541 -5.33483  1.000 38.86408 ? 358 GLN B CD   1 
ATOM   828  O OE1  . GLN B 1 10 ? 2.94461   -16.49840 -5.58686  1.000 51.18925 ? 358 GLN B OE1  1 
ATOM   829  N NE2  . GLN B 1 10 ? 5.08852   -15.96565 -5.99697  1.000 37.44432 ? 358 GLN B NE2  1 
ATOM   830  H H    . GLN B 1 10 ? 1.58374   -12.31507 -3.29549  1.000 29.98408 ? 358 GLN B H    1 
ATOM   831  H HA   . GLN B 1 10 ? 4.31150   -12.32052 -3.24958  1.000 30.38516 ? 358 GLN B HA   1 
ATOM   832  H HB2  . GLN B 1 10 ? 2.46505   -13.56073 -4.98261  1.000 50.33769 ? 358 GLN B HB2  1 
ATOM   833  H HB3  . GLN B 1 10 ? 3.90484   -13.20807 -5.53844  1.000 50.33769 ? 358 GLN B HB3  1 
ATOM   834  H HG2  . GLN B 1 10 ? 4.82229   -14.65051 -3.91144  1.000 46.41644 ? 358 GLN B HG2  1 
ATOM   835  H HG3  . GLN B 1 10 ? 3.34122   -15.08436 -3.52772  1.000 46.41644 ? 358 GLN B HG3  1 
ATOM   836  H HE21 . GLN B 1 10 ? 5.76373   -15.47162 -5.79794  1.000 44.93319 ? 358 GLN B HE21 1 
ATOM   837  H HE22 . GLN B 1 10 ? 5.15356   -16.55037 -6.62425  1.000 44.93319 ? 358 GLN B HE22 1 
ATOM   838  N N    . VAL B 1 11 ? 4.67778   -10.44142 -4.85080  1.000 29.80873 ? 359 VAL B N    1 
ATOM   839  C CA   . VAL B 1 11 ? 4.78700   -9.24376  -5.66992  1.000 33.48480 ? 359 VAL B CA   1 
ATOM   840  C C    . VAL B 1 11 ? 6.04561   -9.31548  -6.52033  1.000 41.07735 ? 359 VAL B C    1 
ATOM   841  O O    . VAL B 1 11 ? 7.08622   -9.81591  -6.08377  1.000 33.63953 ? 359 VAL B O    1 
ATOM   842  C CB   . VAL B 1 11 ? 4.79199   -7.97155  -4.80781  1.000 30.86285 ? 359 VAL B CB   1 
ATOM   843  C CG1  . VAL B 1 11 ? 6.03345   -7.94370  -3.93633  1.000 32.38044 ? 359 VAL B CG1  1 
ATOM   844  C CG2  . VAL B 1 11 ? 4.70697   -6.74167  -5.68416  1.000 32.79466 ? 359 VAL B CG2  1 
ATOM   845  H H    . VAL B 1 11 ? 5.42957   -10.74274 -4.56160  1.000 35.77047 ? 359 VAL B H    1 
ATOM   846  H HA   . VAL B 1 11 ? 4.02368   -9.19850  -6.26674  1.000 40.18176 ? 359 VAL B HA   1 
ATOM   847  H HB   . VAL B 1 11 ? 4.01610   -7.98029  -4.22574  1.000 37.03542 ? 359 VAL B HB   1 
ATOM   848  H HG11 . VAL B 1 11 ? 6.02316   -7.13648  -3.39857  1.000 38.85653 ? 359 VAL B HG11 1 
ATOM   849  H HG12 . VAL B 1 11 ? 6.03261   -8.72486  -3.36128  1.000 38.85653 ? 359 VAL B HG12 1 
ATOM   850  H HG13 . VAL B 1 11 ? 6.81868   -7.95240  -4.50574  1.000 38.85653 ? 359 VAL B HG13 1 
ATOM   851  H HG21 . VAL B 1 11 ? 4.71156   -5.95210  -5.12073  1.000 39.35359 ? 359 VAL B HG21 1 
ATOM   852  H HG22 . VAL B 1 11 ? 5.47102   -6.72676  -6.28158  1.000 39.35359 ? 359 VAL B HG22 1 
ATOM   853  H HG23 . VAL B 1 11 ? 3.88515   -6.77701  -6.19824  1.000 39.35359 ? 359 VAL B HG23 1 
ATOM   854  N N    . ARG B 1 12 ? 5.94694   -8.78301  -7.73737  1.000 41.92110 ? 360 ARG B N    1 
ATOM   855  C CA   . ARG B 1 12 ? 7.06431   -8.73073  -8.66990  1.000 44.16723 ? 360 ARG B CA   1 
ATOM   856  C C    . ARG B 1 12 ? 7.68122   -7.33670  -8.62941  1.000 43.48529 ? 360 ARG B C    1 
ATOM   857  O O    . ARG B 1 12 ? 6.98802   -6.33541  -8.86060  1.000 36.46821 ? 360 ARG B O    1 
ATOM   858  C CB   . ARG B 1 12 ? 6.58982   -9.06001  -10.08588 1.000 45.10378 ? 360 ARG B CB   1 
ATOM   859  H H    . ARG B 1 12 ? 5.22401   -8.43807  -8.05041  1.000 50.30532 ? 360 ARG B H    1 
ATOM   860  H HA   . ARG B 1 12 ? 7.73870   -9.37739  -8.40929  1.000 53.00068 ? 360 ARG B HA   1 
ATOM   861  N N    . GLY B 1 13 ? 8.97757   -7.27805  -8.33076  1.000 36.53549 ? 361 GLY B N    1 
ATOM   862  C CA   . GLY B 1 13 ? 9.73290   -6.04004  -8.37048  1.000 46.39161 ? 361 GLY B CA   1 
ATOM   863  C C    . GLY B 1 13 ? 10.27978  -5.66158  -7.01193  1.000 49.09016 ? 361 GLY B C    1 
ATOM   864  O O    . GLY B 1 13 ? 9.50697   -5.48853  -6.06732  1.000 37.74819 ? 361 GLY B O    1 
ATOM   865  H H    . GLY B 1 13 ? 9.44702   -7.95992  -8.09778  1.000 43.84259 ? 361 GLY B H    1 
ATOM   866  H HA2  . GLY B 1 13 ? 10.47616  -6.13358  -8.98668  1.000 55.66994 ? 361 GLY B HA2  1 
ATOM   867  H HA3  . GLY B 1 13 ? 9.16128   -5.32163  -8.68357  1.000 55.66994 ? 361 GLY B HA3  1 
ATOM   868  N N    . ARG B 1 14 ? 11.60513  -5.53053  -6.89756  1.000 41.23531 ? 362 ARG B N    1 
ATOM   869  C CA   . ARG B 1 14 ? 12.21446  -5.23578  -5.60256  1.000 43.10319 ? 362 ARG B CA   1 
ATOM   870  C C    . ARG B 1 14 ? 11.65638  -3.95043  -5.00329  1.000 39.88758 ? 362 ARG B C    1 
ATOM   871  O O    . ARG B 1 14 ? 11.30711  -3.91463  -3.81721  1.000 33.59488 ? 362 ARG B O    1 
ATOM   872  C CB   . ARG B 1 14 ? 13.73463  -5.14966  -5.73740  1.000 43.71783 ? 362 ARG B CB   1 
ATOM   873  H H    . ARG B 1 14 ? 12.16432  -5.60682  -7.54648  1.000 49.48237 ? 362 ARG B H    1 
ATOM   874  H HA   . ARG B 1 14 ? 12.01186  -5.96027  -4.99022  1.000 51.72383 ? 362 ARG B HA   1 
ATOM   875  N N    . ARG B 1 15 ? 11.55286  -2.88532  -5.80399  1.000 31.56835 ? 363 ARG B N    1 
ATOM   876  C CA   . ARG B 1 15 ? 10.98312  -1.63979  -5.29562  1.000 36.40469 ? 363 ARG B CA   1 
ATOM   877  C C    . ARG B 1 15 ? 9.52278   -1.82612  -4.90288  1.000 27.08449 ? 363 ARG B C    1 
ATOM   878  O O    . ARG B 1 15 ? 9.06196   -1.23679  -3.91933  1.000 27.51662 ? 363 ARG B O    1 
ATOM   879  C CB   . ARG B 1 15 ? 11.13574  -0.51762  -6.32632  1.000 39.82045 ? 363 ARG B CB   1 
ATOM   880  C CG   . ARG B 1 15 ? 10.51514  0.83169   -5.92107  1.000 42.41144 ? 363 ARG B CG   1 
ATOM   881  C CD   . ARG B 1 15 ? 10.95277  1.30978   -4.52332  1.000 45.70127 ? 363 ARG B CD   1 
ATOM   882  N NE   . ARG B 1 15 ? 10.32036  2.57777   -4.15247  1.000 52.36287 ? 363 ARG B NE   1 
ATOM   883  C CZ   . ARG B 1 15 ? 10.21471  3.03637   -2.90474  1.000 49.65277 ? 363 ARG B CZ   1 
ATOM   884  N NH1  . ARG B 1 15 ? 10.69645  2.33488   -1.87775  1.000 49.71262 ? 363 ARG B NH1  1 
ATOM   885  N NH2  . ARG B 1 15 ? 9.61536   4.19923   -2.68332  1.000 52.54444 ? 363 ARG B NH2  1 
ATOM   886  H H    . ARG B 1 15 ? 11.80003  -2.85952  -6.62730  1.000 37.88202 ? 363 ARG B H    1 
ATOM   887  H HA   . ARG B 1 15 ? 11.47109  -1.37710  -4.49952  1.000 43.68563 ? 363 ARG B HA   1 
ATOM   888  H HB2  . ARG B 1 15 ? 12.08156  -0.36897  -6.48195  1.000 47.78453 ? 363 ARG B HB2  1 
ATOM   889  H HB3  . ARG B 1 15 ? 10.71102  -0.79807  -7.15207  1.000 47.78453 ? 363 ARG B HB3  1 
ATOM   890  H HG2  . ARG B 1 15 ? 10.78320  1.50646   -6.56429  1.000 50.89373 ? 363 ARG B HG2  1 
ATOM   891  H HG3  . ARG B 1 15 ? 9.54908   0.74452   -5.91729  1.000 50.89373 ? 363 ARG B HG3  1 
ATOM   892  H HD2  . ARG B 1 15 ? 10.70103  0.64279   -3.86554  1.000 54.84152 ? 363 ARG B HD2  1 
ATOM   893  H HD3  . ARG B 1 15 ? 11.91417  1.43853   -4.51754  1.000 54.84152 ? 363 ARG B HD3  1 
ATOM   894  H HE   . ARG B 1 15 ? 9.99385   3.06102   -4.78450  1.000 62.83545 ? 363 ARG B HE   1 
ATOM   895  H HH11 . ARG B 1 15 ? 11.08373  1.57971   -2.01680  1.000 59.65515 ? 363 ARG B HH11 1 
ATOM   896  H HH12 . ARG B 1 15 ? 10.62254  2.63918   -1.07679  1.000 59.65515 ? 363 ARG B HH12 1 
ATOM   897  H HH21 . ARG B 1 15 ? 9.30302   4.65444   -3.34274  1.000 63.05333 ? 363 ARG B HH21 1 
ATOM   898  H HH22 . ARG B 1 15 ? 9.54440   4.50050   -1.88095  1.000 63.05333 ? 363 ARG B HH22 1 
ATOM   899  N N    . ASN B 1 16 ? 8.76396   -2.60379  -5.68100  1.000 27.47194 ? 364 ASN B N    1 
ATOM   900  C CA   . ASN B 1 16 ? 7.37898   -2.88302  -5.29323  1.000 22.19826 ? 364 ASN B CA   1 
ATOM   901  C C    . ASN B 1 16 ? 7.33265   -3.61270  -3.95238  1.000 24.00784 ? 364 ASN B C    1 
ATOM   902  O O    . ASN B 1 16 ? 6.49757   -3.29916  -3.08852  1.000 22.67637 ? 364 ASN B O    1 
ATOM   903  C CB   . ASN B 1 16 ? 6.67521   -3.68545  -6.39557  1.000 26.03471 ? 364 ASN B CB   1 
ATOM   904  C CG   . ASN B 1 16 ? 6.39067   -2.85552  -7.65641  1.000 22.18025 ? 364 ASN B CG   1 
ATOM   905  O OD1  . ASN B 1 16 ? 6.34106   -1.63460  -7.62653  1.000 25.50049 ? 364 ASN B OD1  1 
ATOM   906  N ND2  . ASN B 1 16 ? 6.16663   -3.54097  -8.76229  1.000 27.18178 ? 364 ASN B ND2  1 
ATOM   907  H H    . ASN B 1 16 ? 9.01766   -2.97131  -6.41594  1.000 32.96633 ? 364 ASN B H    1 
ATOM   908  H HA   . ASN B 1 16 ? 6.90676   -2.04201  -5.19025  1.000 26.63791 ? 364 ASN B HA   1 
ATOM   909  H HB2  . ASN B 1 16 ? 7.23929   -4.43230  -6.65038  1.000 31.24166 ? 364 ASN B HB2  1 
ATOM   910  H HB3  . ASN B 1 16 ? 5.82764   -4.01195  -6.05512  1.000 31.24166 ? 364 ASN B HB3  1 
ATOM   911  H HD21 . ASN B 1 16 ? 6.00182   -3.12781  -9.49832  1.000 32.61813 ? 364 ASN B HD21 1 
ATOM   912  H HD22 . ASN B 1 16 ? 6.18552   -4.40062  -8.74663  1.000 32.61813 ? 364 ASN B HD22 1 
ATOM   913  N N    . PHE B 1 17 ? 8.22441   -4.57758  -3.75084  1.000 24.29193 ? 365 PHE B N    1 
ATOM   914  C CA   . PHE B 1 17 ? 8.29783   -5.27818  -2.47789  1.000 22.96446 ? 365 PHE B CA   1 
ATOM   915  C C    . PHE B 1 17 ? 8.60454   -4.31189  -1.33941  1.000 22.17687 ? 365 PHE B C    1 
ATOM   916  O O    . PHE B 1 17 ? 7.95246   -4.35591  -0.29274  1.000 21.00980 ? 365 PHE B O    1 
ATOM   917  C CB   . PHE B 1 17 ? 9.35350   -6.38242  -2.55006  1.000 26.48064 ? 365 PHE B CB   1 
ATOM   918  C CG   . PHE B 1 17 ? 9.61869   -7.06110  -1.23865  1.000 24.06151 ? 365 PHE B CG   1 
ATOM   919  C CD1  . PHE B 1 17 ? 8.65970   -7.86892  -0.64435  1.000 22.12411 ? 365 PHE B CD1  1 
ATOM   920  C CD2  . PHE B 1 17 ? 10.83610  -6.90180  -0.60219  1.000 29.53793 ? 365 PHE B CD2  1 
ATOM   921  C CE1  . PHE B 1 17 ? 8.91594   -8.51035  0.55935   1.000 27.19868 ? 365 PHE B CE1  1 
ATOM   922  C CE2  . PHE B 1 17 ? 11.09661  -7.53827  0.59181   1.000 26.77080 ? 365 PHE B CE2  1 
ATOM   923  C CZ   . PHE B 1 17 ? 10.13931  -8.33706  1.17530   1.000 28.54514 ? 365 PHE B CZ   1 
ATOM   924  H H    . PHE B 1 17 ? 8.79656   -4.84384  -4.33509  1.000 29.15032 ? 365 PHE B H    1 
ATOM   925  H HA   . PHE B 1 17 ? 7.44051   -5.69385  -2.29589  1.000 27.55735 ? 365 PHE B HA   1 
ATOM   926  H HB2  . PHE B 1 17 ? 9.05473   -7.05875  -3.17793  1.000 31.77676 ? 365 PHE B HB2  1 
ATOM   927  H HB3  . PHE B 1 17 ? 10.18847  -5.99583  -2.85711  1.000 31.77676 ? 365 PHE B HB3  1 
ATOM   928  H HD1  . PHE B 1 17 ? 7.83764   -7.98886  -1.06239  1.000 26.54894 ? 365 PHE B HD1  1 
ATOM   929  H HD2  . PHE B 1 17 ? 11.49121  -6.36816  -0.99075  1.000 35.44551 ? 365 PHE B HD2  1 
ATOM   930  H HE1  . PHE B 1 17 ? 8.26623   -9.04822  0.95112   1.000 32.63842 ? 365 PHE B HE1  1 
ATOM   931  H HE2  . PHE B 1 17 ? 11.91889  -7.42013  1.00989   1.000 32.12496 ? 365 PHE B HE2  1 
ATOM   932  H HZ   . PHE B 1 17 ? 10.31601  -8.75856  1.98525   1.000 34.25417 ? 365 PHE B HZ   1 
ATOM   933  N N    . GLU B 1 18 ? 9.56815   -3.41649  -1.52639  1.000 23.98681 ? 366 GLU B N    1 
ATOM   934  C CA   . GLU B 1 18 ? 9.91996   -2.48956  -0.45543  1.000 24.26952 ? 366 GLU B CA   1 
ATOM   935  C C    . GLU B 1 18 ? 8.77968   -1.52186  -0.14114  1.000 19.78672 ? 366 GLU B C    1 
ATOM   936  O O    . GLU B 1 18 ? 8.55477   -1.21380  1.03443   1.000 19.85479 ? 366 GLU B O    1 
ATOM   937  C CB   . GLU B 1 18 ? 11.21522  -1.76034  -0.80172  1.000 31.32004 ? 366 GLU B CB   1 
ATOM   938  C CG   . GLU B 1 18 ? 12.42713  -2.66491  -0.58042  1.000 38.21256 ? 366 GLU B CG   1 
ATOM   939  C CD   . GLU B 1 18 ? 13.71850  -2.09105  -1.12107  1.000 55.74071 ? 366 GLU B CD   1 
ATOM   940  O OE1  . GLU B 1 18 ? 13.70268  -0.95303  -1.64200  1.000 53.42352 ? 366 GLU B OE1  1 
ATOM   941  O OE2  . GLU B 1 18 ? 14.74996  -2.79220  -1.02529  1.000 57.03201 ? 366 GLU B OE2  1 
ATOM   942  H H    . GLU B 1 18 ? 10.02581  -3.32492  -2.24872  1.000 28.78417 ? 366 GLU B H    1 
ATOM   943  H HA   . GLU B 1 18 ? 10.08739  -3.00539  0.34880   1.000 29.12343 ? 366 GLU B HA   1 
ATOM   944  H HB2  . GLU B 1 18 ? 11.19668  -1.49681  -1.73505  1.000 37.58405 ? 366 GLU B HB2  1 
ATOM   945  H HB3  . GLU B 1 18 ? 11.30770  -0.98046  -0.23238  1.000 37.58405 ? 366 GLU B HB3  1 
ATOM   946  H HG2  . GLU B 1 18 ? 12.54137  -2.80793  0.37214   1.000 45.85508 ? 366 GLU B HG2  1 
ATOM   947  H HG3  . GLU B 1 18 ? 12.27007  -3.51300  -1.02424  1.000 45.85508 ? 366 GLU B HG3  1 
ATOM   948  N N    . ILE B 1 19 ? 8.08623   -1.00904  -1.17679  1.000 22.21424 ? 367 ILE B N    1 
ATOM   949  C CA   . ILE B 1 19 ? 6.89107   -0.16926  -0.98371  1.000 21.85139 ? 367 ILE B CA   1 
ATOM   950  C C    . ILE B 1 19 ? 5.87102   -0.90568  -0.12123  1.000 17.37740 ? 367 ILE B C    1 
ATOM   951  O O    . ILE B 1 19 ? 5.37123   -0.39233  0.88919   1.000 17.33404 ? 367 ILE B O    1 
ATOM   952  C CB   . ILE B 1 19 ? 6.27523   0.22069   -2.35152  1.000 22.15756 ? 367 ILE B CB   1 
ATOM   953  C CG1  . ILE B 1 19 ? 7.14868   1.22933   -3.09425  1.000 30.78056 ? 367 ILE B CG1  1 
ATOM   954  C CG2  . ILE B 1 19 ? 4.85000   0.77786   -2.19984  1.000 27.59504 ? 367 ILE B CG2  1 
ATOM   955  C CD1  . ILE B 1 19 ? 6.80897   1.35091   -4.58334  1.000 36.22168 ? 367 ILE B CD1  1 
ATOM   956  H H    . ILE B 1 19 ? 8.29085   -1.13514  -2.00252  1.000 26.65709 ? 367 ILE B H    1 
ATOM   957  H HA   . ILE B 1 19 ? 7.14513   0.64557   -0.52286  1.000 26.22167 ? 367 ILE B HA   1 
ATOM   958  H HB   . ILE B 1 19 ? 6.22366   -0.58249  -2.89293  1.000 26.58907 ? 367 ILE B HB   1 
ATOM   959  H HG12 . ILE B 1 19 ? 7.03159   2.10326   -2.68997  1.000 36.93667 ? 367 ILE B HG12 1 
ATOM   960  H HG13 . ILE B 1 19 ? 8.07605   0.95422   -3.02207  1.000 36.93667 ? 367 ILE B HG13 1 
ATOM   961  H HG21 . ILE B 1 19 ? 4.50616   1.00744   -3.07732  1.000 33.11405 ? 367 ILE B HG21 1 
ATOM   962  H HG22 . ILE B 1 19 ? 4.28862   0.10075   -1.79083  1.000 33.11405 ? 367 ILE B HG22 1 
ATOM   963  H HG23 . ILE B 1 19 ? 4.87851   1.56812   -1.63808  1.000 33.11405 ? 367 ILE B HG23 1 
ATOM   964  H HD11 . ILE B 1 19 ? 7.39940   2.00486   -4.98908  1.000 43.46601 ? 367 ILE B HD11 1 
ATOM   965  H HD12 . ILE B 1 19 ? 6.93144   0.48660   -5.00628  1.000 43.46601 ? 367 ILE B HD12 1 
ATOM   966  H HD13 . ILE B 1 19 ? 5.88635   1.63631   -4.67400  1.000 43.46601 ? 367 ILE B HD13 1 
ATOM   967  N N    . LEU B 1 20 ? 5.52612   -2.12404  -0.52634  1.000 15.80924 ? 368 LEU B N    1 
ATOM   968  C CA   . LEU B 1 20 ? 4.51095   -2.86343  0.19798   1.000 14.96345 ? 368 LEU B CA   1 
ATOM   969  C C    . LEU B 1 20 ? 4.94629   -3.20275  1.61050   1.000 13.94707 ? 368 LEU B C    1 
ATOM   970  O O    . LEU B 1 20 ? 4.12230   -3.17995  2.51368   1.000 14.04030 ? 368 LEU B O    1 
ATOM   971  C CB   . LEU B 1 20 ? 4.10647   -4.11331  -0.57316  1.000 16.55268 ? 368 LEU B CB   1 
ATOM   972  C CG   . LEU B 1 20 ? 3.47652   -3.85050  -1.92703  1.000 16.15897 ? 368 LEU B CG   1 
ATOM   973  C CD1  . LEU B 1 20 ? 3.21233   -5.16603  -2.62876  1.000 21.69036 ? 368 LEU B CD1  1 
ATOM   974  C CD2  . LEU B 1 20 ? 2.20668   -3.07761  -1.79042  1.000 16.78712 ? 368 LEU B CD2  1 
ATOM   975  H H    . LEU B 1 20 ? 5.85964   -2.53470  -1.20438  1.000 18.97108 ? 368 LEU B H    1 
ATOM   976  H HA   . LEU B 1 20 ? 3.72233   -2.30313  0.26894   1.000 17.95615 ? 368 LEU B HA   1 
ATOM   977  H HB2  . LEU B 1 20 ? 4.89709   -4.65622  -0.71830  1.000 19.86322 ? 368 LEU B HB2  1 
ATOM   978  H HB3  . LEU B 1 20 ? 3.46384   -4.60944  -0.04234  1.000 19.86322 ? 368 LEU B HB3  1 
ATOM   979  H HG   . LEU B 1 20 ? 4.09068   -3.33326  -2.47125  1.000 19.39077 ? 368 LEU B HG   1 
ATOM   980  H HD11 . LEU B 1 20 ? 2.80975   -4.98714  -3.49295  1.000 26.02843 ? 368 LEU B HD11 1 
ATOM   981  H HD12 . LEU B 1 20 ? 4.05310   -5.63539  -2.74577  1.000 26.02843 ? 368 LEU B HD12 1 
ATOM   982  H HD13 . LEU B 1 20 ? 2.60909   -5.69737  -2.08592  1.000 26.02843 ? 368 LEU B HD13 1 
ATOM   983  H HD21 . LEU B 1 20 ? 1.83220   -2.92794  -2.67260  1.000 20.14455 ? 368 LEU B HD21 1 
ATOM   984  H HD22 . LEU B 1 20 ? 1.58420   -3.58714  -1.24839  1.000 20.14455 ? 368 LEU B HD22 1 
ATOM   985  H HD23 . LEU B 1 20 ? 2.39903   -2.22802  -1.36370  1.000 20.14455 ? 368 LEU B HD23 1 
ATOM   986  N N    . MET B 1 21 ? 6.23744   -3.48892  1.83497   1.000 15.55551 ? 369 MET B N    1 
ATOM   987  C CA   . MET B 1 21 ? 6.69507   -3.78323  3.18745   1.000 14.66827 ? 369 MET B CA   1 
ATOM   988  C C    . MET B 1 21 ? 6.58613   -2.55562  4.09574   1.000 14.12284 ? 369 MET B C    1 
ATOM   989  O O    . MET B 1 21 ? 6.22718   -2.69043  5.27192   1.000 15.90941 ? 369 MET B O    1 
ATOM   990  C CB   . MET B 1 21 ? 8.13528   -4.30672  3.13608   1.000 16.98599 ? 369 MET B CB   1 
ATOM   991  C CG   . MET B 1 21 ? 8.28258   -5.75673  2.65563   1.000 21.47740 ? 369 MET B CG   1 
ATOM   992  S SD   . MET B 1 21 ? 7.52098   -6.94125  3.74495   1.000 21.71911 ? 369 MET B SD   1 
ATOM   993  C CE   . MET B 1 21 ? 8.64816   -6.97573  5.10220   1.000 22.87156 ? 369 MET B CE   1 
ATOM   994  H H    . MET B 1 21 ? 6.85015   -3.51723  1.23215   1.000 18.66661 ? 369 MET B H    1 
ATOM   995  H HA   . MET B 1 21 ? 6.13984   -4.48876  3.55466   1.000 17.60192 ? 369 MET B HA   1 
ATOM   996  H HB2  . MET B 1 21 ? 8.64603   -3.74531  2.53205   1.000 20.38318 ? 369 MET B HB2  1 
ATOM   997  H HB3  . MET B 1 21 ? 8.51442   -4.25414  4.02736   1.000 20.38318 ? 369 MET B HB3  1 
ATOM   998  H HG2  . MET B 1 21 ? 7.86602   -5.84261  1.78385   1.000 25.77288 ? 369 MET B HG2  1 
ATOM   999  H HG3  . MET B 1 21 ? 9.22619   -5.97267  2.59339   1.000 25.77288 ? 369 MET B HG3  1 
ATOM   1000 H HE1  . MET B 1 21 ? 8.32209   -7.60232  5.76701   1.000 27.44587 ? 369 MET B HE1  1 
ATOM   1001 H HE2  . MET B 1 21 ? 9.51942   -7.25663  4.78144   1.000 27.44587 ? 369 MET B HE2  1 
ATOM   1002 H HE3  . MET B 1 21 ? 8.70717   -6.08672  5.48572   1.000 27.44587 ? 369 MET B HE3  1 
ATOM   1003 N N    . GLU B 1 22 ? 6.87133   -1.36982  3.57488   1.000 14.47400 ? 370 GLU B N    1 
ATOM   1004 C CA   . GLU B 1 22 ? 6.74679   -0.16238  4.39258   1.000 17.12906 ? 370 GLU B CA   1 
ATOM   1005 C C    . GLU B 1 22 ? 5.29650   0.03677   4.83537   1.000 15.38669 ? 370 GLU B C    1 
ATOM   1006 O O    . GLU B 1 22 ? 5.01653   0.35507   5.99815   1.000 17.43846 ? 370 GLU B O    1 
ATOM   1007 C CB   . GLU B 1 22 ? 7.24842   1.03272   3.58756   1.000 20.31736 ? 370 GLU B CB   1 
ATOM   1008 C CG   . GLU B 1 22 ? 7.40944   2.30505   4.38459   1.000 25.52505 ? 370 GLU B CG   1 
ATOM   1009 C CD   . GLU B 1 22 ? 8.45127   3.24136   3.78204   1.000 36.85754 ? 370 GLU B CD   1 
ATOM   1010 O OE1  . GLU B 1 22 ? 8.90949   2.98101   2.65242   1.000 40.57416 ? 370 GLU B OE1  1 
ATOM   1011 O OE2  . GLU B 1 22 ? 8.82671   4.22251   4.45691   1.000 48.83445 ? 370 GLU B OE2  1 
ATOM   1012 H H    . GLU B 1 22 ? 7.13420   -1.23398  2.76738   1.000 17.36880 ? 370 GLU B H    1 
ATOM   1013 H HA   . GLU B 1 22 ? 7.29917   -0.25141  5.18494   1.000 20.55488 ? 370 GLU B HA   1 
ATOM   1014 H HB2  . GLU B 1 22 ? 8.11411   0.81078   3.21044   1.000 24.38083 ? 370 GLU B HB2  1 
ATOM   1015 H HB3  . GLU B 1 22 ? 6.61743   1.21163   2.87290   1.000 24.38083 ? 370 GLU B HB3  1 
ATOM   1016 H HG2  . GLU B 1 22 ? 6.56074   2.77417   4.40782   1.000 30.63006 ? 370 GLU B HG2  1 
ATOM   1017 H HG3  . GLU B 1 22 ? 7.69097   2.08135   5.28547   1.000 30.63006 ? 370 GLU B HG3  1 
ATOM   1018 N N    . LEU B 1 23 ? 4.35173   -0.21128  3.93470   1.000 13.82249 ? 371 LEU B N    1 
ATOM   1019 C CA   . LEU B 1 23 ? 2.93682   -0.06573  4.24524   1.000 16.51351 ? 371 LEU B CA   1 
ATOM   1020 C C    . LEU B 1 23 ? 2.42556   -1.20740  5.12133   1.000 14.23577 ? 371 LEU B C    1 
ATOM   1021 O O    . LEU B 1 23 ? 1.57464   -0.99058  5.98969   1.000 16.34451 ? 371 LEU B O    1 
ATOM   1022 C CB   . LEU B 1 23 ? 2.13275   0.03696   2.95056   1.000 15.99853 ? 371 LEU B CB   1 
ATOM   1023 C CG   . LEU B 1 23 ? 2.51141   1.24602   2.11318   1.000 21.28565 ? 371 LEU B CG   1 
ATOM   1024 C CD1  . LEU B 1 23 ? 1.84481   1.06127   0.77101   1.000 27.27227 ? 371 LEU B CD1  1 
ATOM   1025 C CD2  . LEU B 1 23 ? 2.08814   2.53378   2.79721   1.000 23.28410 ? 371 LEU B CD2  1 
ATOM   1026 H H    . LEU B 1 23 ? 4.50727   -0.46777  3.12870   1.000 16.58699 ? 371 LEU B H    1 
ATOM   1027 H HA   . LEU B 1 23 ? 2.81055   0.76099   4.73662   1.000 19.81621 ? 371 LEU B HA   1 
ATOM   1028 H HB2  . LEU B 1 23 ? 2.29057   -0.75781  2.41734   1.000 19.19824 ? 371 LEU B HB2  1 
ATOM   1029 H HB3  . LEU B 1 23 ? 1.19037   0.10756   3.16929   1.000 19.19824 ? 371 LEU B HB3  1 
ATOM   1030 H HG   . LEU B 1 23 ? 3.47240   1.26449   1.98262   1.000 25.54279 ? 371 LEU B HG   1 
ATOM   1031 H HD11 . LEU B 1 23 ? 2.06337   1.81711   0.20370   1.000 32.72672 ? 371 LEU B HD11 1 
ATOM   1032 H HD12 . LEU B 1 23 ? 2.16867   0.24034   0.36844   1.000 32.72672 ? 371 LEU B HD12 1 
ATOM   1033 H HD13 . LEU B 1 23 ? 0.88476   1.01064   0.90008   1.000 32.72672 ? 371 LEU B HD13 1 
ATOM   1034 H HD21 . LEU B 1 23 ? 2.34296   3.28548   2.23961   1.000 27.94092 ? 371 LEU B HD21 1 
ATOM   1035 H HD22 . LEU B 1 23 ? 1.12606   2.52387   2.92044   1.000 27.94092 ? 371 LEU B HD22 1 
ATOM   1036 H HD23 . LEU B 1 23 ? 2.53173   2.59426   3.65772   1.000 27.94092 ? 371 LEU B HD23 1 
ATOM   1037 N N    . LYS B 1 24 ? 2.89262   -2.43907  4.89905   1.000 15.06871 ? 372 LYS B N    1 
ATOM   1038 C CA   . LYS B 1 24 ? 2.54147   -3.55055  5.78047   1.000 13.54829 ? 372 LYS B CA   1 
ATOM   1039 C C    . LYS B 1 24 ? 2.90927   -3.21441  7.21625   1.000 13.65465 ? 372 LYS B C    1 
ATOM   1040 O O    . LYS B 1 24 ? 2.10986   -3.39446  8.13792   1.000 14.37917 ? 372 LYS B O    1 
ATOM   1041 C CB   . LYS B 1 24 ? 3.23289   -4.84065  5.30843   1.000 18.11903 ? 372 LYS B CB   1 
ATOM   1042 C CG   . LYS B 1 24 ? 3.34850   -6.03913  6.36001   1.000 24.47639 ? 372 LYS B CG   1 
ATOM   1043 C CD   . LYS B 1 24 ? 4.50220   -7.06211  5.99895   1.000 23.29192 ? 372 LYS B CD   1 
ATOM   1044 C CE   . LYS B 1 24 ? 5.18946   -7.72063  7.18871   1.000 26.07888 ? 372 LYS B CE   1 
ATOM   1045 N NZ   . LYS B 1 24 ? 4.24779   -8.34061  8.14331   1.000 34.98415 ? 372 LYS B NZ   1 
ATOM   1046 H H    . LYS B 1 24 ? 3.41149   -2.65430  4.24786   1.000 18.08245 ? 372 LYS B H    1 
ATOM   1047 H HA   . LYS B 1 24 ? 1.58277   -3.69322  5.74230   1.000 16.25795 ? 372 LYS B HA   1 
ATOM   1048 H HB2  . LYS B 1 24 ? 2.74390   -5.18046  4.54271   1.000 21.74283 ? 372 LYS B HB2  1 
ATOM   1049 H HB3  . LYS B 1 24 ? 4.13557   -4.61459  5.03462   1.000 21.74283 ? 372 LYS B HB3  1 
ATOM   1050 H HG2  . LYS B 1 24 ? 3.53700   -5.67212  7.23788   1.000 29.37166 ? 372 LYS B HG2  1 
ATOM   1051 H HG3  . LYS B 1 24 ? 2.51001   -6.52651  6.37706   1.000 29.37166 ? 372 LYS B HG3  1 
ATOM   1052 H HD2  . LYS B 1 24 ? 4.12528   -7.76945  5.45261   1.000 27.95031 ? 372 LYS B HD2  1 
ATOM   1053 H HD3  . LYS B 1 24 ? 5.18318   -6.59092  5.49382   1.000 27.95031 ? 372 LYS B HD3  1 
ATOM   1054 H HE2  . LYS B 1 24 ? 5.78325   -8.41504  6.86297   1.000 31.29465 ? 372 LYS B HE2  1 
ATOM   1055 H HE3  . LYS B 1 24 ? 5.69941   -7.04870  7.66765   1.000 31.29465 ? 372 LYS B HE3  1 
ATOM   1056 H HZ1  . LYS B 1 24 ? 4.69705   -8.70983  8.81706   1.000 41.98098 ? 372 LYS B HZ1  1 
ATOM   1057 H HZ2  . LYS B 1 24 ? 3.69429   -7.72398  8.46815   1.000 41.98098 ? 372 LYS B HZ2  1 
ATOM   1058 H HZ3  . LYS B 1 24 ? 3.77080   -8.97068  7.73393   1.000 41.98098 ? 372 LYS B HZ3  1 
ATOM   1059 N N    . ARG B 1 25 ? 4.12040   -2.68459  7.40648   1.000 14.99798 ? 373 ARG B N    1 
ATOM   1060 C CA   . ARG B 1 25 ? 4.56910   -2.27471  8.73520   1.000 15.34355 ? 373 ARG B CA   1 
ATOM   1061 C C    . ARG B 1 25 ? 3.64489   -1.22229  9.33888   1.000 14.08471 ? 373 ARG B C    1 
ATOM   1062 O O    . ARG B 1 25 ? 3.22486   -1.36021  10.49005  1.000 14.60476 ? 373 ARG B O    1 
ATOM   1063 C CB   . ARG B 1 25 ? 5.98073   -1.73924  8.63215   1.000 15.28456 ? 373 ARG B CB   1 
ATOM   1064 C CG   . ARG B 1 25 ? 6.52861   -1.16978  9.93484   1.000 15.87120 ? 373 ARG B CG   1 
ATOM   1065 C CD   . ARG B 1 25 ? 8.06376   -1.07121  9.82732   1.000 19.41511 ? 373 ARG B CD   1 
ATOM   1066 N NE   . ARG B 1 25 ? 8.71899   -0.53888  11.02728  1.000 18.79066 ? 373 ARG B NE   1 
ATOM   1067 C CZ   . ARG B 1 25 ? 8.81468   0.75098   11.30546  1.000 20.24475 ? 373 ARG B CZ   1 
ATOM   1068 N NH1  . ARG B 1 25 ? 8.28054   1.66953   10.52041  1.000 21.14723 ? 373 ARG B NH1  1 
ATOM   1069 N NH2  . ARG B 1 25 ? 9.45150   1.11706   12.42217  1.000 22.27288 ? 373 ARG B NH2  1 
ATOM   1070 H H    . ARG B 1 25 ? 4.69806   -2.55313  6.78310   1.000 17.99758 ? 373 ARG B H    1 
ATOM   1071 H HA   . ARG B 1 25 ? 4.57758   -3.04615  9.32318   1.000 18.41226 ? 373 ARG B HA   1 
ATOM   1072 H HB2  . ARG B 1 25 ? 6.56765   -2.46013  8.35511   1.000 18.34147 ? 373 ARG B HB2  1 
ATOM   1073 H HB3  . ARG B 1 25 ? 5.99727   -1.03054  7.97006   1.000 18.34147 ? 373 ARG B HB3  1 
ATOM   1074 H HG2  . ARG B 1 25 ? 6.16808   -0.28147  10.08255  1.000 19.04544 ? 373 ARG B HG2  1 
ATOM   1075 H HG3  . ARG B 1 25 ? 6.30423   -1.75964  10.67146  1.000 19.04544 ? 373 ARG B HG3  1 
ATOM   1076 H HD2  . ARG B 1 25 ? 8.42170   -1.95794  9.66457   1.000 23.29813 ? 373 ARG B HD2  1 
ATOM   1077 H HD3  . ARG B 1 25 ? 8.28671   -0.48703  9.08573   1.000 23.29813 ? 373 ARG B HD3  1 
ATOM   1078 H HE   . ARG B 1 25 ? 8.98810   -1.09967  11.62116  1.000 22.54879 ? 373 ARG B HE   1 
ATOM   1079 H HH11 . ARG B 1 25 ? 7.87339   1.43545   9.79997   1.000 25.37668 ? 373 ARG B HH11 1 
ATOM   1080 H HH12 . ARG B 1 25 ? 8.34981   2.50221   10.72398  1.000 25.37668 ? 373 ARG B HH12 1 
ATOM   1081 H HH21 . ARG B 1 25 ? 9.79264   0.51960   12.93817  1.000 26.72745 ? 373 ARG B HH21 1 
ATOM   1082 H HH22 . ARG B 1 25 ? 9.51419   1.94968   12.62814  1.000 26.72745 ? 373 ARG B HH22 1 
ATOM   1083 N N    . SER B 1 26 ? 3.30374   -0.18280  8.58594   1.000 14.38078 ? 374 SER B N    1 
ATOM   1084 C CA   . SER B 1 26 ? 2.43405   0.85153   9.15184   1.000 15.19360 ? 374 SER B CA   1 
ATOM   1085 C C    . SER B 1 26 ? 1.04758   0.29946   9.47161   1.000 17.28454 ? 374 SER B C    1 
ATOM   1086 O O    . SER B 1 26 ? 0.47039   0.59052   10.52403  1.000 16.78451 ? 374 SER B O    1 
ATOM   1087 C CB   . SER B 1 26 ? 2.39039   2.10880   8.26277   1.000 17.77986 ? 374 SER B CB   1 
ATOM   1088 O OG   . SER B 1 26 ? 1.68280   1.88804   7.05171   1.000 19.02894 ? 374 SER B OG   1 
ATOM   1089 H H    . SER B 1 26 ? 3.55014   -0.05136  7.77255   1.000 17.25693 ? 374 SER B H    1 
ATOM   1090 H HA   . SER B 1 26 ? 2.82151   1.12688   9.99739   1.000 18.23232 ? 374 SER B HA   1 
ATOM   1091 H HB2  . SER B 1 26 ? 1.95223   2.82165   8.75346   1.000 21.33583 ? 374 SER B HB2  1 
ATOM   1092 H HB3  . SER B 1 26 ? 3.29967   2.36996   8.04854   1.000 21.33583 ? 374 SER B HB3  1 
ATOM   1093 H HG   . SER B 1 26 ? 2.05168   1.27542   6.61102   1.000 22.83473 ? 374 SER B HG   1 
ATOM   1094 N N    . LEU B 1 27 ? 0.49388   -0.51769  8.58448   1.000 15.65666 ? 375 LEU B N    1 
ATOM   1095 C CA   . LEU B 1 27 ? -0.82960  -1.08030  8.82650   1.000 14.46968 ? 375 LEU B CA   1 
ATOM   1096 C C    . LEU B 1 27 ? -0.84652  -2.01362  10.03194  1.000 14.59778 ? 375 LEU B C    1 
ATOM   1097 O O    . LEU B 1 27 ? -1.81283  -2.02248  10.80262  1.000 16.87669 ? 375 LEU B O    1 
ATOM   1098 C CB   . LEU B 1 27 ? -1.30964  -1.83192  7.58199   1.000 15.74763 ? 375 LEU B CB   1 
ATOM   1099 C CG   . LEU B 1 27 ? -1.62433  -0.96636  6.36832   1.000 15.31162 ? 375 LEU B CG   1 
ATOM   1100 C CD1  . LEU B 1 27 ? -1.71275  -1.80878  5.09689   1.000 16.21564 ? 375 LEU B CD1  1 
ATOM   1101 C CD2  . LEU B 1 27 ? -2.91939  -0.21843  6.62884   1.000 15.70136 ? 375 LEU B CD2  1 
ATOM   1102 H H    . LEU B 1 27 ? 0.85714   -0.76023  7.84365   1.000 18.78799 ? 375 LEU B H    1 
ATOM   1103 H HA   . LEU B 1 27 ? -1.45279  -0.35727  8.99902   1.000 17.36361 ? 375 LEU B HA   1 
ATOM   1104 H HB2  . LEU B 1 27 ? -0.61941  -2.46061  7.31886   1.000 18.89715 ? 375 LEU B HB2  1 
ATOM   1105 H HB3  . LEU B 1 27 ? -2.11823  -2.31674  7.81010   1.000 18.89715 ? 375 LEU B HB3  1 
ATOM   1106 H HG   . LEU B 1 27 ? -0.91650  -0.31370  6.25031   1.000 18.37395 ? 375 LEU B HG   1 
ATOM   1107 H HD11 . LEU B 1 27 ? -1.91363  -1.22746  4.34681   1.000 19.45877 ? 375 LEU B HD11 1 
ATOM   1108 H HD12 . LEU B 1 27 ? -0.86252  -2.25306  4.95325   1.000 19.45877 ? 375 LEU B HD12 1 
ATOM   1109 H HD13 . LEU B 1 27 ? -2.41684  -2.46742  5.20339   1.000 19.45877 ? 375 LEU B HD13 1 
ATOM   1110 H HD21 . LEU B 1 27 ? -3.12454  0.33454   5.85874   1.000 18.84163 ? 375 LEU B HD21 1 
ATOM   1111 H HD22 . LEU B 1 27 ? -3.63107  -0.86133  6.77403   1.000 18.84163 ? 375 LEU B HD22 1 
ATOM   1112 H HD23 . LEU B 1 27 ? -2.80953  0.33757   7.41605   1.000 18.84163 ? 375 LEU B HD23 1 
ATOM   1113 N N    . GLU B 1 28 ? 0.18104   -2.85088  10.19574  1.000 14.42656 ? 376 GLU B N    1 
ATOM   1114 C CA   . GLU B 1 28 ? 0.21288   -3.74106  11.36121  1.000 14.95756 ? 376 GLU B CA   1 
ATOM   1115 C C    . GLU B 1 28 ? 0.50036   -2.95311  12.64927  1.000 15.07887 ? 376 GLU B C    1 
ATOM   1116 O O    . GLU B 1 28 ? -0.09100  -3.22796  13.70002  1.000 19.35783 ? 376 GLU B O    1 
ATOM   1117 C CB   . GLU B 1 28 ? 1.21238   -4.87840  11.16104  1.000 16.53453 ? 376 GLU B CB   1 
ATOM   1118 C CG   . GLU B 1 28 ? 0.83523   -5.80425  10.00599  1.000 15.48089 ? 376 GLU B CG   1 
ATOM   1119 C CD   . GLU B 1 28 ? 1.70358   -7.04839  9.95090   1.000 21.60434 ? 376 GLU B CD   1 
ATOM   1120 O OE1  . GLU B 1 28 ? 2.87131   -7.03161  10.37472  1.000 23.51583 ? 376 GLU B OE1  1 
ATOM   1121 O OE2  . GLU B 1 28 ? 1.22797   -8.10493  9.46325   1.000 21.33959 ? 376 GLU B OE2  1 
ATOM   1122 H H    . GLU B 1 28 ? 0.85332   -2.92305  9.66430   1.000 17.31187 ? 376 GLU B H    1 
ATOM   1123 H HA   . GLU B 1 28 ? -0.66422  -4.14332  11.46002  1.000 17.94907 ? 376 GLU B HA   1 
ATOM   1124 H HB2  . GLU B 1 28 ? 2.08540   -4.50132  10.96986  1.000 19.84144 ? 376 GLU B HB2  1 
ATOM   1125 H HB3  . GLU B 1 28 ? 1.25125   -5.41058  11.97108  1.000 19.84144 ? 376 GLU B HB3  1 
ATOM   1126 H HG2  . GLU B 1 28 ? -0.08683  -6.08558  10.11358  1.000 18.57707 ? 376 GLU B HG2  1 
ATOM   1127 H HG3  . GLU B 1 28 ? 0.94162   -5.32594  9.16886   1.000 18.57707 ? 376 GLU B HG3  1 
ATOM   1128 N N    . LEU B 1 29 ? 1.37976   -1.95232  12.59497  1.000 15.45165 ? 377 LEU B N    1 
ATOM   1129 C CA   . LEU B 1 29 ? 1.69532   -1.18661  13.80031  1.000 17.57958 ? 377 LEU B CA   1 
ATOM   1130 C C    . LEU B 1 29 ? 0.51354   -0.35964  14.27777  1.000 18.65155 ? 377 LEU B C    1 
ATOM   1131 O O    . LEU B 1 29 ? 0.40091   -0.09271  15.47616  1.000 16.90731 ? 377 LEU B O    1 
ATOM   1132 C CB   . LEU B 1 29 ? 2.90339   -0.28098  13.60718  1.000 16.53512 ? 377 LEU B CB   1 
ATOM   1133 C CG   . LEU B 1 29 ? 4.26218   -0.94552  13.58237  1.000 19.90905 ? 377 LEU B CG   1 
ATOM   1134 C CD1  . LEU B 1 29 ? 5.28254   0.06123   13.20739  1.000 20.53482 ? 377 LEU B CD1  1 
ATOM   1135 C CD2  . LEU B 1 29 ? 4.56852   -1.55826  14.94131  1.000 19.75457 ? 377 LEU B CD2  1 
ATOM   1136 H H    . LEU B 1 29 ? 1.79950   -1.70081  11.88774  1.000 18.54198 ? 377 LEU B H    1 
ATOM   1137 H HA   . LEU B 1 29 ? 1.91432   -1.81221  14.50851  1.000 21.09550 ? 377 LEU B HA   1 
ATOM   1138 H HB2  . LEU B 1 29 ? 2.79838   0.18606   12.76353  1.000 19.84214 ? 377 LEU B HB2  1 
ATOM   1139 H HB3  . LEU B 1 29 ? 2.91459   0.36520   14.33052  1.000 19.84214 ? 377 LEU B HB3  1 
ATOM   1140 H HG   . LEU B 1 29 ? 4.26616   -1.65158  12.91727  1.000 23.89086 ? 377 LEU B HG   1 
ATOM   1141 H HD11 . LEU B 1 29 ? 6.15415   -0.36413  13.19125  1.000 24.64179 ? 377 LEU B HD11 1 
ATOM   1142 H HD12 . LEU B 1 29 ? 5.06971   0.41385   12.32917  1.000 24.64179 ? 377 LEU B HD12 1 
ATOM   1143 H HD13 . LEU B 1 29 ? 5.27516   0.77670   13.86232  1.000 24.64179 ? 377 LEU B HD13 1 
ATOM   1144 H HD21 . LEU B 1 29 ? 5.44172   -1.97933  14.90772  1.000 23.70549 ? 377 LEU B HD21 1 
ATOM   1145 H HD22 . LEU B 1 29 ? 4.56446   -0.85704  15.61150  1.000 23.70549 ? 377 LEU B HD22 1 
ATOM   1146 H HD23 . LEU B 1 29 ? 3.88979   -2.21927  15.14936  1.000 23.70549 ? 377 LEU B HD23 1 
ATOM   1147 N N    . MET B 1 30 ? -0.35926  0.09374   13.38335  1.000 18.40740 ? 378 MET B N    1 
ATOM   1148 C CA   . MET B 1 30 ? -1.42000  0.97311   13.85742  1.000 20.15138 ? 378 MET B CA   1 
ATOM   1149 C C    . MET B 1 30 ? -2.33866  0.26352   14.85879  1.000 19.74030 ? 378 MET B C    1 
ATOM   1150 O O    . MET B 1 30 ? -2.91138  0.92407   15.73579  1.000 20.27150 ? 378 MET B O    1 
ATOM   1151 C CB   . MET B 1 30 ? -2.10235  1.66039   12.67548  1.000 25.38377 ? 378 MET B CB   1 
ATOM   1152 C CG   . MET B 1 30 ? -2.95059  0.79202   11.83882  1.000 28.30430 ? 378 MET B CG   1 
ATOM   1153 S SD   . MET B 1 30 ? -3.94440  1.80414   10.70572  1.000 27.69992 ? 378 MET B SD   1 
ATOM   1154 C CE   . MET B 1 30 ? -4.98743  0.51906   10.03786  1.000 30.26804 ? 378 MET B CE   1 
ATOM   1155 H H    . MET B 1 30 ? -0.36255  -0.08095  12.54129  1.000 22.08888 ? 378 MET B H    1 
ATOM   1156 H HA   . MET B 1 30 ? -0.98471  1.68652   14.34983  1.000 24.18165 ? 378 MET B HA   1 
ATOM   1157 H HB2  . MET B 1 30 ? -2.66439  2.37298   13.01789  1.000 30.46052 ? 378 MET B HB2  1 
ATOM   1158 H HB3  . MET B 1 30 ? -1.41653  2.03661   12.10189  1.000 30.46052 ? 378 MET B HB3  1 
ATOM   1159 H HG2  . MET B 1 30 ? -2.39066  0.19932   11.31336  1.000 33.96516 ? 378 MET B HG2  1 
ATOM   1160 H HG3  . MET B 1 30 ? -3.55091  0.28148   12.40438  1.000 33.96516 ? 378 MET B HG3  1 
ATOM   1161 H HE1  . MET B 1 30 ? -5.59729  0.91106   9.39342   1.000 36.32165 ? 378 MET B HE1  1 
ATOM   1162 H HE2  . MET B 1 30 ? -4.43001  -0.14600  9.60441   1.000 36.32165 ? 378 MET B HE2  1 
ATOM   1163 H HE3  . MET B 1 30 ? -5.48779  0.11104   10.76178  1.000 36.32165 ? 378 MET B HE3  1 
ATOM   1164 N N    . GLU B 1 31 ? -2.40079  -1.06955  14.84158  1.000 20.21255 ? 379 GLU B N    1 
ATOM   1165 C CA   . GLU B 1 31 ? -3.19282  -1.81371  15.81365  1.000 22.82121 ? 379 GLU B CA   1 
ATOM   1166 C C    . GLU B 1 31 ? -2.68432  -1.65553  17.24853  1.000 21.81231 ? 379 GLU B C    1 
ATOM   1167 O O    . GLU B 1 31 ? -3.44649  -1.87134  18.19686  1.000 25.78889 ? 379 GLU B O    1 
ATOM   1168 C CB   . GLU B 1 31 ? -3.21035  -3.28956  15.41667  1.000 26.32441 ? 379 GLU B CB   1 
ATOM   1169 C CG   . GLU B 1 31 ? -3.55639  -3.50835  13.93448  1.000 31.30310 ? 379 GLU B CG   1 
ATOM   1170 H H    . GLU B 1 31 ? -1.98974  -1.56613  14.27234  1.000 24.25506 ? 379 GLU B H    1 
ATOM   1171 H HA   . GLU B 1 31 ? -4.10623  -1.48838  15.78622  1.000 27.38545 ? 379 GLU B HA   1 
ATOM   1172 H HB2  . GLU B 1 31 ? -2.33285  -3.66999  15.57839  1.000 31.58929 ? 379 GLU B HB2  1 
ATOM   1173 H HB3  . GLU B 1 31 ? -3.87534  -3.75178  15.95058  1.000 31.58929 ? 379 GLU B HB3  1 
ATOM   1174 N N    . LEU B 1 32 ? -1.42645  -1.27030  17.42555  1.000 18.27385 ? 380 LEU B N    1 
ATOM   1175 C CA   . LEU B 1 32 ? -0.79748  -1.10849  18.72750  1.000 17.72569 ? 380 LEU B CA   1 
ATOM   1176 C C    . LEU B 1 32 ? -0.93020  0.29512   19.29670  1.000 17.89879 ? 380 LEU B C    1 
ATOM   1177 O O    . LEU B 1 32 ? -0.43943  0.54132   20.40514  1.000 20.45698 ? 380 LEU B O    1 
ATOM   1178 C CB   . LEU B 1 32 ? 0.68371   -1.45752  18.60063  1.000 18.65012 ? 380 LEU B CB   1 
ATOM   1179 C CG   . LEU B 1 32 ? 0.98184   -2.82555  17.97492  1.000 22.04692 ? 380 LEU B CG   1 
ATOM   1180 C CD1  . LEU B 1 32 ? 2.46845   -3.12068  17.89251  1.000 21.74870 ? 380 LEU B CD1  1 
ATOM   1181 C CD2  . LEU B 1 32 ? 0.29022   -3.92508  18.76029  1.000 28.87467 ? 380 LEU B CD2  1 
ATOM   1182 H H    . LEU B 1 32 ? -0.89496  -1.08908  16.77418  1.000 21.92862 ? 380 LEU B H    1 
ATOM   1183 H HA   . LEU B 1 32 ? -1.20172  -1.72803  19.35493  1.000 21.27083 ? 380 LEU B HA   1 
ATOM   1184 H HB2  . LEU B 1 32 ? 1.11212   -0.78473  18.04863  1.000 22.38014 ? 380 LEU B HB2  1 
ATOM   1185 H HB3  . LEU B 1 32 ? 1.07859   -1.44972  19.48657  1.000 22.38014 ? 380 LEU B HB3  1 
ATOM   1186 H HG   . LEU B 1 32 ? 0.62730   -2.83918  17.07212  1.000 26.45630 ? 380 LEU B HG   1 
ATOM   1187 H HD11 . LEU B 1 32 ? 2.59463   -3.99439  17.49052  1.000 26.09844 ? 380 LEU B HD11 1 
ATOM   1188 H HD12 . LEU B 1 32 ? 2.89518   -2.44075  17.34800  1.000 26.09844 ? 380 LEU B HD12 1 
ATOM   1189 H HD13 . LEU B 1 32 ? 2.84195   -3.11083  18.78766  1.000 26.09844 ? 380 LEU B HD13 1 
ATOM   1190 H HD21 . LEU B 1 32 ? 0.49103   -4.78037  18.34913  1.000 34.64961 ? 380 LEU B HD21 1 
ATOM   1191 H HD22 . LEU B 1 32 ? 0.61547   -3.91228  19.67405  1.000 34.64961 ? 380 LEU B HD22 1 
ATOM   1192 H HD23 . LEU B 1 32 ? -0.66685  -3.76777  18.74712  1.000 34.64961 ? 380 LEU B HD23 1 
ATOM   1193 N N    . VAL B 1 33 ? -1.53187  1.23375   18.58619  1.000 16.88145 ? 381 VAL B N    1 
ATOM   1194 C CA   . VAL B 1 33 ? -1.74021  2.55113   19.19474  1.000 17.04404 ? 381 VAL B CA   1 
ATOM   1195 C C    . VAL B 1 33 ? -2.78052  2.44734   20.30502  1.000 15.53074 ? 381 VAL B C    1 
ATOM   1196 O O    . VAL B 1 33 ? -3.89426  1.93470   20.07490  1.000 17.62736 ? 381 VAL B O    1 
ATOM   1197 C CB   . VAL B 1 33 ? -2.17962  3.57435   18.15188  1.000 16.89496 ? 381 VAL B CB   1 
ATOM   1198 C CG1  . VAL B 1 33 ? -2.35822  4.94511   18.80123  1.000 16.60572 ? 381 VAL B CG1  1 
ATOM   1199 C CG2  . VAL B 1 33 ? -1.17954  3.67451   17.00733  1.000 18.32566 ? 381 VAL B CG2  1 
ATOM   1200 H H    . VAL B 1 33 ? -1.82143  1.14757   17.78100  1.000 20.25773 ? 381 VAL B H    1 
ATOM   1201 H HA   . VAL B 1 33 ? -0.90738  2.85674   19.58706  1.000 20.45285 ? 381 VAL B HA   1 
ATOM   1202 H HB   . VAL B 1 33 ? -3.03424  3.30296   17.78191  1.000 20.27395 ? 381 VAL B HB   1 
ATOM   1203 H HG11 . VAL B 1 33 ? -2.63716  5.58095   18.12389  1.000 19.92687 ? 381 VAL B HG11 1 
ATOM   1204 H HG12 . VAL B 1 33 ? -3.03468  4.88037   19.49342  1.000 19.92687 ? 381 VAL B HG12 1 
ATOM   1205 H HG13 . VAL B 1 33 ? -1.51345  5.22298   19.18860  1.000 19.92687 ? 381 VAL B HG13 1 
ATOM   1206 H HG21 . VAL B 1 33 ? -1.49558  4.33316   16.36921  1.000 21.99079 ? 381 VAL B HG21 1 
ATOM   1207 H HG22 . VAL B 1 33 ? -0.31874  3.94478   17.36352  1.000 21.99079 ? 381 VAL B HG22 1 
ATOM   1208 H HG23 . VAL B 1 33 ? -1.10327  2.80780   16.57852  1.000 21.99079 ? 381 VAL B HG23 1 
ATOM   1209 N N    . PRO B 1 34 ? -2.48986  2.94523   21.51224  1.000 16.19812 ? 382 PRO B N    1 
ATOM   1210 C CA   . PRO B 1 34 ? -3.50954  2.95407   22.56544  1.000 18.46238 ? 382 PRO B CA   1 
ATOM   1211 C C    . PRO B 1 34 ? -4.77536  3.65052   22.10863  1.000 17.91723 ? 382 PRO B C    1 
ATOM   1212 O O    . PRO B 1 34 ? -4.73686  4.69959   21.46871  1.000 17.32262 ? 382 PRO B O    1 
ATOM   1213 C CB   . PRO B 1 34 ? -2.83845  3.74250   23.69230  1.000 18.83201 ? 382 PRO B CB   1 
ATOM   1214 C CG   . PRO B 1 34 ? -1.38298  3.52567   23.48625  1.000 21.14653 ? 382 PRO B CG   1 
ATOM   1215 C CD   . PRO B 1 34 ? -1.18196  3.40317   21.99850  1.000 17.63803 ? 382 PRO B CD   1 
ATOM   1216 H HA   . PRO B 1 34 ? -3.71167  2.05343   22.86358  1.000 22.15486 ? 382 PRO B HA   1 
ATOM   1217 H HB2  . PRO B 1 34 ? -3.06132  4.68319   23.61284  1.000 22.59841 ? 382 PRO B HB2  1 
ATOM   1218 H HB3  . PRO B 1 34 ? -3.12077  3.39207   24.55160  1.000 22.59841 ? 382 PRO B HB3  1 
ATOM   1219 H HG2  . PRO B 1 34 ? -0.89014  4.28520   23.83426  1.000 25.37583 ? 382 PRO B HG2  1 
ATOM   1220 H HG3  . PRO B 1 34 ? -1.11073  2.70950   23.93419  1.000 25.37583 ? 382 PRO B HG3  1 
ATOM   1221 H HD2  . PRO B 1 34 ? -0.96230  4.26664   21.61498  1.000 21.16563 ? 382 PRO B HD2  1 
ATOM   1222 H HD3  . PRO B 1 34 ? -0.49873  2.74295   21.80307  1.000 21.16563 ? 382 PRO B HD3  1 
ATOM   1223 N N    . GLN B 1 35 ? -5.91503  3.08551   22.48364  1.000 19.15872 ? 383 GLN B N    1 
ATOM   1224 C CA   . GLN B 1 35 ? -7.17202  3.62935   22.00058  1.000 18.50133 ? 383 GLN B CA   1 
ATOM   1225 C C    . GLN B 1 35 ? -7.35331  5.12753   22.24412  1.000 20.49782 ? 383 GLN B C    1 
ATOM   1226 O O    . GLN B 1 35 ? -7.85637  5.80979   21.33369  1.000 18.58035 ? 383 GLN B O    1 
ATOM   1227 C CB   . GLN B 1 35 ? -8.37079  2.84387   22.54530  1.000 22.74810 ? 383 GLN B CB   1 
ATOM   1228 C CG   . GLN B 1 35 ? -9.63043  3.12605   21.76505  1.000 25.96358 ? 383 GLN B CG   1 
ATOM   1229 C CD   . GLN B 1 35 ? -9.52511  2.59002   20.35121  1.000 31.15613 ? 383 GLN B CD   1 
ATOM   1230 O OE1  . GLN B 1 35 ? -9.00254  1.49394   20.13402  1.000 32.01259 ? 383 GLN B OE1  1 
ATOM   1231 N NE2  . GLN B 1 35 ? -9.98927  3.37060   19.38236  1.000 33.25583 ? 383 GLN B NE2  1 
ATOM   1232 H H    . GLN B 1 35 ? -5.98694  2.40414   23.00343  1.000 22.99047 ? 383 GLN B H    1 
ATOM   1233 H HA   . GLN B 1 35 ? -7.18363  3.50927   21.03811  1.000 22.20160 ? 383 GLN B HA   1 
ATOM   1234 H HB2  . GLN B 1 35 ? -8.18362  1.89403   22.48472  1.000 27.29772 ? 383 GLN B HB2  1 
ATOM   1235 H HB3  . GLN B 1 35 ? -8.52410  3.09641   23.46922  1.000 27.29772 ? 383 GLN B HB3  1 
ATOM   1236 H HG2  . GLN B 1 35 ? -10.38206 2.69427   22.20038  1.000 31.15629 ? 383 GLN B HG2  1 
ATOM   1237 H HG3  . GLN B 1 35 ? -9.77229  4.08450   21.71873  1.000 31.15629 ? 383 GLN B HG3  1 
ATOM   1238 H HE21 . GLN B 1 35 ? -10.32807 4.13764   19.57330  1.000 39.90699 ? 383 GLN B HE21 1 
ATOM   1239 H HE22 . GLN B 1 35 ? -9.95109  3.10907   18.56399  1.000 39.90699 ? 383 GLN B HE22 1 
ATOM   1240 N N    . PRO B 1 36 ? -7.01273  5.70369   23.40685  1.000 16.29478 ? 384 PRO B N    1 
ATOM   1241 C CA   . PRO B 1 36 ? -7.23528  7.15119   23.56398  1.000 17.64433 ? 384 PRO B CA   1 
ATOM   1242 C C    . PRO B 1 36 ? -6.49689  7.97989   22.53206  1.000 18.21805 ? 384 PRO B C    1 
ATOM   1243 O O    . PRO B 1 36 ? -7.00211  9.01553   22.09022  1.000 17.57871 ? 384 PRO B O    1 
ATOM   1244 C CB   . PRO B 1 36 ? -6.77865  7.43108   25.00878  1.000 19.05949 ? 384 PRO B CB   1 
ATOM   1245 C CG   . PRO B 1 36 ? -6.92594  6.09753   25.69987  1.000 19.37355 ? 384 PRO B CG   1 
ATOM   1246 C CD   . PRO B 1 36 ? -6.56477  5.07636   24.66573  1.000 18.13929 ? 384 PRO B CD   1 
ATOM   1247 H HA   . PRO B 1 36 ? -8.18332  7.34465   23.49542  1.000 21.17319 ? 384 PRO B HA   1 
ATOM   1248 H HB2  . PRO B 1 36 ? -5.85367  7.72311   25.01233  1.000 22.87139 ? 384 PRO B HB2  1 
ATOM   1249 H HB3  . PRO B 1 36 ? -7.35525  8.09733   25.41442  1.000 22.87139 ? 384 PRO B HB3  1 
ATOM   1250 H HG2  . PRO B 1 36 ? -6.31763  6.05155   26.45402  1.000 23.24826 ? 384 PRO B HG2  1 
ATOM   1251 H HG3  . PRO B 1 36 ? -7.84365  5.98034   25.99138  1.000 23.24826 ? 384 PRO B HG3  1 
ATOM   1252 H HD2  . PRO B 1 36 ? -5.60548  4.93339   24.65081  1.000 21.76714 ? 384 PRO B HD2  1 
ATOM   1253 H HD3  . PRO B 1 36 ? -7.04680  4.24940   24.82284  1.000 21.76714 ? 384 PRO B HD3  1 
ATOM   1254 N N    . LEU B 1 37 ? -5.31806  7.51741   22.10061  1.000 17.08827 ? 385 LEU B N    1 
ATOM   1255 C CA   . LEU B 1 37 ? -4.55441  8.23293   21.07791  1.000 15.58610 ? 385 LEU B CA   1 
ATOM   1256 C C    . LEU B 1 37 ? -5.19861  8.10472   19.70011  1.000 17.08307 ? 385 LEU B C    1 
ATOM   1257 O O    . LEU B 1 37 ? -5.21714  9.07657   18.92787  1.000 17.66690 ? 385 LEU B O    1 
ATOM   1258 C CB   . LEU B 1 37 ? -3.12588  7.71611   21.03973  1.000 17.70018 ? 385 LEU B CB   1 
ATOM   1259 C CG   . LEU B 1 37 ? -2.23420  8.29452   22.13898  1.000 19.73774 ? 385 LEU B CG   1 
ATOM   1260 C CD1  . LEU B 1 37 ? -1.02164  7.40472   22.35690  1.000 19.85480 ? 385 LEU B CD1  1 
ATOM   1261 C CD2  . LEU B 1 37 ? -1.79645  9.72566   21.79691  1.000 21.97180 ? 385 LEU B CD2  1 
ATOM   1262 H H    . LEU B 1 37 ? -4.94300  6.79691   22.38311  1.000 20.50593 ? 385 LEU B H    1 
ATOM   1263 H HA   . LEU B 1 37 ? -4.52574  9.17484   21.30789  1.000 18.70332 ? 385 LEU B HA   1 
ATOM   1264 H HB2  . LEU B 1 37 ? -3.13900  6.75189   21.14470  1.000 21.24021 ? 385 LEU B HB2  1 
ATOM   1265 H HB3  . LEU B 1 37 ? -2.73167  7.94873   20.18452  1.000 21.24021 ? 385 LEU B HB3  1 
ATOM   1266 H HG   . LEU B 1 37 ? -2.73595  8.32520   22.96856  1.000 23.68529 ? 385 LEU B HG   1 
ATOM   1267 H HD11 . LEU B 1 37 ? -0.47040  7.78874   23.05659  1.000 23.82576 ? 385 LEU B HD11 1 
ATOM   1268 H HD12 . LEU B 1 37 ? -1.32236  6.52076   22.61974  1.000 23.82576 ? 385 LEU B HD12 1 
ATOM   1269 H HD13 . LEU B 1 37 ? -0.51741  7.35081   21.53001  1.000 23.82576 ? 385 LEU B HD13 1 
ATOM   1270 H HD21 . LEU B 1 37 ? -1.23398  10.06271  22.51171  1.000 26.36617 ? 385 LEU B HD21 1 
ATOM   1271 H HD22 . LEU B 1 37 ? -1.30071  9.71300   20.96325  1.000 26.36617 ? 385 LEU B HD22 1 
ATOM   1272 H HD23 . LEU B 1 37 ? -2.58494  10.28310  21.70500  1.000 26.36617 ? 385 LEU B HD23 1 
ATOM   1273 N N    . VAL B 1 38 ? -5.72983  6.91444   19.38531  1.000 16.99113 ? 386 VAL B N    1 
ATOM   1274 C CA   . VAL B 1 38 ? -6.43503  6.71884   18.11365  1.000 21.46598 ? 386 VAL B CA   1 
ATOM   1275 C C    . VAL B 1 38 ? -7.65597  7.59530   18.07371  1.000 19.98005 ? 386 VAL B C    1 
ATOM   1276 O O    . VAL B 1 38 ? -7.91824  8.27693   17.07153  1.000 20.64055 ? 386 VAL B O    1 
ATOM   1277 C CB   . VAL B 1 38 ? -6.84760  5.24794   17.91278  1.000 20.22022 ? 386 VAL B CB   1 
ATOM   1278 C CG1  . VAL B 1 38 ? -7.67945  5.07006   16.61663  1.000 20.80866 ? 386 VAL B CG1  1 
ATOM   1279 C CG2  . VAL B 1 38 ? -5.65515  4.34849   17.86259  1.000 24.34038 ? 386 VAL B CG2  1 
ATOM   1280 H H    . VAL B 1 38 ? -5.69549  6.21495   19.88445  1.000 20.38936 ? 386 VAL B H    1 
ATOM   1281 H HA   . VAL B 1 38 ? -5.85234  6.97437   17.38147  1.000 25.75918 ? 386 VAL B HA   1 
ATOM   1282 H HB   . VAL B 1 38 ? -7.39882  4.97104   18.66137  1.000 24.26427 ? 386 VAL B HB   1 
ATOM   1283 H HG11 . VAL B 1 38 ? -7.92090  4.13530   16.52272  1.000 24.97039 ? 386 VAL B HG11 1 
ATOM   1284 H HG12 . VAL B 1 38 ? -8.47997  5.61436   16.67855  1.000 24.97039 ? 386 VAL B HG12 1 
ATOM   1285 H HG13 . VAL B 1 38 ? -7.14505  5.35202   15.85781  1.000 24.97039 ? 386 VAL B HG13 1 
ATOM   1286 H HG21 . VAL B 1 38 ? -5.95462  3.43467   17.73562  1.000 29.20846 ? 386 VAL B HG21 1 
ATOM   1287 H HG22 . VAL B 1 38 ? -5.08844  4.61721   17.12263  1.000 29.20846 ? 386 VAL B HG22 1 
ATOM   1288 H HG23 . VAL B 1 38 ? -5.16764  4.42433   18.69774  1.000 29.20846 ? 386 VAL B HG23 1 
ATOM   1289 N N    . ASP B 1 39 ? -8.45429  7.55114   19.14324  1.000 20.87078 ? 387 ASP B N    1 
ATOM   1290 C CA   . ASP B 1 39 ? -9.70803  8.28763   19.13653  1.000 23.10954 ? 387 ASP B CA   1 
ATOM   1291 C C    . ASP B 1 39 ? -9.43594  9.77481   19.00371  1.000 25.30768 ? 387 ASP B C    1 
ATOM   1292 O O    . ASP B 1 39 ? -10.14215 10.48110  18.27734  1.000 28.22035 ? 387 ASP B O    1 
ATOM   1293 C CB   . ASP B 1 39 ? -10.53922 7.98162   20.38948  1.000 21.67393 ? 387 ASP B CB   1 
ATOM   1294 C CG   . ASP B 1 39 ? -11.07109 6.55491   20.41969  1.000 26.79854 ? 387 ASP B CG   1 
ATOM   1295 O OD1  . ASP B 1 39 ? -11.04813 5.84702   19.38927  1.000 28.41748 ? 387 ASP B OD1  1 
ATOM   1296 O OD2  . ASP B 1 39 ? -11.51379 6.12386   21.51298  1.000 27.71889 ? 387 ASP B OD2  1 
ATOM   1297 H H    . ASP B 1 39 ? -8.29412  7.11241   19.86537  1.000 25.04493 ? 387 ASP B H    1 
ATOM   1298 H HA   . ASP B 1 39 ? -10.22647 8.01232   18.36431  1.000 27.73145 ? 387 ASP B HA   1 
ATOM   1299 H HB2  . ASP B 1 39 ? -9.98438  8.11039   21.17464  1.000 26.00872 ? 387 ASP B HB2  1 
ATOM   1300 H HB3  . ASP B 1 39 ? -11.29868 8.58435   20.41851  1.000 26.00872 ? 387 ASP B HB3  1 
ATOM   1301 N N    . SER B 1 40 ? -8.38337  10.26516  19.65180  1.000 20.76660 ? 388 SER B N    1 
ATOM   1302 C CA   . SER B 1 40 ? -8.02709  11.66533  19.49949  1.000 24.04474 ? 388 SER B CA   1 
ATOM   1303 C C    . SER B 1 40 ? -7.62760  11.99404  18.06461  1.000 24.62077 ? 388 SER B C    1 
ATOM   1304 O O    . SER B 1 40 ? -8.11328  12.96540  17.48261  1.000 27.60018 ? 388 SER B O    1 
ATOM   1305 C CB   . SER B 1 40 ? -6.90027  12.01695  20.44435  1.000 26.80575 ? 388 SER B CB   1 
ATOM   1306 O OG   . SER B 1 40 ? -6.54293  13.36590  20.21871  1.000 30.83215 ? 388 SER B OG   1 
ATOM   1307 H H    . SER B 1 40 ? -7.86996  9.81573   20.17529  1.000 24.91992 ? 388 SER B H    1 
ATOM   1308 H HA   . SER B 1 40 ? -8.79381  12.21298  19.72999  1.000 28.85369 ? 388 SER B HA   1 
ATOM   1309 H HB2  . SER B 1 40 ? -7.19983  11.90963  21.36068  1.000 32.16690 ? 388 SER B HB2  1 
ATOM   1310 H HB3  . SER B 1 40 ? -6.13726  11.44510  20.26635  1.000 32.16690 ? 388 SER B HB3  1 
ATOM   1311 H HG   . SER B 1 40 ? -5.91663  13.58709  20.73294  1.000 36.99858 ? 388 SER B HG   1 
ATOM   1312 N N    . TYR B 1 41 ? -6.70274  11.22320  17.49116  1.000 23.16612 ? 389 TYR B N    1 
ATOM   1313 C CA   . TYR B 1 41 ? -6.31706  11.45576  16.10613  1.000 21.49528 ? 389 TYR B CA   1 
ATOM   1314 C C    . TYR B 1 41 ? -7.53595  11.51991  15.20346  1.000 23.51499 ? 389 TYR B C    1 
ATOM   1315 O O    . TYR B 1 41 ? -7.65127  12.42594  14.36538  1.000 24.74903 ? 389 TYR B O    1 
ATOM   1316 C CB   . TYR B 1 41 ? -5.35987  10.34618  15.66913  1.000 17.73329 ? 389 TYR B CB   1 
ATOM   1317 C CG   . TYR B 1 41 ? -5.01642  10.37390  14.17564  1.000 16.26266 ? 389 TYR B CG   1 
ATOM   1318 C CD1  . TYR B 1 41 ? -5.82616  9.71983   13.25475  1.000 17.28865 ? 389 TYR B CD1  1 
ATOM   1319 C CD2  . TYR B 1 41 ? -3.90705  11.05899  13.70280  1.000 16.54098 ? 389 TYR B CD2  1 
ATOM   1320 C CE1  . TYR B 1 41 ? -5.55550  9.77999   11.89635  1.000 17.91439 ? 389 TYR B CE1  1 
ATOM   1321 C CE2  . TYR B 1 41 ? -3.64315  11.10308  12.34301  1.000 16.51217 ? 389 TYR B CE2  1 
ATOM   1322 C CZ   . TYR B 1 41 ? -4.46053  10.43666  11.47951  1.000 16.99217 ? 389 TYR B CZ   1 
ATOM   1323 O OH   . TYR B 1 41 ? -4.18061  10.47467  10.11872  1.000 19.39048 ? 389 TYR B OH   1 
ATOM   1324 H H    . TYR B 1 41 ? -6.29272  10.57250  17.87599  1.000 27.79935 ? 389 TYR B H    1 
ATOM   1325 H HA   . TYR B 1 41 ? -5.84852  12.30275  16.04310  1.000 25.79434 ? 389 TYR B HA   1 
ATOM   1326 H HB2  . TYR B 1 41 ? -4.53114  10.43562  16.16521  1.000 21.27995 ? 389 TYR B HB2  1 
ATOM   1327 H HB3  . TYR B 1 41 ? -5.76772  9.48778   15.86325  1.000 21.27995 ? 389 TYR B HB3  1 
ATOM   1328 H HD1  . TYR B 1 41 ? -6.58181  9.26587   13.55112  1.000 20.74638 ? 389 TYR B HD1  1 
ATOM   1329 H HD2  . TYR B 1 41 ? -3.35245  11.51014  14.29763  1.000 19.84918 ? 389 TYR B HD2  1 
ATOM   1330 H HE1  . TYR B 1 41 ? -6.09630  9.33075   11.28756  1.000 21.49727 ? 389 TYR B HE1  1 
ATOM   1331 H HE2  . TYR B 1 41 ? -2.89469  11.55467  12.02552  1.000 19.81460 ? 389 TYR B HE2  1 
ATOM   1332 H HH   . TYR B 1 41 ? -3.47586  10.91098  9.98245   1.000 23.26858 ? 389 TYR B HH   1 
ATOM   1333 N N    . ASP B 1 42 ? -8.43909  10.55342  15.34252  1.000 20.06210 ? 390 ASP B N    1 
ATOM   1334 C CA   . ASP B 1 42 ? -9.62465  10.47352  14.49239  1.000 25.17472 ? 390 ASP B CA   1 
ATOM   1335 C C    . ASP B 1 42 ? -10.54299 11.67034  14.71932  1.000 34.71796 ? 390 ASP B C    1 
ATOM   1336 O O    . ASP B 1 42 ? -11.16316 12.16632  13.76832  1.000 34.98077 ? 390 ASP B O    1 
ATOM   1337 C CB   . ASP B 1 42 ? -10.36110 9.13277   14.69582  1.000 24.42793 ? 390 ASP B CB   1 
ATOM   1338 C CG   . ASP B 1 42 ? -9.65283  7.94679   14.02623  1.000 25.65160 ? 390 ASP B CG   1 
ATOM   1339 O OD1  . ASP B 1 42 ? -8.86485  8.17725   13.07776  1.000 27.23915 ? 390 ASP B OD1  1 
ATOM   1340 O OD2  . ASP B 1 42 ? -9.86406  6.78182   14.43468  1.000 28.91308 ? 390 ASP B OD2  1 
ATOM   1341 H H    . ASP B 1 42 ? -8.38789  9.92537   15.92779  1.000 24.07452 ? 390 ASP B H    1 
ATOM   1342 H HA   . ASP B 1 42 ? -9.33643  10.50476  13.56672  1.000 30.20966 ? 390 ASP B HA   1 
ATOM   1343 H HB2  . ASP B 1 42 ? -10.42030 8.94737   15.64610  1.000 29.31351 ? 390 ASP B HB2  1 
ATOM   1344 H HB3  . ASP B 1 42 ? -11.25112 9.20196   14.31637  1.000 29.31351 ? 390 ASP B HB3  1 
ATOM   1345 N N    . GLN B 1 43 ? -10.61862 12.16696  15.95894  1.000 29.48885 ? 391 GLN B N    1 
ATOM   1346 C CA   . GLN B 1 43 ? -11.46161 13.32831  16.25142  1.000 33.83609 ? 391 GLN B CA   1 
ATOM   1347 C C    . GLN B 1 43 ? -10.95399 14.57824  15.54061  1.000 39.96955 ? 391 GLN B C    1 
ATOM   1348 O O    . GLN B 1 43 ? -11.74835 15.35519  14.99717  1.000 50.82484 ? 391 GLN B O    1 
ATOM   1349 C CB   . GLN B 1 43 ? -11.53055 13.56046  17.76027  1.000 35.59013 ? 391 GLN B CB   1 
ATOM   1350 H H    . GLN B 1 43 ? -10.19665 11.85303  16.63936  1.000 35.38662 ? 391 GLN B H    1 
ATOM   1351 H HA   . GLN B 1 43 ? -12.36140 13.15067  15.93562  1.000 40.60331 ? 391 GLN B HA   1 
ATOM   1352 N N    . GLN B 1 44 ? -9.63565  14.78280  15.52152  1.000 37.60021 ? 392 GLN B N    1 
ATOM   1353 C CA   . GLN B 1 44 ? -9.05069  15.98943  14.95019  1.000 41.43677 ? 392 GLN B CA   1 
ATOM   1354 C C    . GLN B 1 44 ? -9.02511  15.96977  13.43202  1.000 49.67695 ? 392 GLN B C    1 
ATOM   1355 O O    . GLN B 1 44 ? -8.91039  17.03105  12.80924  1.000 49.02977 ? 392 GLN B O    1 
ATOM   1356 C CB   . GLN B 1 44 ? -7.62131  16.15167  15.45181  1.000 45.88856 ? 392 GLN B CB   1 
ATOM   1357 C CG   . GLN B 1 44 ? -7.50490  16.16896  16.96538  1.000 54.95855 ? 392 GLN B CG   1 
ATOM   1358 C CD   . GLN B 1 44 ? -6.07273  16.17768  17.41207  1.000 48.56845 ? 392 GLN B CD   1 
ATOM   1359 O OE1  . GLN B 1 44 ? -5.62366  15.28301  18.13818  1.000 48.06160 ? 392 GLN B OE1  1 
ATOM   1360 N NE2  . GLN B 1 44 ? -5.33115  17.18868  16.96946  1.000 51.33823 ? 392 GLN B NE2  1 
ATOM   1361 H H    . GLN B 1 44 ? -9.05647  14.23081  15.83690  1.000 45.12025 ? 392 GLN B H    1 
ATOM   1362 H HA   . GLN B 1 44 ? -9.56403  16.76109  15.23641  1.000 49.72412 ? 392 GLN B HA   1 
ATOM   1363 H HB2  . GLN B 1 44 ? -7.08782  15.41200  15.12139  1.000 55.06627 ? 392 GLN B HB2  1 
ATOM   1364 H HB3  . GLN B 1 44 ? -7.26534  16.98959  15.11701  1.000 55.06627 ? 392 GLN B HB3  1 
ATOM   1365 H HG2  . GLN B 1 44 ? -7.93486  16.96740  17.30967  1.000 65.95026 ? 392 GLN B HG2  1 
ATOM   1366 H HG3  . GLN B 1 44 ? -7.93075  15.37626  17.32754  1.000 65.95026 ? 392 GLN B HG3  1 
ATOM   1367 H HE21 . GLN B 1 44 ? -5.67989  17.78652  16.45899  1.000 61.60587 ? 392 GLN B HE21 1 
ATOM   1368 H HE22 . GLN B 1 44 ? -4.50279  17.24476  17.19367  1.000 61.60587 ? 392 GLN B HE22 1 
ATOM   1369 N N    . GLN B 1 45 ? -9.11104  14.79253  12.82343  1.000 44.95734 ? 393 GLN B N    1 
ATOM   1370 C CA   . GLN B 1 45 ? -9.11544  14.71528  11.37433  1.000 58.26819 ? 393 GLN B CA   1 
ATOM   1371 C C    . GLN B 1 45 ? -10.41751 15.22049  10.76898  1.000 63.19913 ? 393 GLN B C    1 
ATOM   1372 O O    . GLN B 1 45 ? -10.46846 15.45339  9.55596   1.000 80.57584 ? 393 GLN B O    1 
ATOM   1373 C CB   . GLN B 1 45 ? -8.79511  13.28596  10.95260  1.000 47.53368 ? 393 GLN B CB   1 
ATOM   1374 C CG   . GLN B 1 45 ? -7.31877  12.98005  11.09328  1.000 37.67519 ? 393 GLN B CG   1 
ATOM   1375 C CD   . GLN B 1 45 ? -6.51117  13.54213  9.94057   1.000 50.80067 ? 393 GLN B CD   1 
ATOM   1376 O OE1  . GLN B 1 45 ? -6.89035  13.40325  8.77540   1.000 60.71914 ? 393 GLN B OE1  1 
ATOM   1377 N NE2  . GLN B 1 45 ? -5.39866  14.18664  10.25733  1.000 46.26399 ? 393 GLN B NE2  1 
ATOM   1378 H H    . GLN B 1 45 ? -9.16714  14.03343  13.22373  1.000 53.94881 ? 393 GLN B H    1 
ATOM   1379 H HA   . GLN B 1 45 ? -8.40356  15.28154  11.03745  1.000 69.92182 ? 393 GLN B HA   1 
ATOM   1380 H HB2  . GLN B 1 45 ? -9.28807  12.66852  11.51532  1.000 57.04042 ? 393 GLN B HB2  1 
ATOM   1381 H HB3  . GLN B 1 45 ? -9.04322  13.16375  10.02285  1.000 57.04042 ? 393 GLN B HB3  1 
ATOM   1382 H HG2  . GLN B 1 45 ? -6.98840  13.37527  11.91521  1.000 45.21023 ? 393 GLN B HG2  1 
ATOM   1383 H HG3  . GLN B 1 45 ? -7.19285  12.01841  11.11036  1.000 45.21023 ? 393 GLN B HG3  1 
ATOM   1384 H HE21 . GLN B 1 45 ? -5.16883  14.26805  11.08204  1.000 55.51679 ? 393 GLN B HE21 1 
ATOM   1385 H HE22 . GLN B 1 45 ? -4.90595  14.52382  9.63834   1.000 55.51679 ? 393 GLN B HE22 1 
ATOM   1386 N N    . GLN B 1 46 ? -11.45547 15.40619  11.57840  1.000 66.23941 ? 394 GLN B N    1 
ATOM   1387 C CA   . GLN B 1 46 ? -12.65130 16.12174  11.14756  1.000 77.97169 ? 394 GLN B CA   1 
ATOM   1388 C C    . GLN B 1 46 ? -12.29171 17.57792  10.84882  1.000 70.29471 ? 394 GLN B C    1 
ATOM   1389 O O    . GLN B 1 46 ? -12.69678 18.13911  9.83018   1.000 64.99835 ? 394 GLN B O    1 
ATOM   1390 C CB   . GLN B 1 46 ? -13.72542 16.06281  12.23669  1.000 66.56721 ? 394 GLN B CB   1 
ATOM   1391 H H    . GLN B 1 46 ? -11.49174 15.12443  12.39013  1.000 79.48730 ? 394 GLN B H    1 
ATOM   1392 H HA   . GLN B 1 46 ? -13.00332 15.71549  10.34013  1.000 93.56603 ? 394 GLN B HA   1 
HETATM 1393 O O    . HOH C 2 .  ? 5.58443   -1.08771  -19.75449 1.000 20.48859 ? 401 HOH A O    1 
HETATM 1394 O O    . HOH C 2 .  ? 5.72078   -1.40165  -11.10409 1.000 32.16629 ? 402 HOH A O    1 
HETATM 1395 O O    . HOH C 2 .  ? 7.11338   -1.24758  -18.03600 1.000 36.88845 ? 403 HOH A O    1 
HETATM 1396 O O    . HOH C 2 .  ? 6.36967   2.41629   -17.50936 1.000 26.48822 ? 404 HOH A O    1 
HETATM 1397 O O    . HOH C 2 .  ? -1.46557  10.02562  -20.11705 1.000 32.74462 ? 405 HOH A O    1 
HETATM 1398 O O    . HOH C 2 .  ? 2.62449   -6.55394  -14.84123 1.000 30.44536 ? 406 HOH A O    1 
HETATM 1399 O O    . HOH C 2 .  ? 4.21481   0.86807   -18.41678 1.000 23.02705 ? 407 HOH A O    1 
HETATM 1400 O O    . HOH C 2 .  ? 7.24541   0.52302   -20.80102 1.000 23.90248 ? 408 HOH A O    1 
HETATM 1401 O O    . HOH C 2 .  ? 1.63638   -2.82361  -22.49167 1.000 21.88635 ? 409 HOH A O    1 
HETATM 1402 O O    . HOH C 2 .  ? -8.20055  -6.21570  -2.58458  1.000 25.14565 ? 410 HOH A O    1 
HETATM 1403 O O    . HOH C 2 .  ? 3.84974   -1.01745  -21.64127 1.000 26.25895 ? 411 HOH A O    1 
HETATM 1404 O O    . HOH C 2 .  ? 3.83399   10.80601  -24.79740 1.000 31.62634 ? 412 HOH A O    1 
HETATM 1405 O O    . HOH C 2 .  ? -6.21815  -2.28097  -7.82603  1.000 24.12995 ? 413 HOH A O    1 
HETATM 1406 O O    . HOH C 2 .  ? -6.94368  -5.68875  8.91515   1.000 20.84951 ? 414 HOH A O    1 
HETATM 1407 O O    . HOH C 2 .  ? 7.62146   12.30388  -19.27890 1.000 34.29848 ? 415 HOH A O    1 
HETATM 1408 O O    . HOH C 2 .  ? -9.52227  -6.79917  9.23651   1.000 26.57221 ? 416 HOH A O    1 
HETATM 1409 O O    . HOH C 2 .  ? 6.74290   -10.48859 5.77047   1.000 23.00091 ? 417 HOH A O    1 
HETATM 1410 O O    . HOH C 2 .  ? 3.81536   -22.27537 -1.83281  1.000 35.19781 ? 418 HOH A O    1 
HETATM 1411 O O    . HOH C 2 .  ? 0.09000   5.12030   -26.28217 1.000 31.99713 ? 419 HOH A O    1 
HETATM 1412 O O    . HOH C 2 .  ? 0.44101   -2.09116  -25.03968 1.000 29.09321 ? 420 HOH A O    1 
HETATM 1413 O O    . HOH C 2 .  ? 0.91208   -21.86082 -1.60643  1.000 38.79847 ? 421 HOH A O    1 
HETATM 1414 O O    . HOH D 2 .  ? -4.18620  13.77530  20.77965  1.000 30.07699 ? 401 HOH B O    1 
HETATM 1415 O O    . HOH D 2 .  ? 6.82023   0.22535   -9.37846  1.000 38.57057 ? 402 HOH B O    1 
HETATM 1416 O O    . HOH D 2 .  ? -9.60335  -13.23316 8.23069   1.000 30.92578 ? 403 HOH B O    1 
HETATM 1417 O O    . HOH D 2 .  ? -11.30937 6.04323   16.55111  1.000 35.56579 ? 404 HOH B O    1 
HETATM 1418 O O    . HOH D 2 .  ? 2.51802   -10.48563 9.85053   1.000 38.90709 ? 405 HOH B O    1 
HETATM 1419 O O    . HOH D 2 .  ? -0.98963  -0.96864  22.65506  1.000 29.56938 ? 406 HOH B O    1 
HETATM 1420 O O    . HOH D 2 .  ? -6.22587  10.59153  8.22827   1.000 30.12824 ? 407 HOH B O    1 
HETATM 1421 O O    . HOH D 2 .  ? -13.42768 4.17153   19.17495  1.000 42.44059 ? 408 HOH B O    1 
HETATM 1422 O O    . HOH D 2 .  ? -12.86732 9.55001   17.68482  1.000 42.02712 ? 409 HOH B O    1 
HETATM 1423 O O    . HOH D 2 .  ? -8.42893  10.73227  24.01550  1.000 25.98209 ? 410 HOH B O    1 
HETATM 1424 O O    . HOH D 2 .  ? 6.02557   -5.38765  -11.52266 1.000 35.36383 ? 411 HOH B O    1 
HETATM 1425 O O    . HOH D 2 .  ? -10.39534 -17.71073 9.55640   1.000 32.39721 ? 412 HOH B O    1 
HETATM 1426 O O    . HOH D 2 .  ? -5.68840  0.00622   22.19206  1.000 32.21695 ? 413 HOH B O    1 
HETATM 1427 O O    . HOH D 2 .  ? -1.28787  -18.31030 -0.21217  1.000 33.33765 ? 414 HOH B O    1 
# 
